data_8YN1
#
_entry.id   8YN1
#
_cell.length_a   1.00
_cell.length_b   1.00
_cell.length_c   1.00
_cell.angle_alpha   90.00
_cell.angle_beta   90.00
_cell.angle_gamma   90.00
#
_symmetry.space_group_name_H-M   'P 1'
#
loop_
_entity.id
_entity.type
_entity.pdbx_description
1 polymer 'Protein EDS1'
2 polymer 'Senescence-associated carboxylesterase 101'
3 polymer 'Probable disease resistance protein At5g66900'
4 non-polymer ADENOSINE-5-DIPHOSPHORIBOSE
5 non-polymer "ADENOSINE-5'-TRIPHOSPHATE"
#
loop_
_entity_poly.entity_id
_entity_poly.type
_entity_poly.pdbx_seq_one_letter_code
_entity_poly.pdbx_strand_id
1 'polypeptide(L)'
;AFEALTGINGDLITRSWSASKQAYLTERYHKEEAGAVVIFAFQPSFSEKDFFDPDNKSSFGEIKLNRVQFPCMRKIGKGD
VATVNEAFLKNLEAIIDPRTSFQASVEMAVRSRKQIVFTGHSSGGATAILATVWYLEKYFIRNPNVYLEPRCVTFGAPLV
GDSIFSHALGREKWSRFFVNFVSRFDIVPRIMLARKASVEETLPHVLAQLDPRKSSVQESEQRITEFYTRVMRDTSTVAN
QAVCELTGSAEAFLETLSSFLELSPYRPAGTFVFSTEKRLVAVNNSDAILQMLFYTSQASDEQEWSLIPFRSIRDHHSYE
ELVQSMGKKLFNHLDGENSIESTLNDLGVSTRGRQYVQAALEEEKKRVENQKKIIQVIEQERFLKKLAWIEDEYKPKCQA
HKNGYYDSFKVSNEENDFKANVKRAELAGVFDEVLGLMKKCQLPDEFEGDIDWIKLATRYRRLVEPLDIANYHRHLKNED
TGPYMKRGRPTRYIYAQRGYEHYILKPNGMIAEDVFWNKVNGLNLGLQLEEIQETLKNSGSECGSCFWAEVEELKGKPYE
EVEVRVKTLEGMLGEWITDGEVDDKEIFLEGSTFRKWWITLPKNHKSHSPLRDY
;
A
2 'polypeptide(L)'
;SSSSLKGSALGKLVVTSGLLHSSWSKILEIHNPPYSNHDPGLQVSKKKKDSGLEFQIHREEKFTLVVFSAPPICRSSSSD
STLLHVKDKENPFPFLCSENNPSFSLHTPAFNLFTSASTSLTYLKSELLQTLKSEKPVIITGAALGGSVASLYTLWLLET
IEPTLKRPLCITFGSPLIGDASLQQILENSVRNSCFLHVVSAQTRIKMDFFKPFGTFLICFDSGCVCIEDHVAVTELLNG
VHDSGLVDYSQVLNRLDQSMLSLADSRLIPEDVIKGIEKRAEMKNLRFDMMFKKLNDMKISMAYIEWYKKKCKEVKIGYY
DRFKTQLAFPSKEFDINIKNHHKSELNRFWKSVVEEVERRPQSDASILKRRFLFSGNNYRRMIEPLDIAEYYLEGRKEYR
TTGRSHHYVMLEKWFGMESILIEKERCKKRDLSDLLTFDSCFWAEVEDSLIVINQLNTTVGMRDDVREVLTRKLVEFEGY
VWEIITKREVSPEIFLEESSFMKWWKEYKKIKGFNSSYLTEFMNTRKYESYGK
;
B
3 'polypeptide(L)'
;SFDALDPNLKECFLDMGSFLEDQKIRASVIIDMWVELYGKGSSILYMYLEDLASQNLLKLVPLGTNEHEDGFYNDFLVTQ
HDILRELAICQSEFKENLERKRLNLEILENTFPDWCLNTINASLLSISTDDLFSSKWLEMDCPNVEALVLNLSSSDYALP
SFISGMKKLKVLTITNHGFYPARLSNFSCLSSLPNLKRIRLEKVSITLLDIPQLQLSSLKKLSLVMCSFGEVFYDTEDIV
VSNALSKLQEIDIDYCYDLDELPYWISEIVSLKTLSITNCNKLSQLPEAIGNLSRLEVLRLCSSMNLSELPEATEGLSNL
RFLDISHCLGLRKLPQEIGKLQNLKKISMRKCSGCELPESVTNLENLEVKCDEETGLLWERLKPKMRNLRVQEEEIEHNL
NLLQMF
;
C
#
# COMPACT_ATOMS: atom_id res chain seq x y z
N ALA A 1 -18.41 45.24 0.24
CA ALA A 1 -17.50 44.15 0.56
C ALA A 1 -18.15 43.14 1.50
N PHE A 2 -18.56 43.61 2.68
CA PHE A 2 -19.26 42.77 3.64
C PHE A 2 -20.52 42.18 3.03
N GLU A 3 -21.27 43.01 2.30
CA GLU A 3 -22.51 42.55 1.69
C GLU A 3 -22.25 41.54 0.58
N ALA A 4 -21.18 41.73 -0.19
CA ALA A 4 -20.85 40.77 -1.24
C ALA A 4 -20.32 39.48 -0.65
N LEU A 5 -19.86 39.51 0.59
CA LEU A 5 -19.35 38.30 1.23
C LEU A 5 -20.48 37.50 1.87
N THR A 6 -21.21 38.11 2.80
CA THR A 6 -22.15 37.38 3.63
C THR A 6 -23.57 37.33 3.07
N GLY A 7 -23.95 38.22 2.17
CA GLY A 7 -25.29 38.24 1.64
C GLY A 7 -26.29 39.08 2.41
N ILE A 8 -25.83 39.91 3.35
CA ILE A 8 -26.71 40.77 4.15
C ILE A 8 -26.07 42.14 4.26
N ASN A 9 -26.91 43.14 4.57
CA ASN A 9 -26.47 44.52 4.69
C ASN A 9 -26.88 45.09 6.04
N GLY A 10 -26.54 46.37 6.25
CA GLY A 10 -26.55 46.92 7.59
C GLY A 10 -27.92 47.00 8.23
N ASP A 11 -28.94 47.36 7.46
CA ASP A 11 -30.27 47.51 8.04
C ASP A 11 -30.81 46.18 8.54
N LEU A 12 -30.43 45.07 7.90
CA LEU A 12 -30.86 43.76 8.37
C LEU A 12 -30.21 43.43 9.72
N ILE A 13 -28.94 43.78 9.90
CA ILE A 13 -28.32 43.65 11.23
C ILE A 13 -29.09 44.49 12.24
N THR A 14 -29.42 45.72 11.89
CA THR A 14 -30.11 46.62 12.81
C THR A 14 -31.46 46.03 13.22
N ARG A 15 -32.23 45.57 12.24
CA ARG A 15 -33.55 45.02 12.52
C ARG A 15 -33.47 43.75 13.34
N SER A 16 -32.50 42.89 13.02
CA SER A 16 -32.34 41.65 13.78
C SER A 16 -31.97 41.94 15.24
N TRP A 17 -31.05 42.87 15.47
CA TRP A 17 -30.71 43.19 16.85
C TRP A 17 -31.90 43.77 17.59
N SER A 18 -32.66 44.66 16.94
CA SER A 18 -33.83 45.23 17.60
C SER A 18 -34.86 44.16 17.93
N ALA A 19 -35.11 43.23 17.00
CA ALA A 19 -36.09 42.18 17.24
C ALA A 19 -35.63 41.22 18.32
N SER A 20 -34.35 40.85 18.33
CA SER A 20 -33.88 39.96 19.36
C SER A 20 -33.84 40.65 20.71
N LYS A 21 -33.79 41.99 20.73
CA LYS A 21 -34.00 42.71 21.98
C LYS A 21 -35.46 42.64 22.42
N GLN A 22 -36.38 42.81 21.46
CA GLN A 22 -37.80 42.70 21.79
C GLN A 22 -38.14 41.34 22.37
N ALA A 23 -37.53 40.28 21.84
CA ALA A 23 -37.84 38.91 22.27
C ALA A 23 -37.53 38.63 23.74
N TYR A 24 -36.89 39.56 24.45
CA TYR A 24 -36.65 39.39 25.88
C TYR A 24 -37.92 39.39 26.69
N LEU A 25 -39.04 39.84 26.10
CA LEU A 25 -40.32 40.00 26.78
C LEU A 25 -41.32 38.91 26.43
N THR A 26 -41.58 38.70 25.14
CA THR A 26 -42.58 37.74 24.71
C THR A 26 -42.16 36.33 25.09
N GLU A 27 -43.05 35.37 24.84
CA GLU A 27 -42.84 34.00 25.27
C GLU A 27 -42.40 33.15 24.10
N ARG A 28 -41.17 32.66 24.18
CA ARG A 28 -40.48 31.68 23.33
C ARG A 28 -40.08 32.21 21.96
N TYR A 29 -40.68 33.29 21.46
CA TYR A 29 -40.32 33.82 20.15
C TYR A 29 -41.17 35.03 19.82
N HIS A 30 -40.84 35.70 18.72
CA HIS A 30 -41.39 37.02 18.44
C HIS A 30 -41.25 37.28 16.95
N LYS A 31 -42.36 37.57 16.29
CA LYS A 31 -42.38 37.69 14.84
C LYS A 31 -42.47 39.16 14.45
N GLU A 32 -41.86 39.51 13.32
CA GLU A 32 -41.85 40.90 12.88
C GLU A 32 -41.83 40.96 11.36
N GLU A 33 -42.73 41.74 10.78
CA GLU A 33 -42.82 41.88 9.33
C GLU A 33 -42.47 43.30 8.90
N ALA A 34 -41.74 43.40 7.79
CA ALA A 34 -41.40 44.67 7.15
C ALA A 34 -41.38 44.42 5.64
N GLY A 35 -42.50 44.71 4.99
CA GLY A 35 -42.59 44.58 3.55
C GLY A 35 -42.43 43.15 3.07
N ALA A 36 -41.28 42.86 2.44
CA ALA A 36 -40.97 41.53 1.96
C ALA A 36 -40.04 40.77 2.91
N VAL A 37 -39.92 41.20 4.16
CA VAL A 37 -39.08 40.51 5.15
C VAL A 37 -39.93 40.11 6.34
N VAL A 38 -39.72 38.90 6.83
CA VAL A 38 -40.30 38.43 8.09
C VAL A 38 -39.18 37.83 8.93
N ILE A 39 -39.04 38.27 10.18
CA ILE A 39 -37.96 37.78 11.03
C ILE A 39 -38.54 37.26 12.33
N PHE A 40 -38.10 36.06 12.73
CA PHE A 40 -38.50 35.40 13.97
C PHE A 40 -37.32 35.44 14.93
N ALA A 41 -37.48 36.14 16.05
CA ALA A 41 -36.44 36.18 17.07
C ALA A 41 -36.83 35.31 18.26
N PHE A 42 -35.83 34.77 18.92
CA PHE A 42 -36.01 33.76 19.94
C PHE A 42 -35.56 34.28 21.29
N GLN A 43 -36.15 33.74 22.33
CA GLN A 43 -35.93 34.25 23.68
C GLN A 43 -34.77 33.51 24.33
N PRO A 44 -33.86 34.21 25.00
CA PRO A 44 -32.74 33.56 25.68
C PRO A 44 -33.15 32.99 27.03
N SER A 45 -32.16 32.50 27.77
CA SER A 45 -32.34 31.95 29.10
C SER A 45 -31.05 32.15 29.86
N PHE A 46 -31.14 32.19 31.18
CA PHE A 46 -29.93 32.40 31.98
C PHE A 46 -29.91 31.54 33.23
N SER A 47 -30.50 30.35 33.16
CA SER A 47 -30.38 29.35 34.20
C SER A 47 -29.38 28.27 33.80
N GLU A 48 -29.32 27.21 34.60
CA GLU A 48 -28.37 26.14 34.32
C GLU A 48 -29.01 24.96 33.59
N LYS A 49 -30.29 24.70 33.79
CA LYS A 49 -30.91 23.58 33.09
C LYS A 49 -31.09 23.87 31.60
N ASP A 50 -30.87 25.10 31.18
CA ASP A 50 -31.00 25.48 29.78
C ASP A 50 -29.65 25.58 29.07
N PHE A 51 -28.58 25.13 29.73
CA PHE A 51 -27.30 24.89 29.07
C PHE A 51 -26.89 23.44 29.22
N PHE A 52 -26.82 22.92 30.44
CA PHE A 52 -26.52 21.52 30.72
C PHE A 52 -27.80 20.87 31.25
N ASP A 53 -28.34 19.92 30.52
CA ASP A 53 -29.60 19.30 30.89
C ASP A 53 -29.42 18.38 32.09
N PRO A 54 -30.14 18.61 33.20
CA PRO A 54 -29.89 17.81 34.41
C PRO A 54 -30.13 16.33 34.23
N ASP A 55 -30.99 15.93 33.30
CA ASP A 55 -31.23 14.53 33.02
C ASP A 55 -30.06 13.85 32.32
N ASN A 56 -29.31 14.57 31.50
CA ASN A 56 -28.25 14.00 30.69
C ASN A 56 -27.09 13.57 31.57
N LYS A 57 -26.57 12.37 31.30
CA LYS A 57 -25.51 11.79 32.12
C LYS A 57 -24.11 12.11 31.63
N SER A 58 -23.93 12.43 30.35
CA SER A 58 -22.61 12.67 29.80
C SER A 58 -22.06 14.00 30.28
N SER A 59 -20.77 14.21 30.02
CA SER A 59 -20.04 15.30 30.66
C SER A 59 -20.14 16.63 29.93
N PHE A 60 -20.72 16.67 28.74
CA PHE A 60 -20.88 17.92 28.01
C PHE A 60 -22.32 18.23 27.63
N GLY A 61 -23.28 17.38 27.95
CA GLY A 61 -24.67 17.63 27.65
C GLY A 61 -25.11 17.24 26.26
N GLU A 62 -24.38 16.39 25.58
CA GLU A 62 -24.59 16.17 24.16
C GLU A 62 -25.51 14.98 23.90
N ILE A 63 -26.27 15.09 22.81
CA ILE A 63 -27.16 14.03 22.37
C ILE A 63 -27.02 13.91 20.85
N LYS A 64 -27.28 12.73 20.33
CA LYS A 64 -27.12 12.49 18.90
C LYS A 64 -28.45 12.68 18.17
N LEU A 65 -28.39 13.35 17.03
CA LEU A 65 -29.56 13.71 16.26
C LEU A 65 -30.25 12.47 15.70
N ASN A 66 -31.45 12.67 15.18
CA ASN A 66 -32.30 11.60 14.71
C ASN A 66 -32.32 11.56 13.19
N ARG A 67 -32.12 10.36 12.65
CA ARG A 67 -31.94 10.13 11.22
C ARG A 67 -33.23 10.31 10.41
N VAL A 68 -34.38 10.41 11.06
CA VAL A 68 -35.62 10.64 10.34
C VAL A 68 -36.05 12.10 10.35
N GLN A 69 -35.57 12.91 11.30
CA GLN A 69 -35.99 14.30 11.35
C GLN A 69 -34.92 15.27 10.81
N PHE A 70 -33.65 14.87 10.84
CA PHE A 70 -32.58 15.62 10.18
C PHE A 70 -31.79 14.62 9.35
N PRO A 71 -32.32 14.19 8.21
CA PRO A 71 -31.63 13.17 7.42
C PRO A 71 -30.30 13.61 6.80
N CYS A 72 -30.08 14.89 6.58
CA CYS A 72 -28.87 15.34 5.93
C CYS A 72 -27.71 15.54 6.89
N MET A 73 -27.94 15.50 8.20
CA MET A 73 -26.89 15.83 9.17
C MET A 73 -26.11 14.57 9.55
N ARG A 74 -25.38 14.05 8.57
CA ARG A 74 -24.63 12.83 8.74
C ARG A 74 -23.47 12.82 7.76
N LYS A 75 -22.52 11.93 8.00
CA LYS A 75 -21.50 11.61 7.01
C LYS A 75 -22.05 10.56 6.07
N ILE A 76 -22.12 10.88 4.79
CA ILE A 76 -22.91 10.07 3.85
C ILE A 76 -22.33 8.68 3.74
N GLY A 77 -21.09 8.59 3.27
CA GLY A 77 -20.51 7.28 2.99
C GLY A 77 -20.25 6.47 4.23
N LYS A 78 -19.88 7.13 5.32
CA LYS A 78 -19.57 6.41 6.55
C LYS A 78 -20.85 5.95 7.25
N GLY A 79 -21.69 6.89 7.66
CA GLY A 79 -22.96 6.57 8.28
C GLY A 79 -23.25 7.35 9.55
N ASP A 80 -22.23 7.99 10.11
CA ASP A 80 -22.29 8.63 11.41
C ASP A 80 -23.20 9.85 11.40
N VAL A 81 -24.05 9.96 12.41
CA VAL A 81 -24.91 11.13 12.57
C VAL A 81 -24.24 12.19 13.44
N ALA A 82 -24.77 13.39 13.41
CA ALA A 82 -24.21 14.51 14.14
C ALA A 82 -24.71 14.54 15.59
N THR A 83 -24.11 15.41 16.37
CA THR A 83 -24.31 15.53 17.81
C THR A 83 -24.54 16.99 18.15
N VAL A 84 -25.57 17.27 18.95
CA VAL A 84 -25.88 18.64 19.36
C VAL A 84 -26.06 18.67 20.87
N ASN A 85 -26.33 19.87 21.38
CA ASN A 85 -26.64 20.04 22.79
C ASN A 85 -28.09 19.67 23.05
N GLU A 86 -28.32 18.99 24.16
CA GLU A 86 -29.65 18.46 24.44
C GLU A 86 -30.62 19.54 24.91
N ALA A 87 -30.13 20.52 25.66
CA ALA A 87 -30.99 21.60 26.12
C ALA A 87 -31.55 22.40 24.96
N PHE A 88 -30.69 22.76 24.00
CA PHE A 88 -31.14 23.58 22.87
C PHE A 88 -32.09 22.80 21.97
N LEU A 89 -31.82 21.52 21.77
CA LEU A 89 -32.73 20.70 20.99
C LEU A 89 -34.09 20.57 21.68
N LYS A 90 -34.10 20.42 23.01
CA LYS A 90 -35.36 20.38 23.73
C LYS A 90 -36.13 21.67 23.55
N ASN A 91 -35.45 22.81 23.65
CA ASN A 91 -36.12 24.10 23.47
C ASN A 91 -36.74 24.20 22.08
N LEU A 92 -35.97 23.82 21.05
CA LEU A 92 -36.51 23.88 19.70
C LEU A 92 -37.71 22.96 19.55
N GLU A 93 -37.65 21.76 20.11
CA GLU A 93 -38.76 20.82 19.95
C GLU A 93 -40.00 21.29 20.70
N ALA A 94 -39.82 22.00 21.81
CA ALA A 94 -40.94 22.65 22.47
C ALA A 94 -41.55 23.73 21.58
N ILE A 95 -40.72 24.49 20.88
CA ILE A 95 -41.23 25.58 20.04
C ILE A 95 -41.95 25.04 18.82
N ILE A 96 -41.44 23.98 18.20
CA ILE A 96 -41.95 23.55 16.90
C ILE A 96 -43.36 22.99 16.99
N ASP A 97 -43.67 22.26 18.07
CA ASP A 97 -44.90 21.48 18.21
C ASP A 97 -46.16 22.28 17.87
N PRO A 98 -47.24 21.62 17.43
CA PRO A 98 -48.39 22.36 16.88
C PRO A 98 -49.07 23.30 17.87
N ARG A 99 -48.94 23.07 19.18
CA ARG A 99 -49.65 23.89 20.15
C ARG A 99 -49.18 25.34 20.15
N THR A 100 -48.06 25.62 19.51
CA THR A 100 -47.41 26.91 19.61
C THR A 100 -47.80 27.89 18.52
N SER A 101 -48.33 27.41 17.39
CA SER A 101 -48.63 28.24 16.23
C SER A 101 -47.36 28.89 15.68
N PHE A 102 -46.34 28.07 15.46
CA PHE A 102 -45.09 28.50 14.84
C PHE A 102 -44.96 28.00 13.41
N GLN A 103 -45.31 26.75 13.15
CA GLN A 103 -45.26 26.21 11.80
C GLN A 103 -46.23 26.93 10.87
N ALA A 104 -47.43 27.23 11.36
CA ALA A 104 -48.42 27.90 10.53
C ALA A 104 -47.94 29.29 10.12
N SER A 105 -47.27 30.00 11.03
CA SER A 105 -46.75 31.32 10.70
C SER A 105 -45.66 31.25 9.63
N VAL A 106 -44.74 30.30 9.74
CA VAL A 106 -43.67 30.22 8.74
C VAL A 106 -44.24 29.79 7.39
N GLU A 107 -45.24 28.92 7.38
CA GLU A 107 -45.87 28.56 6.11
C GLU A 107 -46.59 29.77 5.49
N MET A 108 -47.24 30.58 6.32
CA MET A 108 -47.80 31.83 5.83
C MET A 108 -46.72 32.69 5.18
N ALA A 109 -45.58 32.83 5.85
CA ALA A 109 -44.53 33.70 5.33
C ALA A 109 -43.83 33.12 4.12
N VAL A 110 -43.90 31.80 3.92
CA VAL A 110 -43.21 31.21 2.78
C VAL A 110 -44.08 31.18 1.54
N ARG A 111 -45.40 31.03 1.67
CA ARG A 111 -46.21 31.05 0.46
C ARG A 111 -46.35 32.46 -0.12
N SER A 112 -45.95 33.48 0.63
CA SER A 112 -46.01 34.86 0.19
C SER A 112 -44.75 35.35 -0.52
N ARG A 113 -43.74 34.51 -0.70
CA ARG A 113 -42.47 34.90 -1.33
C ARG A 113 -41.82 36.09 -0.62
N LYS A 114 -41.44 35.86 0.63
CA LYS A 114 -40.68 36.84 1.39
C LYS A 114 -39.41 36.19 1.91
N GLN A 115 -38.53 37.02 2.47
CA GLN A 115 -37.26 36.58 3.02
C GLN A 115 -37.48 36.22 4.48
N ILE A 116 -36.86 35.14 4.93
CA ILE A 116 -37.02 34.66 6.31
C ILE A 116 -35.68 34.74 7.02
N VAL A 117 -35.71 35.29 8.23
CA VAL A 117 -34.51 35.54 9.03
C VAL A 117 -34.78 35.05 10.44
N PHE A 118 -33.85 34.23 10.96
CA PHE A 118 -33.88 33.76 12.34
C PHE A 118 -32.76 34.45 13.09
N THR A 119 -33.01 34.80 14.36
CA THR A 119 -32.00 35.55 15.11
C THR A 119 -32.22 35.36 16.60
N GLY A 120 -31.29 35.88 17.41
CA GLY A 120 -31.42 35.86 18.86
C GLY A 120 -30.16 36.21 19.59
N HIS A 121 -30.28 36.79 20.79
CA HIS A 121 -29.13 36.98 21.65
C HIS A 121 -28.74 35.64 22.24
N SER A 122 -27.80 35.63 23.18
CA SER A 122 -26.93 34.48 23.38
C SER A 122 -27.60 33.10 23.32
N SER A 123 -28.40 32.73 24.30
CA SER A 123 -28.99 31.39 24.23
C SER A 123 -30.00 31.33 23.10
N GLY A 124 -30.75 32.42 22.92
CA GLY A 124 -31.64 32.50 21.78
C GLY A 124 -30.91 32.28 20.47
N GLY A 125 -29.67 32.77 20.40
CA GLY A 125 -28.87 32.51 19.22
C GLY A 125 -28.72 31.04 18.94
N ALA A 126 -28.43 30.26 19.96
CA ALA A 126 -28.26 28.82 19.78
C ALA A 126 -29.54 28.18 19.27
N THR A 127 -30.70 28.74 19.62
CA THR A 127 -31.95 28.20 19.10
C THR A 127 -32.15 28.63 17.65
N ALA A 128 -31.78 29.88 17.33
CA ALA A 128 -31.93 30.35 15.97
C ALA A 128 -31.25 29.42 14.98
N ILE A 129 -30.00 29.06 15.25
CA ILE A 129 -29.26 28.16 14.37
C ILE A 129 -30.05 26.89 14.15
N LEU A 130 -30.55 26.29 15.23
CA LEU A 130 -31.27 25.04 15.08
C LEU A 130 -32.48 25.22 14.20
N ALA A 131 -33.23 26.31 14.41
CA ALA A 131 -34.39 26.58 13.58
C ALA A 131 -33.99 26.69 12.12
N THR A 132 -32.88 27.36 11.84
CA THR A 132 -32.47 27.48 10.44
C THR A 132 -32.32 26.10 9.82
N VAL A 133 -31.63 25.19 10.53
CA VAL A 133 -31.40 23.87 9.98
C VAL A 133 -32.72 23.16 9.78
N TRP A 134 -33.64 23.28 10.73
CA TRP A 134 -34.96 22.68 10.58
C TRP A 134 -35.62 23.18 9.30
N TYR A 135 -35.58 24.49 9.09
CA TYR A 135 -36.14 25.05 7.85
C TYR A 135 -35.47 24.44 6.64
N LEU A 136 -34.14 24.36 6.65
CA LEU A 136 -33.43 23.87 5.47
C LEU A 136 -33.80 22.42 5.17
N GLU A 137 -34.21 21.66 6.18
CA GLU A 137 -34.52 20.26 5.94
C GLU A 137 -35.95 20.09 5.44
N LYS A 138 -36.81 21.08 5.70
CA LYS A 138 -38.21 20.91 5.40
C LYS A 138 -38.62 21.62 4.11
N TYR A 139 -38.03 22.77 3.82
CA TYR A 139 -38.48 23.60 2.72
C TYR A 139 -37.44 23.77 1.64
N PHE A 140 -36.25 24.26 1.98
CA PHE A 140 -35.28 24.61 0.96
C PHE A 140 -34.78 23.39 0.20
N ILE A 141 -34.66 22.25 0.88
CA ILE A 141 -34.09 21.07 0.22
C ILE A 141 -35.05 20.43 -0.77
N ARG A 142 -36.33 20.80 -0.76
CA ARG A 142 -37.26 20.13 -1.67
C ARG A 142 -37.44 20.87 -3.00
N ASN A 143 -37.32 22.19 -2.99
CA ASN A 143 -37.23 22.97 -4.24
C ASN A 143 -36.35 24.20 -4.05
N PRO A 144 -35.04 24.05 -4.25
CA PRO A 144 -34.08 25.09 -3.83
C PRO A 144 -34.11 26.30 -4.76
N ASN A 145 -34.67 27.40 -4.28
CA ASN A 145 -34.77 28.63 -5.06
C ASN A 145 -34.36 29.81 -4.20
N VAL A 146 -33.97 30.89 -4.86
CA VAL A 146 -33.48 32.07 -4.15
C VAL A 146 -34.60 32.69 -3.30
N TYR A 147 -35.86 32.48 -3.67
CA TYR A 147 -36.96 32.89 -2.82
C TYR A 147 -36.87 32.23 -1.45
N LEU A 148 -36.44 30.97 -1.40
CA LEU A 148 -36.47 30.18 -0.19
C LEU A 148 -35.19 30.25 0.63
N GLU A 149 -34.18 30.96 0.18
CA GLU A 149 -32.94 31.03 0.94
C GLU A 149 -33.19 31.69 2.28
N PRO A 150 -32.79 31.07 3.39
CA PRO A 150 -32.98 31.69 4.70
C PRO A 150 -31.82 32.56 5.13
N ARG A 151 -31.92 33.20 6.30
CA ARG A 151 -30.77 33.82 6.93
C ARG A 151 -30.80 33.51 8.42
N CYS A 152 -29.63 33.35 9.01
CA CYS A 152 -29.48 33.20 10.45
C CYS A 152 -28.46 34.22 10.91
N VAL A 153 -28.83 35.04 11.89
CA VAL A 153 -28.01 36.17 12.33
C VAL A 153 -28.01 36.18 13.85
N THR A 154 -26.93 35.70 14.47
CA THR A 154 -26.91 35.50 15.91
C THR A 154 -25.87 36.41 16.56
N PHE A 155 -26.12 36.76 17.83
CA PHE A 155 -25.32 37.76 18.55
C PHE A 155 -24.74 37.16 19.83
N GLY A 156 -23.50 36.68 19.74
CA GLY A 156 -22.84 36.09 20.89
C GLY A 156 -23.44 34.79 21.39
N ALA A 157 -23.76 33.88 20.48
CA ALA A 157 -24.32 32.58 20.82
C ALA A 157 -23.25 31.61 21.30
N PRO A 158 -23.63 30.58 22.06
CA PRO A 158 -22.68 29.51 22.38
C PRO A 158 -22.61 28.43 21.30
N LEU A 159 -21.65 27.52 21.39
CA LEU A 159 -21.46 26.50 20.38
C LEU A 159 -22.56 25.45 20.45
N VAL A 160 -22.87 24.84 19.31
CA VAL A 160 -24.09 24.05 19.19
C VAL A 160 -23.86 22.63 18.69
N GLY A 161 -22.83 22.41 17.87
CA GLY A 161 -22.66 21.16 17.19
C GLY A 161 -21.25 20.62 17.30
N ASP A 162 -21.06 19.42 16.78
CA ASP A 162 -19.76 18.76 16.77
C ASP A 162 -19.06 19.01 15.43
N SER A 163 -18.05 18.20 15.10
CA SER A 163 -17.37 18.32 13.83
C SER A 163 -18.19 17.77 12.67
N ILE A 164 -19.01 16.75 12.89
CA ILE A 164 -19.85 16.26 11.80
C ILE A 164 -20.96 17.25 11.49
N PHE A 165 -21.38 18.06 12.46
CA PHE A 165 -22.35 19.11 12.18
C PHE A 165 -21.79 20.12 11.19
N SER A 166 -20.58 20.60 11.45
CA SER A 166 -19.92 21.53 10.54
C SER A 166 -19.65 20.88 9.19
N HIS A 167 -19.22 19.62 9.19
CA HIS A 167 -18.97 18.94 7.93
C HIS A 167 -20.23 18.79 7.10
N ALA A 168 -21.35 18.49 7.75
CA ALA A 168 -22.61 18.29 7.06
C ALA A 168 -23.14 19.59 6.49
N LEU A 169 -22.95 20.71 7.20
CA LEU A 169 -23.28 22.00 6.60
C LEU A 169 -22.38 22.31 5.43
N GLY A 170 -21.10 21.96 5.52
CA GLY A 170 -20.18 22.27 4.44
C GLY A 170 -20.47 21.49 3.17
N ARG A 171 -20.82 20.22 3.30
CA ARG A 171 -21.06 19.39 2.12
C ARG A 171 -22.28 19.85 1.34
N GLU A 172 -23.27 20.42 2.02
CA GLU A 172 -24.51 20.85 1.42
C GLU A 172 -24.48 22.26 0.91
N LYS A 173 -23.38 22.98 1.10
CA LYS A 173 -23.22 24.38 0.73
C LYS A 173 -24.15 25.29 1.53
N TRP A 174 -24.54 24.87 2.73
CA TRP A 174 -25.43 25.65 3.57
C TRP A 174 -24.70 26.55 4.55
N SER A 175 -23.37 26.47 4.62
CA SER A 175 -22.63 27.22 5.63
C SER A 175 -22.61 28.71 5.38
N ARG A 176 -23.12 29.16 4.23
CA ARG A 176 -23.11 30.57 3.88
C ARG A 176 -24.33 31.33 4.39
N PHE A 177 -25.33 30.63 4.93
CA PHE A 177 -26.53 31.26 5.44
C PHE A 177 -26.38 31.71 6.88
N PHE A 178 -25.35 31.29 7.58
CA PHE A 178 -25.22 31.51 9.01
C PHE A 178 -24.17 32.58 9.29
N VAL A 179 -24.51 33.54 10.14
CA VAL A 179 -23.58 34.57 10.57
C VAL A 179 -23.67 34.74 12.07
N ASN A 180 -22.51 34.78 12.73
CA ASN A 180 -22.42 34.82 14.18
C ASN A 180 -21.50 35.95 14.59
N PHE A 181 -21.96 36.82 15.48
CA PHE A 181 -21.14 37.93 15.96
C PHE A 181 -20.56 37.61 17.32
N VAL A 182 -19.24 37.74 17.45
CA VAL A 182 -18.54 37.48 18.69
C VAL A 182 -17.66 38.68 18.99
N SER A 183 -17.84 39.30 20.15
CA SER A 183 -16.89 40.32 20.53
C SER A 183 -15.60 39.66 20.99
N ARG A 184 -14.54 40.45 21.12
CA ARG A 184 -13.22 39.86 21.36
C ARG A 184 -13.18 39.10 22.69
N PHE A 185 -13.65 39.73 23.76
CA PHE A 185 -13.55 39.12 25.07
C PHE A 185 -14.82 38.44 25.52
N ASP A 186 -15.89 38.48 24.72
CA ASP A 186 -17.15 37.90 25.15
C ASP A 186 -16.95 36.44 25.52
N ILE A 187 -17.55 36.06 26.64
CA ILE A 187 -17.18 34.83 27.33
C ILE A 187 -18.11 33.66 27.00
N VAL A 188 -19.33 33.96 26.54
CA VAL A 188 -20.34 32.93 26.28
C VAL A 188 -20.03 32.12 25.02
N PRO A 189 -19.41 32.68 23.97
CA PRO A 189 -18.97 31.84 22.86
C PRO A 189 -17.93 30.79 23.23
N ARG A 190 -17.49 30.75 24.49
CA ARG A 190 -16.43 29.85 24.93
C ARG A 190 -16.84 28.95 26.09
N ILE A 191 -18.08 29.04 26.57
CA ILE A 191 -18.48 28.30 27.76
C ILE A 191 -18.51 26.80 27.50
N MET A 192 -19.11 26.38 26.40
CA MET A 192 -19.37 24.97 26.14
C MET A 192 -18.13 24.20 25.72
N LEU A 193 -16.96 24.81 25.81
CA LEU A 193 -15.70 24.11 25.59
C LEU A 193 -15.14 23.53 26.89
N ALA A 194 -15.87 23.64 27.98
CA ALA A 194 -15.42 23.24 29.30
C ALA A 194 -16.18 22.00 29.75
N ARG A 195 -15.59 21.29 30.71
CA ARG A 195 -16.26 20.15 31.32
C ARG A 195 -17.34 20.63 32.28
N LYS A 196 -18.45 19.90 32.31
CA LYS A 196 -19.53 20.27 33.21
C LYS A 196 -19.08 20.24 34.66
N ALA A 197 -18.23 19.29 35.02
CA ALA A 197 -17.77 19.18 36.40
C ALA A 197 -16.93 20.38 36.81
N SER A 198 -16.24 21.01 35.85
CA SER A 198 -15.31 22.09 36.20
C SER A 198 -16.01 23.41 36.50
N VAL A 199 -17.29 23.54 36.19
CA VAL A 199 -18.02 24.80 36.39
C VAL A 199 -19.34 24.62 37.12
N GLU A 200 -19.69 23.39 37.52
CA GLU A 200 -21.03 23.13 38.04
C GLU A 200 -21.33 23.90 39.31
N GLU A 201 -20.30 24.24 40.09
CA GLU A 201 -20.53 24.86 41.39
C GLU A 201 -20.51 26.39 41.30
N THR A 202 -19.89 26.93 40.24
CA THR A 202 -19.80 28.37 40.05
C THR A 202 -20.55 28.86 38.82
N LEU A 203 -21.24 27.99 38.11
CA LEU A 203 -21.96 28.41 36.91
C LEU A 203 -23.13 29.33 37.20
N PRO A 204 -24.05 29.02 38.12
CA PRO A 204 -25.26 29.84 38.24
C PRO A 204 -25.02 31.28 38.64
N HIS A 205 -24.00 31.56 39.46
CA HIS A 205 -23.75 32.95 39.84
C HIS A 205 -23.36 33.79 38.63
N VAL A 206 -22.35 33.34 37.89
CA VAL A 206 -21.89 34.10 36.74
C VAL A 206 -23.00 34.19 35.69
N LEU A 207 -23.83 33.14 35.58
CA LEU A 207 -25.00 33.25 34.71
C LEU A 207 -25.93 34.36 35.18
N ALA A 208 -26.22 34.41 36.47
CA ALA A 208 -27.05 35.48 37.01
C ALA A 208 -26.49 36.85 36.69
N GLN A 209 -25.15 36.96 36.62
CA GLN A 209 -24.56 38.24 36.27
C GLN A 209 -24.71 38.56 34.78
N LEU A 210 -24.95 37.57 33.93
CA LEU A 210 -25.08 37.84 32.50
C LEU A 210 -26.45 38.31 32.10
N ASP A 211 -27.46 38.15 32.94
CA ASP A 211 -28.83 38.44 32.54
C ASP A 211 -29.03 39.95 32.42
N PRO A 212 -29.35 40.47 31.24
CA PRO A 212 -29.65 41.90 31.13
C PRO A 212 -31.00 42.27 31.73
N ARG A 213 -31.84 41.29 32.04
CA ARG A 213 -33.14 41.59 32.64
C ARG A 213 -33.00 41.78 34.15
N LYS A 214 -32.59 40.74 34.86
CA LYS A 214 -32.41 40.79 36.31
C LYS A 214 -31.01 41.31 36.61
N SER A 215 -30.84 42.63 36.43
CA SER A 215 -29.55 43.28 36.56
C SER A 215 -29.18 43.61 38.01
N SER A 216 -30.07 43.37 38.97
CA SER A 216 -29.86 43.81 40.34
C SER A 216 -28.79 43.01 41.06
N VAL A 217 -28.27 41.94 40.47
CA VAL A 217 -27.27 41.12 41.15
C VAL A 217 -25.90 41.80 41.09
N GLN A 218 -25.06 41.50 42.07
CA GLN A 218 -23.78 42.17 42.23
C GLN A 218 -22.62 41.19 42.07
N GLU A 219 -21.45 41.74 41.79
CA GLU A 219 -20.32 40.94 41.32
C GLU A 219 -19.68 40.17 42.48
N SER A 220 -18.63 39.42 42.13
CA SER A 220 -17.71 38.82 43.08
C SER A 220 -16.41 38.57 42.36
N GLU A 221 -15.33 39.17 42.85
CA GLU A 221 -14.04 39.09 42.15
C GLU A 221 -13.59 37.64 41.99
N GLN A 222 -13.67 36.86 43.08
CA GLN A 222 -13.07 35.53 43.05
C GLN A 222 -13.91 34.54 42.26
N ARG A 223 -15.24 34.59 42.38
CA ARG A 223 -16.08 33.70 41.59
C ARG A 223 -15.90 33.96 40.10
N ILE A 224 -15.85 35.25 39.74
CA ILE A 224 -15.65 35.60 38.33
C ILE A 224 -14.31 35.08 37.84
N THR A 225 -13.25 35.32 38.61
CA THR A 225 -11.93 34.90 38.17
C THR A 225 -11.84 33.39 38.07
N GLU A 226 -12.51 32.67 38.97
CA GLU A 226 -12.45 31.21 38.92
C GLU A 226 -13.19 30.65 37.71
N PHE A 227 -14.39 31.17 37.44
CA PHE A 227 -15.08 30.75 36.24
C PHE A 227 -14.22 31.01 35.01
N TYR A 228 -13.67 32.22 34.90
CA TYR A 228 -12.87 32.56 33.73
C TYR A 228 -11.66 31.65 33.61
N THR A 229 -10.99 31.38 34.73
CA THR A 229 -9.75 30.61 34.70
C THR A 229 -10.02 29.18 34.25
N ARG A 230 -11.00 28.52 34.85
CA ARG A 230 -11.26 27.14 34.48
C ARG A 230 -11.77 27.02 33.06
N VAL A 231 -12.63 27.97 32.64
CA VAL A 231 -13.13 27.94 31.27
C VAL A 231 -11.99 28.05 30.27
N MET A 232 -11.06 28.96 30.52
CA MET A 232 -9.95 29.13 29.59
C MET A 232 -8.96 27.97 29.66
N ARG A 233 -8.85 27.30 30.80
CA ARG A 233 -7.97 26.14 30.87
C ARG A 233 -8.48 24.99 30.02
N ASP A 234 -9.78 24.70 30.11
CA ASP A 234 -10.33 23.68 29.23
C ASP A 234 -10.26 24.11 27.78
N THR A 235 -10.44 25.40 27.50
CA THR A 235 -10.30 25.89 26.13
C THR A 235 -8.87 25.64 25.61
N SER A 236 -7.88 25.91 26.46
CA SER A 236 -6.48 25.69 26.13
C SER A 236 -6.24 24.25 25.72
N THR A 237 -6.72 23.32 26.52
CA THR A 237 -6.45 21.92 26.18
C THR A 237 -7.16 21.51 24.89
N VAL A 238 -8.36 22.04 24.63
CA VAL A 238 -9.07 21.67 23.40
C VAL A 238 -8.31 22.18 22.17
N ALA A 239 -7.82 23.42 22.24
CA ALA A 239 -7.09 23.97 21.10
C ALA A 239 -5.77 23.22 20.86
N ASN A 240 -5.05 22.88 21.93
CA ASN A 240 -3.78 22.19 21.76
C ASN A 240 -3.98 20.81 21.16
N GLN A 241 -4.94 20.06 21.68
CA GLN A 241 -5.29 18.80 21.05
C GLN A 241 -5.56 18.98 19.57
N ALA A 242 -6.28 20.03 19.20
CA ALA A 242 -6.59 20.23 17.78
C ALA A 242 -5.34 20.44 16.94
N VAL A 243 -4.39 21.25 17.43
CA VAL A 243 -3.14 21.45 16.69
C VAL A 243 -2.36 20.15 16.55
N CYS A 244 -2.21 19.40 17.65
CA CYS A 244 -1.32 18.24 17.65
C CYS A 244 -1.74 17.16 16.66
N GLU A 245 -3.03 17.05 16.36
CA GLU A 245 -3.51 16.08 15.39
C GLU A 245 -3.99 16.74 14.10
N LEU A 246 -3.40 17.87 13.73
CA LEU A 246 -3.80 18.54 12.50
C LEU A 246 -3.53 17.67 11.28
N THR A 247 -2.40 16.97 11.28
CA THR A 247 -1.99 16.13 10.16
C THR A 247 -1.68 14.71 10.61
N GLY A 248 -2.06 14.36 11.84
CA GLY A 248 -1.69 13.07 12.39
C GLY A 248 -0.20 12.94 12.66
N SER A 249 0.37 13.94 13.32
CA SER A 249 1.81 14.01 13.56
C SER A 249 2.17 13.22 14.82
N ALA A 250 2.82 12.06 14.61
CA ALA A 250 3.27 11.17 15.68
C ALA A 250 2.15 10.88 16.68
N GLU A 251 1.12 10.19 16.21
CA GLU A 251 -0.12 10.07 16.97
C GLU A 251 0.05 9.15 18.17
N ALA A 252 1.21 8.51 18.31
CA ALA A 252 1.37 7.40 19.25
C ALA A 252 1.29 7.86 20.71
N PHE A 253 2.24 8.71 21.13
CA PHE A 253 2.18 9.20 22.50
C PHE A 253 0.94 10.05 22.72
N LEU A 254 0.39 10.63 21.66
CA LEU A 254 -0.84 11.39 21.82
C LEU A 254 -1.99 10.48 22.20
N GLU A 255 -2.05 9.28 21.62
CA GLU A 255 -3.07 8.32 22.03
C GLU A 255 -2.84 7.86 23.46
N THR A 256 -1.58 7.54 23.80
CA THR A 256 -1.25 7.17 25.16
C THR A 256 -1.73 8.23 26.15
N LEU A 257 -1.52 9.51 25.84
CA LEU A 257 -2.13 10.57 26.64
C LEU A 257 -3.65 10.48 26.60
N SER A 258 -4.20 10.21 25.42
CA SER A 258 -5.64 10.33 25.24
C SER A 258 -6.38 9.44 26.23
N SER A 259 -5.74 8.38 26.71
CA SER A 259 -6.37 7.59 27.77
C SER A 259 -6.55 8.39 29.06
N PHE A 260 -5.94 9.59 29.14
CA PHE A 260 -5.98 10.41 30.34
C PHE A 260 -6.78 11.69 30.18
N LEU A 261 -7.47 11.89 29.05
CA LEU A 261 -7.94 13.23 28.72
C LEU A 261 -9.41 13.20 28.32
N GLU A 262 -10.14 14.22 28.76
CA GLU A 262 -11.52 14.43 28.37
C GLU A 262 -11.67 15.84 27.79
N LEU A 263 -12.15 15.91 26.55
CA LEU A 263 -12.10 17.11 25.75
C LEU A 263 -13.43 17.34 25.04
N SER A 264 -13.85 18.59 24.97
CA SER A 264 -15.20 18.92 24.51
C SER A 264 -15.38 18.55 23.04
N PRO A 265 -16.56 18.09 22.63
CA PRO A 265 -16.80 17.77 21.23
C PRO A 265 -17.39 18.88 20.37
N TYR A 266 -17.38 20.13 20.82
CA TYR A 266 -18.09 21.22 20.15
C TYR A 266 -17.15 22.05 19.29
N ARG A 267 -17.55 22.30 18.05
CA ARG A 267 -16.77 23.05 17.08
C ARG A 267 -17.62 24.15 16.47
N PRO A 268 -17.00 25.25 16.06
CA PRO A 268 -17.73 26.32 15.38
C PRO A 268 -18.33 25.87 14.05
N ALA A 269 -19.45 26.51 13.70
CA ALA A 269 -20.08 26.29 12.40
C ALA A 269 -20.53 27.63 11.85
N GLY A 270 -20.53 27.74 10.53
CA GLY A 270 -20.90 28.96 9.85
C GLY A 270 -19.75 29.95 9.74
N THR A 271 -20.13 31.21 9.53
CA THR A 271 -19.19 32.31 9.41
C THR A 271 -19.13 33.06 10.73
N PHE A 272 -17.93 33.33 11.21
CA PHE A 272 -17.74 34.02 12.48
C PHE A 272 -17.11 35.37 12.24
N VAL A 273 -17.63 36.40 12.91
CA VAL A 273 -17.24 37.77 12.64
C VAL A 273 -16.76 38.36 13.95
N PHE A 274 -15.44 38.36 14.16
CA PHE A 274 -14.84 38.97 15.34
C PHE A 274 -14.81 40.48 15.17
N SER A 275 -14.95 41.19 16.27
CA SER A 275 -15.05 42.64 16.25
C SER A 275 -14.18 43.26 17.31
N THR A 276 -13.51 44.35 16.95
CA THR A 276 -12.83 45.21 17.90
C THR A 276 -13.35 46.63 17.75
N GLU A 277 -12.70 47.59 18.40
CA GLU A 277 -13.09 48.99 18.26
C GLU A 277 -12.48 49.64 17.03
N LYS A 278 -11.87 48.88 16.14
CA LYS A 278 -11.28 49.43 14.93
C LYS A 278 -11.71 48.67 13.68
N ARG A 279 -11.92 47.36 13.79
CA ARG A 279 -12.00 46.52 12.62
C ARG A 279 -13.05 45.44 12.85
N LEU A 280 -13.55 44.88 11.74
CA LEU A 280 -14.31 43.63 11.74
C LEU A 280 -13.53 42.61 10.94
N VAL A 281 -13.34 41.42 11.49
CA VAL A 281 -12.63 40.34 10.80
C VAL A 281 -13.58 39.17 10.64
N ALA A 282 -13.70 38.66 9.43
CA ALA A 282 -14.60 37.56 9.14
C ALA A 282 -13.80 36.31 8.79
N VAL A 283 -14.25 35.16 9.29
CA VAL A 283 -13.59 33.88 9.03
C VAL A 283 -14.65 32.85 8.67
N ASN A 284 -14.37 32.04 7.66
CA ASN A 284 -15.18 30.88 7.33
C ASN A 284 -14.54 29.56 7.76
N ASN A 285 -13.28 29.57 8.17
CA ASN A 285 -12.53 28.37 8.50
C ASN A 285 -12.71 28.03 9.97
N SER A 286 -13.19 26.82 10.24
CA SER A 286 -13.58 26.44 11.60
C SER A 286 -12.40 26.17 12.51
N ASP A 287 -11.29 25.68 11.96
CA ASP A 287 -10.10 25.40 12.75
C ASP A 287 -9.44 26.69 13.20
N ALA A 288 -9.38 27.66 12.29
CA ALA A 288 -8.87 28.97 12.65
C ALA A 288 -9.76 29.65 13.68
N ILE A 289 -11.08 29.52 13.54
CA ILE A 289 -11.99 30.08 14.53
C ILE A 289 -11.75 29.44 15.89
N LEU A 290 -11.53 28.13 15.92
CA LEU A 290 -11.25 27.45 17.18
C LEU A 290 -9.94 27.93 17.82
N GLN A 291 -8.92 28.24 17.02
CA GLN A 291 -7.69 28.78 17.62
C GLN A 291 -7.88 30.22 18.11
N MET A 292 -8.57 31.05 17.31
CA MET A 292 -8.80 32.43 17.69
C MET A 292 -9.75 32.57 18.88
N LEU A 293 -10.60 31.59 19.12
CA LEU A 293 -11.42 31.58 20.31
C LEU A 293 -10.59 31.48 21.59
N PHE A 294 -9.34 31.05 21.50
CA PHE A 294 -8.46 31.00 22.66
C PHE A 294 -7.42 32.10 22.66
N TYR A 295 -6.89 32.49 21.49
CA TYR A 295 -5.79 33.46 21.50
C TYR A 295 -6.25 34.91 21.48
N THR A 296 -7.51 35.19 21.16
CA THR A 296 -7.96 36.57 21.16
C THR A 296 -8.23 37.08 22.57
N SER A 297 -8.60 36.18 23.47
CA SER A 297 -8.95 36.56 24.83
C SER A 297 -7.84 36.24 25.82
N GLN A 298 -6.64 35.93 25.36
CA GLN A 298 -5.50 35.94 26.23
C GLN A 298 -5.00 37.37 26.43
N ALA A 299 -4.15 37.55 27.44
CA ALA A 299 -3.77 38.89 27.86
C ALA A 299 -2.84 39.55 26.85
N SER A 300 -3.16 40.78 26.47
CA SER A 300 -2.25 41.56 25.63
C SER A 300 -0.92 41.79 26.32
N ASP A 301 -0.96 42.22 27.59
CA ASP A 301 0.24 42.25 28.42
C ASP A 301 -0.15 41.74 29.80
N GLU A 302 0.73 41.97 30.79
CA GLU A 302 0.64 41.23 32.04
C GLU A 302 -0.46 41.78 32.95
N GLN A 303 -0.40 43.07 33.30
CA GLN A 303 -1.30 43.62 34.31
C GLN A 303 -2.75 43.59 33.86
N GLU A 304 -3.00 43.36 32.59
CA GLU A 304 -4.36 43.14 32.11
C GLU A 304 -4.95 41.83 32.62
N TRP A 305 -4.20 41.02 33.34
CA TRP A 305 -4.74 39.76 33.87
C TRP A 305 -5.84 39.98 34.89
N SER A 306 -5.97 41.17 35.47
CA SER A 306 -7.05 41.41 36.40
C SER A 306 -8.28 42.02 35.75
N LEU A 307 -8.14 42.62 34.57
CA LEU A 307 -9.26 43.23 33.88
C LEU A 307 -10.06 42.23 33.05
N ILE A 308 -9.41 41.21 32.49
CA ILE A 308 -10.10 40.34 31.54
C ILE A 308 -11.31 39.65 32.14
N PRO A 309 -11.27 39.08 33.33
CA PRO A 309 -12.45 38.36 33.84
C PRO A 309 -13.73 39.18 33.86
N PHE A 310 -13.63 40.48 34.16
CA PHE A 310 -14.83 41.30 34.24
C PHE A 310 -15.16 41.91 32.89
N ARG A 311 -14.14 42.18 32.08
CA ARG A 311 -14.40 42.78 30.78
C ARG A 311 -15.03 41.75 29.84
N SER A 312 -14.81 40.47 30.09
CA SER A 312 -15.53 39.45 29.35
C SER A 312 -17.04 39.56 29.57
N ILE A 313 -17.44 39.64 30.83
CA ILE A 313 -18.86 39.78 31.15
C ILE A 313 -19.41 41.07 30.58
N ARG A 314 -18.69 42.17 30.75
CA ARG A 314 -19.19 43.44 30.26
C ARG A 314 -19.27 43.48 28.75
N ASP A 315 -18.38 42.77 28.05
CA ASP A 315 -18.40 42.71 26.60
C ASP A 315 -19.51 41.81 26.07
N HIS A 316 -20.06 40.91 26.89
CA HIS A 316 -21.25 40.20 26.43
C HIS A 316 -22.43 41.11 26.15
N HIS A 317 -22.44 42.33 26.69
CA HIS A 317 -23.57 43.26 26.55
C HIS A 317 -23.24 44.41 25.62
N SER A 318 -22.30 44.24 24.71
CA SER A 318 -21.80 45.32 23.88
C SER A 318 -22.18 45.15 22.42
N TYR A 319 -23.33 44.53 22.15
CA TYR A 319 -23.73 44.30 20.77
C TYR A 319 -24.68 45.37 20.23
N GLU A 320 -24.99 46.38 21.04
CA GLU A 320 -25.76 47.51 20.53
C GLU A 320 -24.84 48.58 19.97
N GLU A 321 -23.78 48.91 20.71
CA GLU A 321 -22.76 49.80 20.16
C GLU A 321 -22.17 49.22 18.89
N LEU A 322 -22.05 47.90 18.83
CA LEU A 322 -21.50 47.27 17.64
C LEU A 322 -22.43 47.46 16.45
N VAL A 323 -23.72 47.23 16.64
CA VAL A 323 -24.62 47.26 15.50
C VAL A 323 -24.86 48.69 15.02
N GLN A 324 -24.92 49.67 15.91
CA GLN A 324 -25.22 51.02 15.43
C GLN A 324 -24.02 51.65 14.75
N SER A 325 -22.83 51.14 14.98
CA SER A 325 -21.59 51.78 14.54
C SER A 325 -20.67 50.84 13.79
N MET A 326 -21.21 50.02 12.90
CA MET A 326 -20.38 49.07 12.16
C MET A 326 -19.96 49.58 10.79
N GLY A 327 -20.56 50.67 10.31
CA GLY A 327 -20.10 51.22 9.05
C GLY A 327 -18.82 52.01 9.17
N LYS A 328 -18.41 52.35 10.39
CA LYS A 328 -17.23 53.15 10.63
C LYS A 328 -16.00 52.32 10.93
N LYS A 329 -16.06 51.01 10.77
CA LYS A 329 -14.92 50.13 11.01
C LYS A 329 -14.45 49.51 9.71
N LEU A 330 -13.16 49.18 9.66
CA LEU A 330 -12.58 48.56 8.48
C LEU A 330 -12.92 47.07 8.47
N PHE A 331 -13.24 46.55 7.29
CA PHE A 331 -13.63 45.16 7.11
C PHE A 331 -12.55 44.41 6.36
N ASN A 332 -12.21 43.21 6.84
CA ASN A 332 -11.23 42.36 6.19
C ASN A 332 -11.63 40.91 6.34
N HIS A 333 -11.62 40.18 5.23
CA HIS A 333 -11.92 38.75 5.20
C HIS A 333 -10.60 37.99 5.37
N LEU A 334 -10.49 37.22 6.45
CA LEU A 334 -9.19 36.67 6.84
C LEU A 334 -8.74 35.55 5.89
N ASP A 335 -9.67 34.72 5.42
CA ASP A 335 -9.26 33.56 4.65
C ASP A 335 -8.52 33.95 3.39
N GLY A 336 -9.02 34.96 2.67
CA GLY A 336 -8.43 35.38 1.42
C GLY A 336 -7.19 36.25 1.58
N GLU A 337 -7.30 37.32 2.36
CA GLU A 337 -6.22 38.29 2.46
C GLU A 337 -5.00 37.69 3.14
N ASN A 338 -3.82 38.12 2.68
CA ASN A 338 -2.56 37.46 2.97
C ASN A 338 -1.65 38.23 3.92
N SER A 339 -2.01 39.45 4.28
CA SER A 339 -1.26 40.24 5.25
C SER A 339 -1.93 40.09 6.61
N ILE A 340 -1.97 38.85 7.10
CA ILE A 340 -2.68 38.56 8.34
C ILE A 340 -1.90 38.99 9.58
N GLU A 341 -0.63 39.37 9.43
CA GLU A 341 0.16 39.70 10.62
C GLU A 341 -0.38 40.95 11.30
N SER A 342 -0.63 42.01 10.52
CA SER A 342 -1.17 43.25 11.06
C SER A 342 -2.56 43.02 11.64
N THR A 343 -3.41 42.28 10.91
CA THR A 343 -4.75 41.98 11.39
C THR A 343 -4.71 41.22 12.71
N LEU A 344 -3.94 40.14 12.74
CA LEU A 344 -4.03 39.22 13.87
C LEU A 344 -3.33 39.79 15.09
N ASN A 345 -2.35 40.68 14.92
CA ASN A 345 -1.84 41.38 16.09
C ASN A 345 -2.77 42.49 16.53
N ASP A 346 -3.55 43.05 15.60
CA ASP A 346 -4.59 44.00 15.97
C ASP A 346 -5.64 43.32 16.86
N LEU A 347 -6.02 42.08 16.54
CA LEU A 347 -6.90 41.33 17.42
C LEU A 347 -6.24 40.96 18.74
N GLY A 348 -4.92 41.05 18.85
CA GLY A 348 -4.23 40.75 20.08
C GLY A 348 -3.55 39.41 20.14
N VAL A 349 -3.49 38.67 19.05
CA VAL A 349 -2.90 37.35 19.02
C VAL A 349 -1.39 37.48 19.12
N SER A 350 -0.74 36.52 19.79
CA SER A 350 0.71 36.47 19.89
C SER A 350 1.29 35.90 18.60
N THR A 351 2.55 35.48 18.63
CA THR A 351 3.19 34.94 17.44
C THR A 351 2.98 33.44 17.31
N ARG A 352 3.00 32.72 18.44
CA ARG A 352 2.64 31.32 18.43
C ARG A 352 1.22 31.11 17.93
N GLY A 353 0.27 31.87 18.49
CA GLY A 353 -1.10 31.75 18.05
C GLY A 353 -1.24 32.04 16.57
N ARG A 354 -0.48 33.03 16.09
CA ARG A 354 -0.54 33.39 14.69
C ARG A 354 -0.03 32.26 13.80
N GLN A 355 1.03 31.59 14.23
CA GLN A 355 1.53 30.44 13.47
C GLN A 355 0.52 29.30 13.44
N TYR A 356 -0.17 29.08 14.56
CA TYR A 356 -1.19 28.03 14.59
C TYR A 356 -2.35 28.35 13.64
N VAL A 357 -2.79 29.60 13.61
CA VAL A 357 -3.88 29.99 12.72
C VAL A 357 -3.44 29.86 11.25
N GLN A 358 -2.21 30.27 10.97
CA GLN A 358 -1.67 30.09 9.63
C GLN A 358 -1.63 28.62 9.23
N ALA A 359 -1.26 27.74 10.16
CA ALA A 359 -1.25 26.32 9.90
C ALA A 359 -2.63 25.82 9.48
N ALA A 360 -3.67 26.25 10.20
CA ALA A 360 -5.03 25.84 9.86
C ALA A 360 -5.41 26.23 8.43
N LEU A 361 -5.12 27.49 8.06
CA LEU A 361 -5.46 27.93 6.70
C LEU A 361 -4.66 27.16 5.65
N GLU A 362 -3.38 26.91 5.92
CA GLU A 362 -2.55 26.16 4.98
C GLU A 362 -3.11 24.76 4.74
N GLU A 363 -3.59 24.12 5.80
CA GLU A 363 -4.14 22.77 5.63
C GLU A 363 -5.38 22.79 4.77
N GLU A 364 -6.20 23.84 4.87
CA GLU A 364 -7.31 23.95 3.93
C GLU A 364 -6.80 24.03 2.48
N LYS A 365 -5.75 24.81 2.24
CA LYS A 365 -5.20 24.91 0.88
C LYS A 365 -4.68 23.57 0.39
N LYS A 366 -4.04 22.81 1.27
CA LYS A 366 -3.54 21.48 0.92
C LYS A 366 -4.69 20.55 0.50
N ARG A 367 -5.82 20.63 1.20
CA ARG A 367 -6.98 19.83 0.79
C ARG A 367 -7.43 20.21 -0.62
N VAL A 368 -7.44 21.51 -0.93
CA VAL A 368 -7.89 21.93 -2.26
C VAL A 368 -6.95 21.41 -3.35
N GLU A 369 -5.64 21.43 -3.09
CA GLU A 369 -4.70 20.92 -4.09
C GLU A 369 -4.80 19.39 -4.24
N ASN A 370 -5.11 18.68 -3.16
CA ASN A 370 -5.40 17.26 -3.27
C ASN A 370 -6.54 17.01 -4.25
N GLN A 371 -7.60 17.80 -4.12
CA GLN A 371 -8.73 17.62 -5.03
C GLN A 371 -8.34 17.91 -6.47
N LYS A 372 -7.49 18.92 -6.69
CA LYS A 372 -7.01 19.21 -8.03
C LYS A 372 -6.26 18.01 -8.63
N LYS A 373 -5.39 17.39 -7.84
CA LYS A 373 -4.64 16.22 -8.31
C LYS A 373 -5.58 15.06 -8.67
N ILE A 374 -6.60 14.83 -7.85
CA ILE A 374 -7.50 13.72 -8.13
C ILE A 374 -8.28 13.97 -9.42
N ILE A 375 -8.75 15.21 -9.62
CA ILE A 375 -9.50 15.52 -10.84
C ILE A 375 -8.60 15.34 -12.06
N GLN A 376 -7.35 15.79 -11.95
CA GLN A 376 -6.40 15.58 -13.05
C GLN A 376 -6.23 14.11 -13.38
N VAL A 377 -6.11 13.26 -12.35
CA VAL A 377 -5.93 11.83 -12.60
C VAL A 377 -7.15 11.23 -13.30
N ILE A 378 -8.34 11.53 -12.80
CA ILE A 378 -9.52 10.88 -13.36
C ILE A 378 -9.98 11.48 -14.66
N GLU A 379 -9.41 12.61 -15.09
CA GLU A 379 -9.73 13.16 -16.39
C GLU A 379 -8.88 12.63 -17.53
N GLN A 380 -7.82 11.87 -17.23
CA GLN A 380 -6.86 11.48 -18.25
C GLN A 380 -7.45 10.44 -19.19
N GLU A 381 -6.61 9.95 -20.10
CA GLU A 381 -7.07 9.12 -21.18
C GLU A 381 -6.79 7.63 -20.95
N ARG A 382 -5.73 7.31 -20.22
CA ARG A 382 -5.47 5.91 -19.89
C ARG A 382 -6.51 5.36 -18.91
N PHE A 383 -6.92 6.17 -17.94
CA PHE A 383 -7.99 5.77 -17.03
C PHE A 383 -9.27 5.46 -17.79
N LEU A 384 -9.67 6.37 -18.69
CA LEU A 384 -10.93 6.17 -19.40
C LEU A 384 -10.83 5.12 -20.48
N LYS A 385 -9.64 4.85 -21.02
CA LYS A 385 -9.49 3.68 -21.87
C LYS A 385 -9.69 2.39 -21.10
N LYS A 386 -9.17 2.33 -19.88
CA LYS A 386 -9.44 1.17 -19.03
C LYS A 386 -10.93 0.99 -18.82
N LEU A 387 -11.65 2.09 -18.59
CA LEU A 387 -13.09 1.95 -18.36
C LEU A 387 -13.87 1.69 -19.65
N ALA A 388 -13.38 2.13 -20.80
CA ALA A 388 -14.07 1.95 -22.07
C ALA A 388 -13.78 0.63 -22.76
N TRP A 389 -12.67 -0.03 -22.41
CA TRP A 389 -12.38 -1.35 -22.95
C TRP A 389 -13.36 -2.40 -22.41
N ILE A 390 -13.78 -2.27 -21.16
CA ILE A 390 -14.79 -3.19 -20.62
C ILE A 390 -16.13 -2.93 -21.27
N GLU A 391 -16.47 -1.65 -21.47
CA GLU A 391 -17.77 -1.30 -22.04
C GLU A 391 -17.89 -1.77 -23.48
N ASP A 392 -16.86 -1.52 -24.30
CA ASP A 392 -17.03 -1.65 -25.73
C ASP A 392 -16.37 -2.87 -26.34
N GLU A 393 -15.45 -3.53 -25.64
CA GLU A 393 -14.76 -4.68 -26.20
C GLU A 393 -15.05 -5.98 -25.46
N TYR A 394 -14.87 -6.02 -24.14
CA TYR A 394 -15.08 -7.26 -23.40
C TYR A 394 -16.55 -7.66 -23.39
N LYS A 395 -17.42 -6.73 -23.02
CA LYS A 395 -18.83 -7.03 -22.86
C LYS A 395 -19.53 -7.45 -24.16
N PRO A 396 -19.29 -6.80 -25.31
CA PRO A 396 -19.93 -7.31 -26.54
C PRO A 396 -19.44 -8.66 -26.99
N LYS A 397 -18.14 -8.93 -26.95
CA LYS A 397 -17.67 -10.27 -27.31
C LYS A 397 -18.18 -11.33 -26.37
N CYS A 398 -18.41 -10.99 -25.10
CA CYS A 398 -18.99 -11.97 -24.21
C CYS A 398 -20.51 -12.09 -24.38
N GLN A 399 -21.15 -11.07 -24.95
CA GLN A 399 -22.56 -11.21 -25.33
C GLN A 399 -22.71 -12.03 -26.60
N ALA A 400 -21.71 -12.04 -27.46
CA ALA A 400 -21.80 -12.81 -28.70
C ALA A 400 -21.47 -14.29 -28.52
N HIS A 401 -20.86 -14.67 -27.41
CA HIS A 401 -20.69 -16.08 -27.08
C HIS A 401 -21.92 -16.68 -26.42
N LYS A 402 -22.94 -15.86 -26.13
CA LYS A 402 -24.21 -16.32 -25.59
C LYS A 402 -24.07 -16.82 -24.15
N ASN A 403 -23.19 -16.22 -23.36
CA ASN A 403 -23.21 -16.46 -21.92
C ASN A 403 -22.97 -15.25 -21.03
N GLY A 404 -22.46 -14.13 -21.54
CA GLY A 404 -22.32 -12.94 -20.73
C GLY A 404 -20.96 -12.83 -20.06
N TYR A 405 -20.62 -11.61 -19.64
CA TYR A 405 -19.23 -11.39 -19.29
C TYR A 405 -18.96 -11.83 -17.85
N TYR A 406 -20.01 -11.96 -17.03
CA TYR A 406 -19.86 -12.56 -15.71
C TYR A 406 -19.38 -14.00 -15.80
N ASP A 407 -20.09 -14.82 -16.57
CA ASP A 407 -19.74 -16.23 -16.69
C ASP A 407 -18.49 -16.42 -17.53
N SER A 408 -18.31 -15.58 -18.54
CA SER A 408 -17.07 -15.58 -19.30
C SER A 408 -15.86 -15.34 -18.39
N PHE A 409 -15.94 -14.33 -17.50
CA PHE A 409 -14.86 -14.08 -16.56
C PHE A 409 -14.70 -15.24 -15.58
N LYS A 410 -15.81 -15.80 -15.11
CA LYS A 410 -15.75 -16.85 -14.10
C LYS A 410 -15.16 -18.14 -14.65
N VAL A 411 -15.20 -18.36 -15.97
CA VAL A 411 -14.54 -19.53 -16.54
C VAL A 411 -13.08 -19.22 -16.86
N SER A 412 -12.82 -18.07 -17.48
CA SER A 412 -11.48 -17.49 -17.62
C SER A 412 -10.54 -18.36 -18.46
N ASN A 413 -10.90 -18.55 -19.72
CA ASN A 413 -10.17 -19.45 -20.61
C ASN A 413 -9.35 -18.73 -21.67
N GLU A 414 -9.22 -17.42 -21.60
CA GLU A 414 -8.60 -16.66 -22.68
C GLU A 414 -7.75 -15.52 -22.11
N GLU A 415 -6.91 -14.95 -22.97
CA GLU A 415 -6.12 -13.78 -22.58
C GLU A 415 -6.99 -12.55 -22.37
N ASN A 416 -8.18 -12.51 -22.99
CA ASN A 416 -9.11 -11.42 -22.75
C ASN A 416 -9.52 -11.39 -21.29
N ASP A 417 -9.67 -12.55 -20.67
CA ASP A 417 -9.98 -12.60 -19.24
C ASP A 417 -8.79 -12.18 -18.38
N PHE A 418 -7.57 -12.57 -18.75
CA PHE A 418 -6.40 -12.09 -18.04
C PHE A 418 -6.32 -10.57 -18.10
N LYS A 419 -6.67 -10.01 -19.26
CA LYS A 419 -6.66 -8.56 -19.43
C LYS A 419 -7.75 -7.89 -18.60
N ALA A 420 -8.94 -8.49 -18.55
CA ALA A 420 -10.00 -7.95 -17.70
C ALA A 420 -9.59 -7.98 -16.23
N ASN A 421 -8.93 -9.06 -15.79
CA ASN A 421 -8.50 -9.17 -14.39
C ASN A 421 -7.45 -8.11 -14.04
N VAL A 422 -6.48 -7.90 -14.93
CA VAL A 422 -5.46 -6.90 -14.63
C VAL A 422 -6.05 -5.48 -14.65
N LYS A 423 -6.97 -5.22 -15.58
CA LYS A 423 -7.65 -3.91 -15.60
C LYS A 423 -8.48 -3.70 -14.34
N ARG A 424 -9.20 -4.74 -13.91
CA ARG A 424 -9.99 -4.68 -12.69
C ARG A 424 -9.13 -4.32 -11.49
N ALA A 425 -7.96 -4.96 -11.38
CA ALA A 425 -7.07 -4.66 -10.27
C ALA A 425 -6.55 -3.21 -10.31
N GLU A 426 -6.27 -2.70 -11.50
CA GLU A 426 -5.76 -1.34 -11.63
C GLU A 426 -6.80 -0.29 -11.20
N LEU A 427 -8.03 -0.45 -11.69
CA LEU A 427 -9.10 0.44 -11.26
C LEU A 427 -9.36 0.32 -9.76
N ALA A 428 -9.25 -0.90 -9.22
CA ALA A 428 -9.40 -1.09 -7.78
C ALA A 428 -8.40 -0.24 -7.03
N GLY A 429 -7.15 -0.27 -7.44
CA GLY A 429 -6.14 0.54 -6.76
C GLY A 429 -6.47 2.02 -6.78
N VAL A 430 -6.92 2.54 -7.92
CA VAL A 430 -7.16 3.99 -8.00
C VAL A 430 -8.31 4.42 -7.08
N PHE A 431 -9.43 3.69 -7.12
CA PHE A 431 -10.54 4.07 -6.25
C PHE A 431 -10.23 3.85 -4.78
N ASP A 432 -9.37 2.88 -4.45
CA ASP A 432 -8.95 2.69 -3.07
C ASP A 432 -8.11 3.86 -2.56
N GLU A 433 -7.24 4.41 -3.41
CA GLU A 433 -6.44 5.57 -2.99
C GLU A 433 -7.32 6.78 -2.74
N VAL A 434 -8.32 7.01 -3.61
CA VAL A 434 -9.24 8.12 -3.32
C VAL A 434 -9.98 7.90 -2.01
N LEU A 435 -10.49 6.69 -1.77
CA LEU A 435 -11.22 6.42 -0.54
C LEU A 435 -10.33 6.67 0.69
N GLY A 436 -9.08 6.26 0.61
CA GLY A 436 -8.17 6.49 1.73
C GLY A 436 -7.94 7.96 2.01
N LEU A 437 -7.87 8.79 0.96
CA LEU A 437 -7.77 10.22 1.20
C LEU A 437 -9.04 10.77 1.84
N MET A 438 -10.20 10.21 1.50
CA MET A 438 -11.44 10.66 2.14
C MET A 438 -11.50 10.27 3.61
N LYS A 439 -10.92 9.13 3.98
CA LYS A 439 -11.09 8.64 5.34
C LYS A 439 -10.23 9.41 6.33
N LYS A 440 -9.17 10.05 5.87
CA LYS A 440 -8.32 10.84 6.74
C LYS A 440 -8.70 12.30 6.79
N CYS A 441 -9.77 12.70 6.12
CA CYS A 441 -10.18 14.10 6.03
C CYS A 441 -9.10 14.93 5.34
N GLN A 442 -8.61 14.45 4.21
CA GLN A 442 -7.61 15.11 3.39
C GLN A 442 -8.23 15.82 2.19
N LEU A 443 -9.55 15.80 2.07
CA LEU A 443 -10.30 16.38 0.97
C LEU A 443 -11.32 17.37 1.52
N PRO A 444 -11.77 18.32 0.71
CA PRO A 444 -12.71 19.33 1.21
C PRO A 444 -14.09 18.74 1.47
N ASP A 445 -14.89 19.51 2.22
CA ASP A 445 -16.17 19.01 2.71
C ASP A 445 -17.13 18.67 1.57
N GLU A 446 -17.00 19.33 0.43
CA GLU A 446 -17.98 19.20 -0.63
C GLU A 446 -17.60 18.17 -1.69
N PHE A 447 -16.57 17.36 -1.46
CA PHE A 447 -16.16 16.37 -2.46
C PHE A 447 -17.23 15.31 -2.67
N GLU A 448 -17.85 14.84 -1.59
CA GLU A 448 -18.85 13.78 -1.71
C GLU A 448 -20.11 14.25 -2.40
N GLY A 449 -20.31 15.55 -2.51
CA GLY A 449 -21.45 16.11 -3.18
C GLY A 449 -21.19 16.59 -4.59
N ASP A 450 -19.94 16.52 -5.05
CA ASP A 450 -19.61 16.88 -6.42
C ASP A 450 -20.33 15.93 -7.38
N ILE A 451 -20.78 16.46 -8.50
CA ILE A 451 -21.63 15.67 -9.39
C ILE A 451 -20.82 14.91 -10.44
N ASP A 452 -19.69 15.45 -10.86
CA ASP A 452 -18.79 14.69 -11.72
C ASP A 452 -18.31 13.41 -11.04
N TRP A 453 -17.94 13.53 -9.76
CA TRP A 453 -17.50 12.38 -9.00
C TRP A 453 -18.60 11.34 -8.85
N ILE A 454 -19.83 11.79 -8.59
CA ILE A 454 -20.93 10.84 -8.42
C ILE A 454 -21.19 10.09 -9.72
N LYS A 455 -21.16 10.80 -10.85
CA LYS A 455 -21.36 10.14 -12.13
C LYS A 455 -20.26 9.12 -12.44
N LEU A 456 -19.00 9.50 -12.19
CA LEU A 456 -17.90 8.58 -12.43
C LEU A 456 -18.00 7.36 -11.54
N ALA A 457 -18.17 7.56 -10.24
CA ALA A 457 -18.21 6.44 -9.31
C ALA A 457 -19.40 5.54 -9.59
N THR A 458 -20.51 6.08 -10.07
CA THR A 458 -21.66 5.23 -10.36
C THR A 458 -21.41 4.37 -11.61
N ARG A 459 -20.81 4.96 -12.64
CA ARG A 459 -20.45 4.19 -13.83
C ARG A 459 -19.47 3.07 -13.49
N TYR A 460 -18.45 3.39 -12.71
CA TYR A 460 -17.47 2.40 -12.30
C TYR A 460 -18.11 1.27 -11.51
N ARG A 461 -18.92 1.62 -10.51
CA ARG A 461 -19.50 0.58 -9.67
C ARG A 461 -20.37 -0.35 -10.51
N ARG A 462 -21.22 0.23 -11.37
CA ARG A 462 -22.13 -0.60 -12.14
C ARG A 462 -21.43 -1.45 -13.19
N LEU A 463 -20.31 -1.00 -13.75
CA LEU A 463 -19.57 -1.90 -14.65
C LEU A 463 -18.83 -2.99 -13.91
N VAL A 464 -18.08 -2.62 -12.89
CA VAL A 464 -17.02 -3.48 -12.40
C VAL A 464 -17.41 -4.33 -11.17
N GLU A 465 -18.43 -3.96 -10.41
CA GLU A 465 -18.73 -4.78 -9.25
C GLU A 465 -19.10 -6.21 -9.60
N PRO A 466 -19.85 -6.50 -10.67
CA PRO A 466 -20.07 -7.90 -11.04
C PRO A 466 -18.76 -8.68 -11.20
N LEU A 467 -17.69 -8.06 -11.70
CA LEU A 467 -16.43 -8.77 -11.85
C LEU A 467 -15.73 -9.03 -10.53
N ASP A 468 -15.85 -8.14 -9.55
CA ASP A 468 -15.35 -8.43 -8.21
C ASP A 468 -16.11 -9.60 -7.59
N ILE A 469 -17.42 -9.67 -7.81
CA ILE A 469 -18.18 -10.80 -7.28
C ILE A 469 -17.80 -12.10 -8.01
N ALA A 470 -17.57 -12.02 -9.32
CA ALA A 470 -17.12 -13.19 -10.06
C ALA A 470 -15.75 -13.64 -9.59
N ASN A 471 -14.87 -12.70 -9.25
CA ASN A 471 -13.57 -13.08 -8.69
C ASN A 471 -13.73 -13.77 -7.34
N TYR A 472 -14.60 -13.23 -6.48
CA TYR A 472 -14.83 -13.81 -5.16
C TYR A 472 -15.32 -15.24 -5.26
N HIS A 473 -16.24 -15.53 -6.18
CA HIS A 473 -16.85 -16.86 -6.24
C HIS A 473 -16.12 -17.84 -7.16
N ARG A 474 -15.44 -17.32 -8.18
CA ARG A 474 -14.62 -18.11 -9.09
C ARG A 474 -13.62 -18.99 -8.35
N HIS A 475 -12.97 -18.45 -7.33
CA HIS A 475 -11.83 -19.08 -6.69
C HIS A 475 -12.12 -19.50 -5.26
N LEU A 476 -13.40 -19.71 -4.94
CA LEU A 476 -13.83 -20.28 -3.67
C LEU A 476 -13.46 -19.41 -2.48
N LYS A 477 -13.32 -18.11 -2.68
CA LYS A 477 -13.01 -17.22 -1.57
C LYS A 477 -14.15 -17.09 -0.58
N ASN A 478 -15.35 -17.57 -0.91
CA ASN A 478 -16.50 -17.48 -0.04
C ASN A 478 -16.60 -18.64 0.94
N GLU A 479 -15.67 -19.58 0.88
CA GLU A 479 -15.55 -20.62 1.86
C GLU A 479 -14.40 -20.38 2.82
N ASP A 480 -13.71 -19.26 2.67
CA ASP A 480 -12.63 -18.88 3.56
C ASP A 480 -12.99 -17.70 4.43
N THR A 481 -13.91 -16.85 3.98
CA THR A 481 -14.29 -15.67 4.74
C THR A 481 -15.81 -15.45 4.76
N GLY A 482 -16.60 -16.39 4.27
CA GLY A 482 -18.03 -16.29 4.36
C GLY A 482 -18.69 -15.67 3.15
N PRO A 483 -19.97 -15.34 3.27
CA PRO A 483 -20.68 -14.72 2.15
C PRO A 483 -20.13 -13.33 1.82
N TYR A 484 -20.34 -12.94 0.57
CA TYR A 484 -19.76 -11.70 0.07
C TYR A 484 -20.31 -10.49 0.79
N MET A 485 -21.63 -10.42 0.97
CA MET A 485 -22.24 -9.18 1.42
C MET A 485 -21.86 -8.82 2.85
N LYS A 486 -21.26 -9.75 3.57
CA LYS A 486 -20.98 -9.52 4.98
C LYS A 486 -19.54 -9.08 5.23
N ARG A 487 -18.56 -9.92 4.87
CA ARG A 487 -17.15 -9.58 5.08
C ARG A 487 -16.35 -9.47 3.80
N GLY A 488 -16.97 -9.66 2.64
CA GLY A 488 -16.22 -9.64 1.42
C GLY A 488 -16.27 -8.33 0.68
N ARG A 489 -17.37 -7.59 0.81
CA ARG A 489 -17.60 -6.44 -0.05
C ARG A 489 -16.64 -5.31 0.28
N PRO A 490 -15.98 -4.72 -0.72
CA PRO A 490 -15.10 -3.58 -0.47
C PRO A 490 -15.86 -2.32 -0.10
N THR A 491 -15.16 -1.42 0.58
CA THR A 491 -15.74 -0.19 1.08
C THR A 491 -16.00 0.85 0.00
N ARG A 492 -15.21 0.87 -1.07
CA ARG A 492 -15.42 1.81 -2.17
C ARG A 492 -16.81 1.66 -2.77
N TYR A 493 -17.28 0.44 -2.95
CA TYR A 493 -18.59 0.21 -3.54
C TYR A 493 -19.71 0.70 -2.62
N ILE A 494 -19.56 0.48 -1.32
CA ILE A 494 -20.55 0.97 -0.36
C ILE A 494 -20.59 2.49 -0.37
N TYR A 495 -19.43 3.13 -0.39
CA TYR A 495 -19.39 4.59 -0.43
C TYR A 495 -20.06 5.13 -1.67
N ALA A 496 -19.78 4.53 -2.83
CA ALA A 496 -20.39 4.97 -4.08
C ALA A 496 -21.90 4.79 -4.04
N GLN A 497 -22.37 3.65 -3.53
CA GLN A 497 -23.80 3.40 -3.44
C GLN A 497 -24.49 4.45 -2.58
N ARG A 498 -23.91 4.74 -1.41
CA ARG A 498 -24.51 5.72 -0.50
C ARG A 498 -24.54 7.11 -1.10
N GLY A 499 -23.45 7.52 -1.77
CA GLY A 499 -23.45 8.84 -2.39
C GLY A 499 -24.50 9.00 -3.47
N TYR A 500 -24.65 7.99 -4.32
CA TYR A 500 -25.67 8.06 -5.36
C TYR A 500 -27.09 8.07 -4.78
N GLU A 501 -27.34 7.23 -3.79
CA GLU A 501 -28.67 7.18 -3.19
C GLU A 501 -29.02 8.50 -2.53
N HIS A 502 -28.06 9.12 -1.84
CA HIS A 502 -28.31 10.44 -1.28
C HIS A 502 -28.61 11.45 -2.37
N TYR A 503 -27.82 11.43 -3.45
CA TYR A 503 -28.00 12.45 -4.49
C TYR A 503 -29.39 12.37 -5.11
N ILE A 504 -29.89 11.16 -5.37
CA ILE A 504 -31.23 11.07 -5.94
C ILE A 504 -32.36 11.26 -4.95
N LEU A 505 -32.27 10.68 -3.76
CA LEU A 505 -33.41 10.65 -2.84
C LEU A 505 -33.67 11.97 -2.15
N LYS A 506 -32.78 12.94 -2.27
CA LYS A 506 -33.08 14.28 -1.81
C LYS A 506 -33.27 15.21 -3.01
N SER A 541 -29.74 -7.83 -1.71
CA SER A 541 -30.85 -7.32 -2.50
C SER A 541 -31.27 -5.93 -2.08
N GLU A 542 -30.30 -5.12 -1.67
CA GLU A 542 -30.58 -3.71 -1.44
C GLU A 542 -29.99 -2.86 -2.55
N CYS A 543 -28.86 -3.26 -3.11
CA CYS A 543 -28.29 -2.61 -4.27
C CYS A 543 -28.43 -3.49 -5.51
N GLY A 544 -28.54 -2.84 -6.67
CA GLY A 544 -28.67 -3.57 -7.92
C GLY A 544 -27.36 -4.08 -8.46
N SER A 545 -26.25 -3.41 -8.15
CA SER A 545 -24.95 -3.88 -8.63
C SER A 545 -24.51 -5.13 -7.90
N CYS A 546 -25.07 -5.38 -6.71
CA CYS A 546 -24.85 -6.62 -5.97
C CYS A 546 -25.87 -7.68 -6.31
N PHE A 547 -26.46 -7.63 -7.49
CA PHE A 547 -27.42 -8.64 -7.93
C PHE A 547 -26.82 -10.03 -7.88
N TRP A 548 -25.64 -10.19 -8.48
CA TRP A 548 -25.06 -11.51 -8.67
C TRP A 548 -24.75 -12.19 -7.34
N ALA A 549 -24.25 -11.44 -6.37
CA ALA A 549 -24.01 -12.02 -5.05
C ALA A 549 -25.23 -12.78 -4.56
N GLU A 550 -26.41 -12.15 -4.66
CA GLU A 550 -27.61 -12.81 -4.16
C GLU A 550 -27.87 -14.11 -4.88
N VAL A 551 -27.73 -14.15 -6.21
CA VAL A 551 -28.05 -15.39 -6.91
C VAL A 551 -27.01 -16.45 -6.58
N GLU A 552 -25.81 -16.06 -6.16
CA GLU A 552 -24.86 -17.07 -5.76
C GLU A 552 -25.18 -17.63 -4.39
N GLU A 553 -25.79 -16.82 -3.52
CA GLU A 553 -26.16 -17.34 -2.22
C GLU A 553 -27.41 -18.21 -2.30
N LEU A 554 -28.25 -17.95 -3.28
CA LEU A 554 -29.60 -18.50 -3.25
C LEU A 554 -29.70 -19.83 -3.98
N LYS A 555 -28.79 -20.11 -4.91
CA LYS A 555 -28.93 -21.32 -5.71
C LYS A 555 -28.31 -22.52 -5.01
N GLY A 556 -28.72 -23.70 -5.47
CA GLY A 556 -28.33 -24.92 -4.79
C GLY A 556 -29.04 -25.19 -3.49
N LYS A 557 -30.09 -24.45 -3.17
CA LYS A 557 -30.82 -24.65 -1.93
C LYS A 557 -32.24 -25.15 -2.22
N PRO A 558 -32.80 -25.96 -1.32
CA PRO A 558 -34.20 -26.38 -1.50
C PRO A 558 -35.12 -25.17 -1.46
N TYR A 559 -36.18 -25.24 -2.26
CA TYR A 559 -36.99 -24.05 -2.53
C TYR A 559 -37.81 -23.59 -1.34
N GLU A 560 -38.10 -24.48 -0.39
CA GLU A 560 -38.87 -24.09 0.78
C GLU A 560 -38.13 -23.04 1.61
N GLU A 561 -36.83 -23.21 1.79
CA GLU A 561 -36.06 -22.31 2.61
C GLU A 561 -35.80 -20.96 1.93
N VAL A 562 -35.92 -20.89 0.61
CA VAL A 562 -35.54 -19.69 -0.13
C VAL A 562 -36.72 -19.07 -0.87
N GLU A 563 -37.94 -19.48 -0.56
CA GLU A 563 -39.14 -18.86 -1.12
C GLU A 563 -39.14 -17.33 -0.98
N VAL A 564 -38.94 -16.84 0.24
CA VAL A 564 -39.06 -15.41 0.49
C VAL A 564 -37.99 -14.63 -0.24
N ARG A 565 -36.74 -15.09 -0.19
CA ARG A 565 -35.65 -14.34 -0.78
C ARG A 565 -35.73 -14.34 -2.30
N VAL A 566 -36.12 -15.47 -2.91
CA VAL A 566 -36.29 -15.48 -4.35
C VAL A 566 -37.44 -14.56 -4.74
N LYS A 567 -38.49 -14.48 -3.92
CA LYS A 567 -39.59 -13.58 -4.24
C LYS A 567 -39.17 -12.13 -4.19
N THR A 568 -38.41 -11.73 -3.16
CA THR A 568 -37.96 -10.35 -3.10
C THR A 568 -37.05 -10.01 -4.29
N LEU A 569 -36.18 -10.94 -4.68
CA LEU A 569 -35.28 -10.68 -5.81
C LEU A 569 -36.06 -10.50 -7.10
N GLU A 570 -36.94 -11.44 -7.41
CA GLU A 570 -37.71 -11.34 -8.65
C GLU A 570 -38.73 -10.22 -8.59
N GLY A 571 -38.97 -9.67 -7.39
CA GLY A 571 -39.78 -8.47 -7.31
C GLY A 571 -39.02 -7.22 -7.68
N MET A 572 -37.76 -7.12 -7.25
CA MET A 572 -37.01 -5.89 -7.53
C MET A 572 -36.31 -5.90 -8.89
N LEU A 573 -36.35 -7.02 -9.61
CA LEU A 573 -35.65 -7.10 -10.89
C LEU A 573 -36.17 -6.10 -11.91
N GLY A 574 -37.48 -5.84 -11.94
CA GLY A 574 -38.01 -4.90 -12.93
C GLY A 574 -37.52 -3.48 -12.73
N GLU A 575 -37.56 -3.02 -11.48
CA GLU A 575 -37.04 -1.69 -11.17
C GLU A 575 -35.56 -1.60 -11.50
N TRP A 576 -34.79 -2.65 -11.19
CA TRP A 576 -33.37 -2.60 -11.51
C TRP A 576 -33.13 -2.52 -13.01
N ILE A 577 -33.88 -3.30 -13.78
CA ILE A 577 -33.67 -3.31 -15.23
C ILE A 577 -34.02 -1.97 -15.85
N THR A 578 -35.04 -1.29 -15.31
CA THR A 578 -35.35 0.04 -15.81
C THR A 578 -34.28 1.07 -15.44
N ASP A 579 -33.89 1.11 -14.17
CA ASP A 579 -32.96 2.16 -13.73
C ASP A 579 -31.62 2.09 -14.45
N GLY A 580 -31.27 0.91 -14.97
CA GLY A 580 -29.96 0.70 -15.55
C GLY A 580 -28.94 0.08 -14.64
N GLU A 581 -29.31 -0.35 -13.44
CA GLU A 581 -28.37 -1.03 -12.56
C GLU A 581 -27.98 -2.38 -13.14
N VAL A 582 -28.95 -3.14 -13.62
CA VAL A 582 -28.77 -4.43 -14.26
C VAL A 582 -29.07 -4.27 -15.74
N ASP A 583 -28.24 -4.88 -16.57
CA ASP A 583 -28.48 -4.92 -18.01
C ASP A 583 -29.42 -6.07 -18.34
N ASP A 584 -30.17 -5.91 -19.44
CA ASP A 584 -31.14 -6.93 -19.82
C ASP A 584 -30.63 -7.86 -20.93
N LYS A 585 -29.58 -7.47 -21.65
CA LYS A 585 -29.05 -8.34 -22.68
C LYS A 585 -28.19 -9.45 -22.11
N GLU A 586 -27.71 -9.30 -20.87
CA GLU A 586 -26.77 -10.23 -20.27
C GLU A 586 -27.45 -11.32 -19.46
N ILE A 587 -28.31 -10.92 -18.52
CA ILE A 587 -28.77 -11.85 -17.50
C ILE A 587 -29.74 -12.90 -18.02
N PHE A 588 -30.33 -12.70 -19.19
CA PHE A 588 -31.30 -13.65 -19.71
C PHE A 588 -30.72 -14.55 -20.79
N LEU A 589 -29.40 -14.54 -20.97
CA LEU A 589 -28.75 -15.33 -22.00
C LEU A 589 -28.81 -16.81 -21.67
N GLU A 590 -28.65 -17.63 -22.71
CA GLU A 590 -28.80 -19.07 -22.55
C GLU A 590 -27.73 -19.65 -21.63
N GLY A 591 -26.48 -19.26 -21.83
CA GLY A 591 -25.44 -19.83 -21.02
C GLY A 591 -25.30 -19.25 -19.66
N SER A 592 -26.14 -18.28 -19.30
CA SER A 592 -25.97 -17.53 -18.07
C SER A 592 -26.32 -18.37 -16.85
N THR A 593 -25.76 -17.99 -15.71
CA THR A 593 -25.96 -18.71 -14.47
C THR A 593 -27.36 -18.49 -13.91
N PHE A 594 -27.88 -17.27 -14.04
CA PHE A 594 -29.20 -16.97 -13.50
C PHE A 594 -30.29 -17.68 -14.28
N ARG A 595 -30.19 -17.75 -15.60
CA ARG A 595 -31.19 -18.48 -16.36
C ARG A 595 -31.18 -19.96 -16.02
N LYS A 596 -30.00 -20.56 -15.89
CA LYS A 596 -29.90 -21.97 -15.56
C LYS A 596 -30.26 -22.26 -14.12
N TRP A 597 -30.32 -21.26 -13.25
CA TRP A 597 -30.96 -21.51 -11.96
C TRP A 597 -32.46 -21.30 -12.01
N TRP A 598 -32.94 -20.30 -12.75
CA TRP A 598 -34.36 -19.99 -12.80
C TRP A 598 -35.14 -21.13 -13.43
N ILE A 599 -34.56 -21.79 -14.43
CA ILE A 599 -35.31 -22.82 -15.13
C ILE A 599 -35.60 -24.05 -14.27
N THR A 600 -34.82 -24.29 -13.22
CA THR A 600 -35.03 -25.48 -12.41
C THR A 600 -36.04 -25.29 -11.30
N LEU A 601 -36.64 -24.11 -11.18
CA LEU A 601 -37.64 -23.88 -10.14
C LEU A 601 -38.94 -24.61 -10.51
N PRO A 602 -39.82 -24.84 -9.55
CA PRO A 602 -41.05 -25.58 -9.85
C PRO A 602 -41.94 -24.84 -10.85
N LYS A 603 -42.61 -25.61 -11.70
CA LYS A 603 -43.53 -25.01 -12.67
C LYS A 603 -44.68 -24.30 -11.99
N ASN A 604 -45.01 -24.69 -10.75
CA ASN A 604 -45.97 -23.93 -9.97
C ASN A 604 -45.50 -22.51 -9.75
N HIS A 605 -44.21 -22.32 -9.42
CA HIS A 605 -43.66 -20.98 -9.33
C HIS A 605 -43.43 -20.37 -10.70
N LYS A 606 -42.94 -21.16 -11.65
CA LYS A 606 -42.63 -20.63 -12.98
C LYS A 606 -43.86 -20.22 -13.76
N SER A 607 -45.05 -20.57 -13.30
CA SER A 607 -46.27 -20.17 -13.99
C SER A 607 -46.72 -18.78 -13.59
N HIS A 608 -46.36 -18.32 -12.39
CA HIS A 608 -46.83 -17.05 -11.87
C HIS A 608 -45.70 -16.05 -11.65
N SER A 609 -44.51 -16.32 -12.14
CA SER A 609 -43.40 -15.42 -11.90
C SER A 609 -43.61 -14.10 -12.66
N PRO A 610 -43.10 -12.99 -12.11
CA PRO A 610 -43.17 -11.71 -12.84
C PRO A 610 -42.34 -11.66 -14.10
N LEU A 611 -41.58 -12.71 -14.44
CA LEU A 611 -40.64 -12.64 -15.55
C LEU A 611 -40.77 -13.84 -16.49
N ARG A 612 -41.89 -14.56 -16.45
CA ARG A 612 -41.96 -15.86 -17.12
C ARG A 612 -41.89 -15.73 -18.63
N ASP A 613 -42.01 -14.51 -19.17
CA ASP A 613 -41.94 -14.24 -20.59
C ASP A 613 -40.53 -13.91 -21.05
N TYR A 614 -39.52 -14.44 -20.36
CA TYR A 614 -38.12 -14.27 -20.74
C TYR A 614 -37.45 -15.61 -21.01
N SER B 1 5.72 24.23 9.39
CA SER B 1 6.59 23.41 10.22
C SER B 1 5.79 22.55 11.18
N SER B 2 5.32 21.41 10.68
CA SER B 2 4.43 20.55 11.46
C SER B 2 5.09 20.02 12.72
N SER B 3 6.37 19.65 12.63
CA SER B 3 7.03 18.97 13.75
C SER B 3 7.30 19.92 14.90
N SER B 4 7.77 21.13 14.61
CA SER B 4 8.01 22.12 15.65
C SER B 4 6.73 22.46 16.40
N LEU B 5 5.65 22.72 15.66
CA LEU B 5 4.37 23.06 16.25
C LEU B 5 3.87 21.93 17.13
N LYS B 6 3.87 20.71 16.58
CA LYS B 6 3.48 19.55 17.38
C LYS B 6 4.29 19.42 18.66
N GLY B 7 5.60 19.56 18.59
CA GLY B 7 6.40 19.35 19.78
C GLY B 7 6.04 20.32 20.88
N SER B 8 5.93 21.61 20.52
CA SER B 8 5.56 22.60 21.54
C SER B 8 4.17 22.32 22.09
N ALA B 9 3.21 22.02 21.22
CA ALA B 9 1.83 21.85 21.66
C ALA B 9 1.67 20.60 22.52
N LEU B 10 2.40 19.54 22.21
CA LEU B 10 2.27 18.30 22.97
C LEU B 10 2.92 18.42 24.33
N GLY B 11 4.07 19.09 24.41
CA GLY B 11 4.61 19.41 25.73
C GLY B 11 3.61 20.22 26.54
N LYS B 12 2.98 21.20 25.90
CA LYS B 12 2.01 22.05 26.59
C LYS B 12 0.83 21.23 27.08
N LEU B 13 0.34 20.30 26.25
CA LEU B 13 -0.81 19.48 26.57
C LEU B 13 -0.53 18.53 27.74
N VAL B 14 0.63 17.87 27.71
CA VAL B 14 0.97 16.99 28.83
C VAL B 14 1.14 17.80 30.11
N VAL B 15 1.71 19.01 30.02
CA VAL B 15 1.87 19.83 31.21
C VAL B 15 0.50 20.21 31.78
N THR B 16 -0.44 20.56 30.91
CA THR B 16 -1.76 20.98 31.38
C THR B 16 -2.58 19.81 31.92
N SER B 17 -2.39 18.60 31.40
CA SER B 17 -3.22 17.48 31.83
C SER B 17 -3.03 17.19 33.32
N GLY B 18 -1.79 17.22 33.79
CA GLY B 18 -1.51 17.14 35.22
C GLY B 18 -1.04 15.82 35.78
N LEU B 19 -0.12 15.12 35.11
CA LEU B 19 0.43 13.90 35.68
C LEU B 19 1.76 14.15 36.38
N LEU B 20 2.51 15.16 35.95
CA LEU B 20 3.80 15.47 36.57
C LEU B 20 3.62 15.86 38.02
N HIS B 21 2.64 16.72 38.30
CA HIS B 21 2.44 17.18 39.67
C HIS B 21 2.04 16.03 40.58
N SER B 22 1.11 15.19 40.15
CA SER B 22 0.68 14.08 40.99
C SER B 22 1.81 13.08 41.21
N SER B 23 2.47 12.67 40.12
CA SER B 23 3.55 11.70 40.24
C SER B 23 4.67 12.23 41.12
N TRP B 24 5.08 13.48 40.88
CA TRP B 24 6.14 14.07 41.68
C TRP B 24 5.73 14.25 43.14
N SER B 25 4.46 14.56 43.40
CA SER B 25 4.01 14.64 44.79
C SER B 25 4.11 13.28 45.48
N LYS B 26 3.75 12.20 44.77
CA LYS B 26 3.91 10.87 45.36
C LYS B 26 5.37 10.53 45.61
N ILE B 27 6.25 10.89 44.68
CA ILE B 27 7.68 10.66 44.88
C ILE B 27 8.18 11.44 46.09
N LEU B 28 7.79 12.71 46.19
CA LEU B 28 8.23 13.52 47.33
C LEU B 28 7.72 12.94 48.64
N GLU B 29 6.51 12.40 48.63
CA GLU B 29 5.96 11.75 49.80
C GLU B 29 6.74 10.49 50.18
N ILE B 30 7.16 9.69 49.20
CA ILE B 30 7.92 8.48 49.55
C ILE B 30 9.31 8.86 50.06
N HIS B 31 9.87 9.97 49.58
CA HIS B 31 11.19 10.43 50.01
C HIS B 31 11.13 11.30 51.26
N ASN B 32 10.48 12.45 51.17
CA ASN B 32 10.62 13.49 52.19
C ASN B 32 9.28 13.90 52.80
N SER B 51 19.33 3.24 51.74
CA SER B 51 20.01 3.02 50.48
C SER B 51 19.58 1.67 49.88
N GLY B 52 18.28 1.36 50.01
CA GLY B 52 17.73 0.14 49.47
C GLY B 52 16.58 0.44 48.54
N LEU B 53 15.99 -0.63 48.00
CA LEU B 53 14.89 -0.51 47.03
C LEU B 53 13.57 -0.71 47.76
N GLU B 54 12.69 0.28 47.68
CA GLU B 54 11.38 0.26 48.30
C GLU B 54 10.35 0.72 47.30
N PHE B 55 9.07 0.50 47.60
CA PHE B 55 8.01 0.96 46.72
C PHE B 55 6.71 1.18 47.50
N GLN B 56 5.78 1.86 46.84
CA GLN B 56 4.48 2.18 47.40
C GLN B 56 3.44 2.08 46.30
N ILE B 57 2.20 1.80 46.68
CA ILE B 57 1.12 1.61 45.72
C ILE B 57 -0.08 2.43 46.18
N HIS B 58 -0.72 3.12 45.25
CA HIS B 58 -1.88 3.95 45.56
C HIS B 58 -2.98 3.65 44.53
N ARG B 59 -4.04 3.00 44.96
CA ARG B 59 -5.17 2.69 44.07
C ARG B 59 -6.24 3.76 44.20
N GLU B 60 -5.94 4.95 43.72
CA GLU B 60 -6.89 6.05 43.73
C GLU B 60 -8.05 5.75 42.81
N GLU B 61 -9.06 6.63 42.85
CA GLU B 61 -10.22 6.46 41.98
C GLU B 61 -9.89 6.74 40.52
N LYS B 62 -8.99 7.68 40.26
CA LYS B 62 -8.65 8.05 38.90
C LYS B 62 -7.81 6.99 38.20
N PHE B 63 -6.81 6.44 38.90
CA PHE B 63 -5.89 5.47 38.34
C PHE B 63 -5.02 4.90 39.46
N THR B 64 -4.50 3.71 39.22
CA THR B 64 -3.58 3.04 40.14
C THR B 64 -2.16 3.46 39.84
N LEU B 65 -1.43 3.86 40.87
CA LEU B 65 -0.13 4.51 40.71
C LEU B 65 0.91 3.79 41.57
N VAL B 66 2.01 3.38 40.95
CA VAL B 66 3.04 2.59 41.60
C VAL B 66 4.32 3.42 41.65
N VAL B 67 4.94 3.51 42.82
CA VAL B 67 6.10 4.37 43.03
C VAL B 67 7.27 3.53 43.49
N PHE B 68 8.42 3.70 42.84
CA PHE B 68 9.66 3.04 43.26
C PHE B 68 10.66 4.07 43.77
N SER B 69 11.31 3.73 44.88
CA SER B 69 12.43 4.48 45.41
C SER B 69 13.63 3.54 45.48
N ALA B 70 14.81 4.08 45.26
CA ALA B 70 16.02 3.28 45.08
C ALA B 70 17.21 4.11 45.51
N PRO B 71 18.35 3.47 45.83
CA PRO B 71 19.47 4.20 46.44
C PRO B 71 20.11 5.15 45.45
N PRO B 72 20.95 6.08 45.94
CA PRO B 72 21.54 7.10 45.05
C PRO B 72 22.51 6.55 44.02
N ILE B 73 23.10 7.44 43.24
CA ILE B 73 23.78 7.06 42.01
C ILE B 73 25.23 6.71 42.29
N CYS B 74 25.66 5.56 41.79
CA CYS B 74 27.07 5.15 41.86
C CYS B 74 27.81 5.74 40.66
N ARG B 75 28.86 6.52 40.94
CA ARG B 75 29.60 7.19 39.87
C ARG B 75 30.61 6.25 39.21
N SER B 76 31.26 5.40 40.00
CA SER B 76 32.23 4.46 39.45
C SER B 76 31.57 3.38 38.60
N SER B 77 30.40 2.91 39.03
CA SER B 77 29.68 1.85 38.35
C SER B 77 28.71 2.38 37.30
N SER B 78 29.01 3.54 36.73
CA SER B 78 28.11 4.20 35.80
C SER B 78 28.02 3.49 34.44
N SER B 79 29.05 2.77 34.03
CA SER B 79 29.14 2.31 32.65
C SER B 79 29.25 0.79 32.50
N ASP B 80 28.96 0.02 33.54
CA ASP B 80 29.00 -1.43 33.41
C ASP B 80 27.64 -1.97 33.01
N SER B 81 27.66 -3.10 32.30
CA SER B 81 26.47 -3.65 31.68
C SER B 81 26.55 -5.16 31.67
N THR B 82 25.39 -5.80 31.63
CA THR B 82 25.28 -7.25 31.55
C THR B 82 24.65 -7.61 30.23
N LEU B 83 25.24 -8.57 29.52
CA LEU B 83 24.70 -9.04 28.26
C LEU B 83 23.75 -10.21 28.50
N LEU B 84 22.72 -10.30 27.67
CA LEU B 84 21.74 -11.36 27.76
C LEU B 84 21.52 -11.97 26.38
N HIS B 85 20.83 -13.09 26.35
CA HIS B 85 20.66 -13.83 25.12
C HIS B 85 19.33 -14.59 25.19
N VAL B 86 18.82 -14.95 24.02
CA VAL B 86 17.52 -15.61 23.96
C VAL B 86 17.54 -16.94 24.71
N LYS B 87 18.57 -17.75 24.49
CA LYS B 87 18.59 -19.09 25.06
C LYS B 87 19.04 -19.07 26.51
N ASP B 88 19.64 -17.98 26.96
CA ASP B 88 19.95 -17.82 28.36
C ASP B 88 18.67 -17.91 29.19
N LYS B 89 18.74 -18.62 30.31
CA LYS B 89 17.57 -18.86 31.13
C LYS B 89 17.44 -17.89 32.29
N GLU B 90 18.47 -17.12 32.60
CA GLU B 90 18.31 -16.06 33.59
C GLU B 90 17.73 -14.79 32.97
N ASN B 91 17.61 -14.75 31.65
CA ASN B 91 17.05 -13.62 30.93
C ASN B 91 15.57 -13.46 31.23
N PRO B 92 15.13 -12.34 31.83
CA PRO B 92 13.71 -12.20 32.18
C PRO B 92 12.82 -11.74 31.04
N PHE B 93 13.39 -11.13 30.00
CA PHE B 93 12.64 -10.53 28.90
C PHE B 93 12.93 -11.27 27.60
N PRO B 94 12.53 -12.54 27.49
CA PRO B 94 12.82 -13.27 26.26
C PRO B 94 11.84 -13.00 25.14
N PHE B 95 10.77 -12.25 25.41
CA PHE B 95 9.77 -11.96 24.39
C PHE B 95 10.24 -10.92 23.38
N LEU B 96 11.28 -10.17 23.69
CA LEU B 96 11.58 -9.00 22.87
C LEU B 96 12.91 -9.11 22.13
N CYS B 97 13.60 -10.24 22.24
CA CYS B 97 14.77 -10.48 21.41
C CYS B 97 14.37 -11.34 20.21
N SER B 98 14.98 -11.07 19.06
CA SER B 98 14.50 -11.61 17.79
C SER B 98 15.60 -12.22 16.92
N GLU B 99 15.27 -12.46 15.65
CA GLU B 99 16.25 -13.01 14.71
C GLU B 99 17.25 -11.94 14.29
N ASN B 100 16.82 -10.70 14.16
CA ASN B 100 17.73 -9.63 13.79
C ASN B 100 18.42 -9.03 15.01
N ASN B 101 17.89 -9.28 16.20
CA ASN B 101 18.48 -8.84 17.45
C ASN B 101 18.40 -9.99 18.45
N PRO B 102 19.30 -10.96 18.35
CA PRO B 102 19.26 -12.12 19.26
C PRO B 102 19.74 -11.83 20.68
N SER B 103 20.22 -10.63 20.95
CA SER B 103 20.81 -10.32 22.24
C SER B 103 20.65 -8.84 22.53
N PHE B 104 20.75 -8.49 23.82
CA PHE B 104 20.84 -7.08 24.22
C PHE B 104 21.46 -7.01 25.61
N SER B 105 21.94 -5.83 25.97
CA SER B 105 22.62 -5.62 27.23
C SER B 105 21.98 -4.50 28.04
N LEU B 106 22.02 -4.65 29.36
CA LEU B 106 21.34 -3.74 30.26
C LEU B 106 22.29 -3.23 31.33
N HIS B 107 22.04 -1.99 31.76
CA HIS B 107 22.75 -1.39 32.88
C HIS B 107 22.70 -2.30 34.09
N THR B 108 23.82 -2.41 34.81
CA THR B 108 23.97 -3.44 35.82
C THR B 108 23.21 -3.17 37.13
N PRO B 109 23.47 -2.06 37.84
CA PRO B 109 22.84 -1.91 39.17
C PRO B 109 21.32 -1.94 39.14
N ALA B 110 20.70 -1.29 38.15
CA ALA B 110 19.25 -1.32 38.08
C ALA B 110 18.73 -2.71 37.77
N PHE B 111 19.47 -3.45 36.93
CA PHE B 111 19.09 -4.83 36.66
C PHE B 111 19.14 -5.66 37.94
N ASN B 112 20.16 -5.46 38.77
CA ASN B 112 20.26 -6.21 40.02
C ASN B 112 19.13 -5.85 40.97
N LEU B 113 18.81 -4.57 41.09
CA LEU B 113 17.68 -4.18 41.92
C LEU B 113 16.39 -4.85 41.46
N PHE B 114 16.13 -4.83 40.15
CA PHE B 114 14.90 -5.43 39.64
C PHE B 114 14.87 -6.93 39.90
N THR B 115 15.98 -7.60 39.65
CA THR B 115 16.03 -9.06 39.83
C THR B 115 15.80 -9.42 41.29
N SER B 116 16.37 -8.64 42.21
CA SER B 116 16.16 -8.91 43.63
C SER B 116 14.70 -8.70 44.01
N ALA B 117 14.08 -7.64 43.49
CA ALA B 117 12.70 -7.32 43.88
C ALA B 117 11.66 -8.24 43.25
N SER B 118 12.02 -9.01 42.21
CA SER B 118 11.04 -9.85 41.50
C SER B 118 10.05 -10.56 42.42
N THR B 119 10.47 -10.87 43.65
CA THR B 119 9.76 -11.76 44.58
C THR B 119 8.28 -11.43 44.79
N SER B 120 8.00 -10.25 45.33
CA SER B 120 6.61 -9.88 45.63
C SER B 120 5.99 -9.08 44.50
N LEU B 121 6.81 -8.48 43.65
CA LEU B 121 6.21 -7.84 42.50
C LEU B 121 5.68 -8.86 41.49
N THR B 122 5.94 -10.15 41.68
CA THR B 122 5.14 -11.14 40.94
C THR B 122 3.65 -10.98 41.25
N TYR B 123 3.29 -10.97 42.53
CA TYR B 123 1.90 -10.71 42.90
C TYR B 123 1.46 -9.32 42.45
N LEU B 124 2.35 -8.33 42.59
CA LEU B 124 2.00 -7.00 42.09
C LEU B 124 1.69 -7.03 40.60
N LYS B 125 2.38 -7.88 39.85
CA LYS B 125 2.12 -8.02 38.42
C LYS B 125 0.73 -8.56 38.18
N SER B 126 0.33 -9.56 38.96
CA SER B 126 -1.04 -10.05 38.85
C SER B 126 -2.04 -8.92 39.12
N GLU B 127 -1.80 -8.17 40.19
CA GLU B 127 -2.65 -7.03 40.55
C GLU B 127 -2.75 -6.03 39.40
N LEU B 128 -1.62 -5.64 38.83
CA LEU B 128 -1.60 -4.57 37.85
C LEU B 128 -2.18 -5.01 36.52
N LEU B 129 -1.85 -6.22 36.05
CA LEU B 129 -2.46 -6.70 34.82
C LEU B 129 -3.96 -6.83 34.96
N GLN B 130 -4.43 -7.31 36.11
CA GLN B 130 -5.88 -7.44 36.31
C GLN B 130 -6.55 -6.07 36.36
N THR B 131 -5.87 -5.08 36.95
CA THR B 131 -6.40 -3.72 36.95
C THR B 131 -6.50 -3.18 35.53
N LEU B 132 -5.46 -3.40 34.72
CA LEU B 132 -5.46 -2.91 33.34
C LEU B 132 -6.57 -3.55 32.52
N LYS B 133 -6.79 -4.85 32.69
CA LYS B 133 -7.78 -5.55 31.86
C LYS B 133 -9.19 -5.01 32.07
N SER B 134 -9.47 -4.44 33.24
CA SER B 134 -10.76 -3.82 33.52
C SER B 134 -10.86 -2.40 32.99
N GLU B 135 -9.86 -1.96 32.21
CA GLU B 135 -9.85 -0.64 31.55
C GLU B 135 -9.64 0.49 32.55
N LYS B 136 -8.64 0.34 33.43
CA LYS B 136 -8.23 1.47 34.24
C LYS B 136 -6.76 1.79 34.01
N PRO B 137 -6.38 3.07 34.00
CA PRO B 137 -4.98 3.43 33.78
C PRO B 137 -4.06 3.05 34.95
N VAL B 138 -2.83 2.70 34.59
CA VAL B 138 -1.78 2.36 35.54
C VAL B 138 -0.54 3.18 35.20
N ILE B 139 0.11 3.73 36.22
CA ILE B 139 1.31 4.56 36.04
C ILE B 139 2.40 4.02 36.96
N ILE B 140 3.59 3.83 36.41
CA ILE B 140 4.75 3.39 37.17
C ILE B 140 5.81 4.47 37.06
N THR B 141 6.24 5.01 38.20
CA THR B 141 7.09 6.19 38.20
C THR B 141 8.17 6.11 39.27
N GLY B 142 9.28 6.81 39.03
CA GLY B 142 10.34 6.92 40.01
C GLY B 142 11.31 8.04 39.76
N ALA B 143 12.05 8.44 40.80
CA ALA B 143 13.13 9.39 40.63
C ALA B 143 14.36 8.67 40.09
N ALA B 144 15.52 9.34 40.18
CA ALA B 144 16.67 9.06 39.29
C ALA B 144 16.93 7.57 39.13
N LEU B 145 17.46 6.87 40.14
CA LEU B 145 17.78 5.46 39.90
C LEU B 145 16.53 4.61 40.00
N GLY B 146 15.63 4.95 40.90
CA GLY B 146 14.32 4.35 40.94
C GLY B 146 13.61 4.53 39.61
N GLY B 147 13.98 5.55 38.83
CA GLY B 147 13.42 5.68 37.51
C GLY B 147 13.78 4.50 36.64
N SER B 148 15.06 4.16 36.59
CA SER B 148 15.50 3.07 35.73
C SER B 148 14.82 1.77 36.13
N VAL B 149 14.81 1.47 37.43
CA VAL B 149 14.13 0.27 37.90
C VAL B 149 12.69 0.28 37.45
N ALA B 150 12.01 1.42 37.57
CA ALA B 150 10.61 1.50 37.13
C ALA B 150 10.48 1.11 35.67
N SER B 151 11.38 1.62 34.81
CA SER B 151 11.35 1.25 33.41
C SER B 151 11.40 -0.26 33.24
N LEU B 152 12.34 -0.91 33.95
CA LEU B 152 12.43 -2.36 33.86
C LEU B 152 11.11 -3.00 34.22
N TYR B 153 10.50 -2.57 35.32
CA TYR B 153 9.22 -3.15 35.68
C TYR B 153 8.20 -2.94 34.58
N THR B 154 8.15 -1.73 34.00
CA THR B 154 7.23 -1.50 32.90
C THR B 154 7.55 -2.41 31.73
N LEU B 155 8.84 -2.53 31.40
CA LEU B 155 9.22 -3.37 30.27
C LEU B 155 8.94 -4.83 30.58
N TRP B 156 8.79 -5.15 31.86
CA TRP B 156 8.42 -6.50 32.27
C TRP B 156 6.94 -6.76 32.07
N LEU B 157 6.11 -5.72 32.22
CA LEU B 157 4.68 -5.90 32.04
C LEU B 157 4.28 -5.94 30.58
N LEU B 158 5.13 -5.47 29.68
CA LEU B 158 4.79 -5.28 28.27
C LEU B 158 5.00 -6.54 27.45
N GLU B 159 5.09 -7.71 28.09
CA GLU B 159 5.34 -8.93 27.36
C GLU B 159 4.11 -9.46 26.65
N THR B 160 3.04 -8.70 26.62
CA THR B 160 1.82 -9.04 25.89
C THR B 160 1.16 -7.77 25.38
N ILE B 161 1.07 -7.63 24.06
CA ILE B 161 0.61 -6.40 23.44
C ILE B 161 -0.41 -6.70 22.35
N GLU B 162 -1.53 -6.00 22.38
CA GLU B 162 -2.43 -5.78 21.26
C GLU B 162 -3.16 -4.47 21.49
N PRO B 163 -3.19 -3.55 20.50
CA PRO B 163 -3.81 -2.24 20.74
C PRO B 163 -5.31 -2.28 21.01
N THR B 164 -5.91 -3.46 21.16
CA THR B 164 -7.24 -3.50 21.75
C THR B 164 -7.18 -3.33 23.26
N LEU B 165 -6.13 -3.82 23.90
CA LEU B 165 -6.02 -3.86 25.35
C LEU B 165 -4.98 -2.86 25.84
N LYS B 166 -5.15 -2.44 27.08
CA LYS B 166 -4.40 -1.32 27.63
C LYS B 166 -2.94 -1.70 27.84
N ARG B 167 -2.13 -0.69 28.11
CA ARG B 167 -0.73 -0.88 28.46
C ARG B 167 -0.34 0.21 29.44
N PRO B 168 0.61 -0.07 30.32
CA PRO B 168 0.98 0.90 31.36
C PRO B 168 1.67 2.12 30.77
N LEU B 169 1.88 3.11 31.63
CA LEU B 169 2.60 4.32 31.29
C LEU B 169 3.68 4.57 32.34
N CYS B 170 4.89 4.88 31.89
CA CYS B 170 6.03 5.08 32.78
C CYS B 170 6.47 6.54 32.70
N ILE B 171 6.61 7.18 33.86
CA ILE B 171 6.99 8.58 33.96
C ILE B 171 8.23 8.68 34.85
N THR B 172 9.31 9.23 34.32
CA THR B 172 10.64 9.03 34.87
C THR B 172 11.37 10.37 35.01
N PHE B 173 11.69 10.77 36.25
CA PHE B 173 12.25 12.10 36.52
C PHE B 173 13.76 12.04 36.65
N GLY B 174 14.45 12.54 35.64
CA GLY B 174 15.90 12.66 35.70
C GLY B 174 16.64 11.36 35.95
N SER B 175 16.62 10.45 34.99
CA SER B 175 17.24 9.14 35.13
C SER B 175 18.37 8.92 34.14
N PRO B 176 19.32 8.04 34.47
CA PRO B 176 20.33 7.63 33.51
C PRO B 176 19.79 6.62 32.50
N LEU B 177 20.48 6.53 31.37
CA LEU B 177 20.17 5.57 30.33
C LEU B 177 20.50 4.16 30.82
N ILE B 178 19.84 3.16 30.23
CA ILE B 178 20.00 1.79 30.72
C ILE B 178 20.45 0.81 29.64
N GLY B 179 20.11 1.05 28.38
CA GLY B 179 20.35 0.09 27.34
C GLY B 179 21.30 0.65 26.28
N ASP B 180 21.74 -0.25 25.40
CA ASP B 180 22.65 0.11 24.32
C ASP B 180 21.89 0.21 22.99
N ALA B 181 22.64 0.33 21.89
CA ALA B 181 22.03 0.56 20.58
C ALA B 181 21.24 -0.65 20.08
N SER B 182 21.59 -1.86 20.51
CA SER B 182 20.78 -3.01 20.17
C SER B 182 19.39 -2.89 20.77
N LEU B 183 19.31 -2.40 22.00
CA LEU B 183 18.01 -2.22 22.64
C LEU B 183 17.18 -1.16 21.92
N GLN B 184 17.77 0.01 21.64
CA GLN B 184 16.97 1.04 20.99
C GLN B 184 16.63 0.64 19.56
N GLN B 185 17.36 -0.33 19.00
CA GLN B 185 16.99 -0.90 17.73
C GLN B 185 15.80 -1.83 17.86
N ILE B 186 15.75 -2.57 18.97
CA ILE B 186 14.58 -3.40 19.26
C ILE B 186 13.34 -2.54 19.44
N LEU B 187 13.46 -1.44 20.18
CA LEU B 187 12.35 -0.55 20.53
C LEU B 187 12.31 0.69 19.67
N GLU B 188 12.65 0.63 18.38
CA GLU B 188 12.93 1.86 17.64
C GLU B 188 11.64 2.59 17.27
N ASN B 189 10.78 1.96 16.48
CA ASN B 189 9.54 2.58 16.02
C ASN B 189 8.37 1.68 16.35
N SER B 190 8.28 1.22 17.58
CA SER B 190 7.30 0.23 18.00
C SER B 190 6.30 0.85 18.95
N VAL B 191 5.31 0.03 19.32
CA VAL B 191 4.36 0.40 20.36
C VAL B 191 5.02 0.50 21.73
N ARG B 192 6.08 -0.27 21.98
CA ARG B 192 6.69 -0.25 23.30
C ARG B 192 7.44 1.04 23.58
N ASN B 193 7.66 1.88 22.57
CA ASN B 193 8.17 3.23 22.84
C ASN B 193 7.11 4.12 23.45
N SER B 194 5.88 4.01 22.98
CA SER B 194 4.86 4.99 23.35
C SER B 194 4.51 4.90 24.82
N CYS B 195 5.21 4.05 25.57
CA CYS B 195 4.83 3.79 26.94
C CYS B 195 5.78 4.46 27.93
N PHE B 196 6.75 5.22 27.44
CA PHE B 196 7.81 5.77 28.28
C PHE B 196 7.88 7.28 28.12
N LEU B 197 8.16 7.98 29.22
CA LEU B 197 8.20 9.44 29.24
C LEU B 197 9.28 9.91 30.21
N HIS B 198 10.37 10.44 29.66
CA HIS B 198 11.54 10.81 30.45
C HIS B 198 11.64 12.32 30.55
N VAL B 199 11.48 12.84 31.76
CA VAL B 199 11.47 14.27 32.02
C VAL B 199 12.88 14.71 32.40
N VAL B 200 13.55 15.46 31.52
CA VAL B 200 14.94 15.83 31.72
C VAL B 200 15.14 17.31 31.43
N SER B 201 15.82 18.01 32.34
CA SER B 201 16.19 19.39 32.10
C SER B 201 17.21 19.48 30.96
N ALA B 202 17.22 20.63 30.30
CA ALA B 202 18.14 20.81 29.18
C ALA B 202 19.58 21.02 29.64
N GLN B 203 19.81 21.10 30.95
CA GLN B 203 21.15 21.30 31.48
C GLN B 203 21.88 19.99 31.77
N THR B 204 21.18 18.89 31.92
CA THR B 204 21.83 17.60 32.13
C THR B 204 22.46 17.12 30.82
N ARG B 205 23.64 16.51 30.94
CA ARG B 205 24.37 16.00 29.79
C ARG B 205 24.60 14.50 29.97
N ILE B 206 24.64 13.79 28.85
CA ILE B 206 24.67 12.32 28.86
C ILE B 206 25.87 11.84 28.05
N LYS B 207 26.45 10.72 28.49
CA LYS B 207 27.55 10.05 27.81
C LYS B 207 26.98 8.89 27.03
N MET B 208 26.71 9.11 25.75
CA MET B 208 25.99 8.16 24.92
C MET B 208 26.91 7.38 24.00
N ASP B 209 28.16 7.17 24.43
CA ASP B 209 29.09 6.33 23.67
C ASP B 209 28.62 4.88 23.64
N PHE B 210 28.17 4.35 24.77
CA PHE B 210 27.69 2.98 24.87
C PHE B 210 26.20 2.87 25.10
N PHE B 211 25.68 3.55 26.13
CA PHE B 211 24.25 3.53 26.43
C PHE B 211 23.51 4.52 25.54
N LYS B 212 22.25 4.21 25.27
CA LYS B 212 21.44 4.90 24.28
C LYS B 212 20.06 5.22 24.83
N PRO B 213 19.38 6.21 24.26
CA PRO B 213 18.00 6.51 24.68
C PRO B 213 16.94 5.85 23.81
N PHE B 214 15.85 5.45 24.47
CA PHE B 214 14.65 4.96 23.82
C PHE B 214 13.45 5.68 24.41
N GLY B 215 12.32 5.58 23.72
CA GLY B 215 11.10 6.21 24.18
C GLY B 215 10.94 7.65 23.72
N THR B 216 10.06 8.36 24.41
CA THR B 216 9.75 9.77 24.12
C THR B 216 10.26 10.62 25.27
N PHE B 217 10.72 11.83 24.97
CA PHE B 217 11.34 12.69 25.96
C PHE B 217 10.60 14.02 26.09
N LEU B 218 10.54 14.51 27.31
CA LEU B 218 10.11 15.88 27.60
C LEU B 218 11.29 16.65 28.14
N ILE B 219 11.67 17.71 27.44
CA ILE B 219 12.80 18.53 27.83
C ILE B 219 12.26 19.84 28.42
N CYS B 220 12.71 20.17 29.62
CA CYS B 220 12.17 21.26 30.40
C CYS B 220 13.17 22.41 30.42
N PHE B 221 12.97 23.40 29.56
CA PHE B 221 13.81 24.58 29.57
C PHE B 221 13.35 25.54 30.66
N ASP B 222 13.84 26.77 30.61
CA ASP B 222 13.49 27.77 31.62
C ASP B 222 12.12 28.37 31.38
N SER B 223 11.85 28.75 30.14
CA SER B 223 10.62 29.44 29.77
C SER B 223 9.61 28.56 29.04
N GLY B 224 9.75 27.23 29.09
CA GLY B 224 8.84 26.36 28.40
C GLY B 224 9.33 24.94 28.46
N CYS B 225 8.69 24.08 27.66
CA CYS B 225 9.14 22.69 27.53
C CYS B 225 8.77 22.18 26.15
N VAL B 226 9.44 21.11 25.74
CA VAL B 226 9.24 20.55 24.41
C VAL B 226 9.14 19.04 24.53
N CYS B 227 8.36 18.43 23.64
CA CYS B 227 8.24 16.99 23.53
C CYS B 227 8.93 16.53 22.26
N ILE B 228 9.83 15.56 22.38
CA ILE B 228 10.57 15.03 21.24
C ILE B 228 10.51 13.50 21.27
N GLU B 229 10.11 12.90 20.15
CA GLU B 229 10.04 11.45 20.05
C GLU B 229 11.19 10.82 19.27
N ASP B 230 12.07 11.63 18.69
CA ASP B 230 13.18 11.13 17.86
C ASP B 230 14.42 10.95 18.74
N HIS B 231 15.10 9.82 18.61
CA HIS B 231 16.26 9.60 19.47
C HIS B 231 17.51 10.29 18.95
N VAL B 232 17.58 10.56 17.65
CA VAL B 232 18.71 11.32 17.12
C VAL B 232 18.75 12.71 17.72
N ALA B 233 17.60 13.38 17.81
CA ALA B 233 17.57 14.73 18.37
C ALA B 233 17.88 14.73 19.85
N VAL B 234 17.45 13.71 20.59
CA VAL B 234 17.86 13.61 21.99
C VAL B 234 19.37 13.50 22.08
N THR B 235 19.96 12.71 21.17
CA THR B 235 21.42 12.61 21.13
C THR B 235 22.05 13.97 20.83
N GLU B 236 21.47 14.72 19.89
CA GLU B 236 22.06 16.01 19.51
C GLU B 236 21.87 17.07 20.58
N LEU B 237 20.88 16.90 21.46
CA LEU B 237 20.61 17.92 22.46
C LEU B 237 21.26 17.63 23.81
N LEU B 238 21.36 16.36 24.21
CA LEU B 238 21.77 16.03 25.58
C LEU B 238 23.16 15.43 25.70
N ASN B 239 23.92 15.33 24.62
CA ASN B 239 25.21 14.65 24.69
C ASN B 239 26.27 15.52 25.38
N GLY B 240 27.08 14.89 26.22
CA GLY B 240 28.15 15.58 26.90
C GLY B 240 29.44 14.78 26.93
N VAL B 247 19.97 18.00 38.88
CA VAL B 247 19.24 19.17 39.34
C VAL B 247 18.12 18.74 40.27
N ASP B 248 17.39 19.71 40.79
CA ASP B 248 16.25 19.43 41.66
C ASP B 248 14.95 19.74 40.94
N TYR B 249 14.06 18.74 40.87
CA TYR B 249 12.96 18.78 39.91
C TYR B 249 11.71 19.48 40.43
N SER B 250 11.61 19.73 41.74
CA SER B 250 10.54 20.58 42.24
C SER B 250 10.63 21.98 41.64
N GLN B 251 11.84 22.53 41.57
CA GLN B 251 12.01 23.85 41.00
C GLN B 251 11.67 23.86 39.52
N VAL B 252 12.04 22.82 38.76
CA VAL B 252 11.76 22.88 37.33
C VAL B 252 10.27 22.72 37.07
N LEU B 253 9.57 21.90 37.87
CA LEU B 253 8.12 21.84 37.72
C LEU B 253 7.47 23.17 38.05
N ASN B 254 7.94 23.85 39.11
CA ASN B 254 7.43 25.18 39.40
C ASN B 254 7.71 26.15 38.25
N ARG B 255 8.89 26.05 37.66
CA ARG B 255 9.26 26.96 36.58
C ARG B 255 8.37 26.75 35.36
N LEU B 256 8.08 25.49 35.04
CA LEU B 256 7.12 25.21 33.96
C LEU B 256 5.76 25.79 34.28
N ASP B 257 5.29 25.58 35.51
CA ASP B 257 3.98 26.09 35.90
C ASP B 257 3.90 27.60 35.73
N GLN B 258 4.93 28.32 36.19
CA GLN B 258 4.93 29.77 36.04
C GLN B 258 5.02 30.17 34.58
N SER B 259 5.89 29.50 33.81
CA SER B 259 6.06 29.84 32.41
C SER B 259 4.81 29.56 31.59
N MET B 260 3.87 28.79 32.15
CA MET B 260 2.60 28.54 31.47
C MET B 260 1.90 29.81 31.02
N LEU B 261 1.92 30.88 31.82
CA LEU B 261 1.24 32.13 31.49
C LEU B 261 2.21 33.18 30.97
N SER B 262 3.21 32.74 30.21
CA SER B 262 4.23 33.63 29.66
C SER B 262 3.61 34.60 28.66
N LEU B 263 4.21 35.79 28.54
CA LEU B 263 3.70 36.77 27.60
C LEU B 263 4.55 36.86 26.35
N ALA B 264 5.70 36.18 26.34
CA ALA B 264 6.61 36.19 25.20
C ALA B 264 7.33 34.84 25.11
N ASP B 265 7.69 34.45 23.89
CA ASP B 265 8.21 33.12 23.62
C ASP B 265 9.32 33.16 22.56
N SER B 266 10.26 32.23 22.68
CA SER B 266 11.29 31.99 21.69
C SER B 266 11.19 30.55 21.17
N ARG B 267 12.15 30.14 20.35
CA ARG B 267 12.34 28.74 20.00
C ARG B 267 13.51 28.17 20.81
N LEU B 268 13.24 27.11 21.55
CA LEU B 268 14.19 26.59 22.54
C LEU B 268 15.20 25.63 21.93
N ILE B 269 14.87 25.02 20.80
CA ILE B 269 15.79 24.12 20.10
C ILE B 269 16.16 24.73 18.76
N PRO B 270 17.36 24.50 18.24
CA PRO B 270 17.79 25.17 17.01
C PRO B 270 17.12 24.58 15.79
N GLU B 271 17.20 25.31 14.67
CA GLU B 271 16.48 24.92 13.47
C GLU B 271 17.14 23.77 12.73
N ASP B 272 18.43 23.49 12.97
CA ASP B 272 19.04 22.31 12.38
C ASP B 272 18.34 21.04 12.84
N VAL B 273 18.05 20.95 14.14
CA VAL B 273 17.35 19.80 14.69
C VAL B 273 15.94 19.71 14.11
N ILE B 274 15.29 20.86 13.95
CA ILE B 274 13.95 20.87 13.37
C ILE B 274 13.97 20.30 11.96
N LYS B 275 14.96 20.73 11.16
CA LYS B 275 15.06 20.22 9.79
C LYS B 275 15.28 18.72 9.77
N GLY B 276 16.15 18.23 10.65
CA GLY B 276 16.37 16.79 10.71
C GLY B 276 15.10 16.02 11.03
N ILE B 277 14.37 16.47 12.06
CA ILE B 277 13.15 15.79 12.48
C ILE B 277 12.12 15.80 11.36
N GLU B 278 11.92 16.96 10.73
CA GLU B 278 10.98 17.05 9.61
C GLU B 278 11.35 16.09 8.50
N LYS B 279 12.63 16.05 8.12
CA LYS B 279 13.07 15.21 7.03
C LYS B 279 12.78 13.73 7.31
N ARG B 280 13.19 13.26 8.49
CA ARG B 280 12.99 11.85 8.82
C ARG B 280 11.52 11.50 8.88
N ALA B 281 10.69 12.40 9.44
CA ALA B 281 9.26 12.13 9.52
C ALA B 281 8.62 12.01 8.14
N GLU B 282 9.00 12.91 7.22
CA GLU B 282 8.43 12.84 5.88
C GLU B 282 8.84 11.53 5.19
N MET B 283 10.10 11.14 5.35
CA MET B 283 10.54 9.86 4.79
C MET B 283 9.69 8.71 5.31
N LYS B 284 9.44 8.70 6.63
CA LYS B 284 8.65 7.63 7.24
C LYS B 284 7.22 7.60 6.70
N ASN B 285 6.58 8.76 6.57
CA ASN B 285 5.22 8.79 6.03
C ASN B 285 5.18 8.27 4.60
N LEU B 286 6.16 8.66 3.77
CA LEU B 286 6.19 8.18 2.39
C LEU B 286 6.32 6.66 2.35
N ARG B 287 7.19 6.11 3.20
CA ARG B 287 7.39 4.66 3.20
C ARG B 287 6.15 3.93 3.69
N PHE B 288 5.40 4.53 4.61
CA PHE B 288 4.08 3.99 4.98
C PHE B 288 3.12 3.94 3.80
N ASP B 289 3.03 5.02 3.02
CA ASP B 289 2.11 4.98 1.87
C ASP B 289 2.57 3.99 0.80
N MET B 290 3.87 3.74 0.74
CA MET B 290 4.42 2.96 -0.37
C MET B 290 3.85 1.55 -0.45
N MET B 291 3.70 0.88 0.69
CA MET B 291 3.24 -0.52 0.62
C MET B 291 1.76 -0.60 0.26
N PHE B 292 0.96 0.34 0.73
CA PHE B 292 -0.42 0.41 0.28
C PHE B 292 -0.48 0.54 -1.23
N LYS B 293 0.43 1.32 -1.81
CA LYS B 293 0.44 1.40 -3.28
C LYS B 293 0.90 0.10 -3.92
N LYS B 294 1.93 -0.55 -3.39
CA LYS B 294 2.55 -1.71 -4.03
C LYS B 294 1.74 -3.00 -3.92
N LEU B 295 0.74 -3.05 -3.04
CA LEU B 295 -0.07 -4.27 -2.95
C LEU B 295 -0.74 -4.65 -4.27
N ASN B 296 -1.08 -3.67 -5.12
CA ASN B 296 -1.76 -3.98 -6.36
C ASN B 296 -0.80 -4.55 -7.41
N ASP B 297 0.44 -4.05 -7.43
CA ASP B 297 1.48 -4.70 -8.20
C ASP B 297 1.64 -6.15 -7.80
N MET B 298 1.62 -6.41 -6.50
CA MET B 298 1.74 -7.77 -6.02
C MET B 298 0.59 -8.64 -6.51
N LYS B 299 -0.61 -8.07 -6.60
CA LYS B 299 -1.74 -8.87 -7.09
C LYS B 299 -1.60 -9.20 -8.58
N ILE B 300 -1.02 -8.30 -9.37
CA ILE B 300 -0.79 -8.65 -10.77
C ILE B 300 0.28 -9.75 -10.89
N SER B 301 1.30 -9.71 -10.03
CA SER B 301 2.27 -10.80 -9.99
C SER B 301 1.61 -12.14 -9.69
N MET B 302 0.69 -12.15 -8.72
CA MET B 302 -0.02 -13.39 -8.39
C MET B 302 -0.88 -13.86 -9.56
N ALA B 303 -1.42 -12.94 -10.35
CA ALA B 303 -2.19 -13.35 -11.53
C ALA B 303 -1.31 -14.07 -12.55
N TYR B 304 -0.09 -13.58 -12.75
CA TYR B 304 0.84 -14.32 -13.60
C TYR B 304 1.08 -15.72 -13.06
N ILE B 305 1.25 -15.85 -11.75
CA ILE B 305 1.43 -17.18 -11.16
C ILE B 305 0.22 -18.06 -11.40
N GLU B 306 -0.98 -17.46 -11.42
CA GLU B 306 -2.19 -18.23 -11.69
C GLU B 306 -2.17 -18.85 -13.09
N TRP B 307 -1.76 -18.08 -14.09
CA TRP B 307 -1.73 -18.66 -15.43
C TRP B 307 -0.59 -19.68 -15.59
N TYR B 308 0.53 -19.46 -14.92
CA TYR B 308 1.59 -20.46 -14.90
C TYR B 308 1.09 -21.78 -14.33
N LYS B 309 0.39 -21.71 -13.21
CA LYS B 309 -0.17 -22.89 -12.55
C LYS B 309 -1.16 -23.61 -13.44
N LYS B 310 -1.98 -22.84 -14.17
CA LYS B 310 -2.94 -23.42 -15.10
C LYS B 310 -2.26 -24.22 -16.21
N LYS B 311 -1.20 -23.66 -16.79
CA LYS B 311 -0.48 -24.42 -17.82
C LYS B 311 0.22 -25.64 -17.24
N CYS B 312 0.82 -25.51 -16.06
CA CYS B 312 1.46 -26.65 -15.39
C CYS B 312 0.48 -27.77 -15.11
N LYS B 313 -0.79 -27.43 -14.90
CA LYS B 313 -1.80 -28.47 -14.74
C LYS B 313 -2.29 -29.02 -16.08
N GLU B 314 -2.21 -28.23 -17.16
CA GLU B 314 -2.65 -28.75 -18.45
C GLU B 314 -1.71 -29.80 -19.03
N VAL B 315 -0.44 -29.81 -18.62
CA VAL B 315 0.56 -30.73 -19.15
C VAL B 315 0.77 -31.92 -18.21
N LYS B 316 -0.01 -31.98 -17.13
CA LYS B 316 -0.13 -33.14 -16.25
C LYS B 316 1.08 -33.33 -15.34
N ILE B 317 1.71 -32.25 -14.89
CA ILE B 317 2.86 -32.33 -14.01
C ILE B 317 2.53 -31.77 -12.63
N GLY B 318 1.84 -30.65 -12.56
CA GLY B 318 1.68 -29.87 -11.34
C GLY B 318 2.78 -28.83 -11.21
N TYR B 319 2.45 -27.70 -10.61
CA TYR B 319 3.40 -26.61 -10.72
C TYR B 319 4.56 -26.79 -9.74
N TYR B 320 4.37 -27.60 -8.69
CA TYR B 320 5.44 -27.89 -7.75
C TYR B 320 6.55 -28.69 -8.40
N ASP B 321 6.19 -29.75 -9.11
CA ASP B 321 7.18 -30.61 -9.77
C ASP B 321 7.79 -29.93 -10.97
N ARG B 322 7.02 -29.16 -11.72
CA ARG B 322 7.59 -28.41 -12.83
C ARG B 322 8.60 -27.38 -12.32
N PHE B 323 8.24 -26.64 -11.26
CA PHE B 323 9.18 -25.71 -10.65
C PHE B 323 10.45 -26.43 -10.19
N LYS B 324 10.30 -27.58 -9.54
CA LYS B 324 11.48 -28.30 -9.06
C LYS B 324 12.38 -28.78 -10.19
N THR B 325 11.79 -29.37 -11.22
CA THR B 325 12.59 -29.86 -12.35
C THR B 325 13.32 -28.71 -13.02
N GLN B 326 12.62 -27.62 -13.32
CA GLN B 326 13.27 -26.48 -13.95
C GLN B 326 14.20 -25.74 -13.01
N LEU B 327 14.16 -26.03 -11.73
CA LEU B 327 15.17 -25.50 -10.83
C LEU B 327 16.44 -26.33 -10.91
N ALA B 328 16.30 -27.65 -11.09
CA ALA B 328 17.49 -28.49 -11.25
C ALA B 328 18.13 -28.30 -12.62
N PHE B 329 17.33 -28.22 -13.67
CA PHE B 329 17.82 -28.10 -15.04
C PHE B 329 17.07 -27.02 -15.79
N PRO B 330 17.52 -25.76 -15.70
CA PRO B 330 16.78 -24.65 -16.33
C PRO B 330 16.85 -24.71 -17.85
N SER B 331 15.68 -24.69 -18.49
CA SER B 331 15.61 -24.84 -19.93
C SER B 331 14.64 -23.88 -20.61
N LYS B 332 13.69 -23.33 -19.85
CA LYS B 332 12.60 -22.55 -20.41
C LYS B 332 12.70 -21.10 -19.98
N GLU B 333 12.08 -20.24 -20.76
CA GLU B 333 12.13 -18.80 -20.52
C GLU B 333 11.06 -18.31 -19.59
N PHE B 334 9.86 -18.89 -19.65
CA PHE B 334 8.80 -18.47 -18.73
C PHE B 334 9.15 -18.81 -17.30
N ASP B 335 9.79 -19.95 -17.06
CA ASP B 335 10.04 -20.42 -15.70
C ASP B 335 11.12 -19.60 -15.02
N ILE B 336 12.14 -19.18 -15.77
CA ILE B 336 13.16 -18.31 -15.20
C ILE B 336 12.55 -16.97 -14.80
N ASN B 337 11.63 -16.43 -15.60
CA ASN B 337 10.94 -15.21 -15.23
C ASN B 337 10.07 -15.40 -14.00
N ILE B 338 9.26 -16.46 -13.96
CA ILE B 338 8.48 -16.76 -12.76
C ILE B 338 9.38 -16.67 -11.54
N LYS B 339 10.42 -17.52 -11.50
CA LYS B 339 11.27 -17.60 -10.32
C LYS B 339 11.95 -16.29 -9.98
N ASN B 340 12.57 -15.64 -10.96
CA ASN B 340 13.51 -14.57 -10.67
C ASN B 340 12.85 -13.20 -10.60
N HIS B 341 11.69 -13.02 -11.19
CA HIS B 341 11.00 -11.76 -11.05
C HIS B 341 9.77 -11.85 -10.17
N HIS B 342 8.88 -12.81 -10.40
CA HIS B 342 7.61 -12.71 -9.70
C HIS B 342 7.71 -13.22 -8.27
N LYS B 343 8.23 -14.43 -8.09
CA LYS B 343 8.34 -15.03 -6.76
C LYS B 343 9.29 -14.24 -5.87
N SER B 344 10.38 -13.74 -6.44
CA SER B 344 11.37 -13.01 -5.65
C SER B 344 10.78 -11.72 -5.09
N GLU B 345 10.07 -10.96 -5.93
CA GLU B 345 9.40 -9.75 -5.45
C GLU B 345 8.32 -10.07 -4.44
N LEU B 346 7.55 -11.13 -4.66
CA LEU B 346 6.49 -11.45 -3.71
C LEU B 346 7.07 -11.78 -2.34
N ASN B 347 8.14 -12.57 -2.30
CA ASN B 347 8.78 -12.90 -1.04
C ASN B 347 9.31 -11.67 -0.35
N ARG B 348 9.98 -10.79 -1.10
CA ARG B 348 10.50 -9.57 -0.52
C ARG B 348 9.39 -8.71 0.08
N PHE B 349 8.31 -8.50 -0.67
CA PHE B 349 7.23 -7.65 -0.21
C PHE B 349 6.62 -8.20 1.07
N TRP B 350 6.33 -9.50 1.10
CA TRP B 350 5.60 -10.00 2.26
C TRP B 350 6.48 -10.10 3.49
N LYS B 351 7.78 -10.39 3.32
CA LYS B 351 8.69 -10.26 4.46
C LYS B 351 8.70 -8.85 5.00
N SER B 352 8.72 -7.84 4.13
CA SER B 352 8.67 -6.46 4.61
C SER B 352 7.39 -6.15 5.37
N VAL B 353 6.25 -6.63 4.86
CA VAL B 353 4.98 -6.34 5.52
C VAL B 353 4.98 -6.92 6.93
N VAL B 354 5.40 -8.17 7.08
CA VAL B 354 5.35 -8.79 8.40
C VAL B 354 6.38 -8.16 9.32
N GLU B 355 7.55 -7.80 8.80
CA GLU B 355 8.55 -7.13 9.63
C GLU B 355 8.06 -5.78 10.13
N GLU B 356 7.23 -5.10 9.35
CA GLU B 356 6.83 -3.75 9.71
C GLU B 356 5.62 -3.73 10.63
N VAL B 357 4.62 -4.59 10.39
CA VAL B 357 3.40 -4.48 11.19
C VAL B 357 3.50 -5.11 12.57
N GLU B 358 4.45 -6.01 12.81
CA GLU B 358 4.55 -6.65 14.11
C GLU B 358 5.30 -5.79 15.11
N ARG B 359 5.69 -4.59 14.74
CA ARG B 359 6.09 -3.58 15.71
C ARG B 359 5.15 -2.40 15.78
N ARG B 360 4.42 -2.12 14.71
CA ARG B 360 3.46 -1.01 14.66
C ARG B 360 2.16 -1.49 14.02
N PRO B 361 1.14 -1.83 14.82
CA PRO B 361 -0.09 -2.41 14.28
C PRO B 361 -0.86 -1.49 13.35
N GLN B 362 -1.98 -1.99 12.86
CA GLN B 362 -2.95 -1.21 12.11
C GLN B 362 -4.26 -1.19 12.89
N SER B 363 -5.07 -0.16 12.65
CA SER B 363 -6.49 -0.18 12.93
C SER B 363 -6.86 -0.31 14.41
N ASP B 364 -5.89 -0.54 15.29
CA ASP B 364 -6.12 -0.57 16.73
C ASP B 364 -7.20 -1.56 17.16
N ALA B 365 -7.70 -2.37 16.23
CA ALA B 365 -8.64 -3.44 16.56
C ALA B 365 -8.06 -4.77 16.11
N SER B 366 -7.13 -4.70 15.17
CA SER B 366 -6.42 -5.85 14.65
C SER B 366 -5.28 -5.35 13.79
N ILE B 367 -4.10 -5.95 13.95
CA ILE B 367 -3.01 -5.71 13.01
C ILE B 367 -3.36 -6.36 11.68
N LEU B 368 -2.85 -5.80 10.59
CA LEU B 368 -3.18 -6.35 9.28
C LEU B 368 -4.68 -6.36 9.04
N LYS B 369 -5.27 -5.22 8.68
CA LYS B 369 -6.71 -5.08 8.81
C LYS B 369 -7.49 -6.12 8.02
N ARG B 370 -7.61 -5.97 6.70
CA ARG B 370 -8.45 -6.95 6.04
C ARG B 370 -8.03 -7.27 4.61
N ARG B 371 -7.41 -6.31 3.94
CA ARG B 371 -6.92 -6.57 2.59
C ARG B 371 -5.57 -7.26 2.66
N PHE B 372 -4.73 -6.81 3.57
CA PHE B 372 -3.44 -7.43 3.83
C PHE B 372 -3.58 -8.82 4.43
N LEU B 373 -4.49 -9.03 5.37
CA LEU B 373 -4.60 -10.34 6.02
C LEU B 373 -5.07 -11.41 5.05
N PHE B 374 -6.10 -11.12 4.26
CA PHE B 374 -6.64 -12.14 3.37
C PHE B 374 -5.75 -12.32 2.15
N SER B 375 -5.14 -11.24 1.65
CA SER B 375 -4.16 -11.40 0.59
C SER B 375 -2.95 -12.22 1.06
N GLY B 376 -2.50 -12.00 2.30
CA GLY B 376 -1.38 -12.74 2.83
C GLY B 376 -1.67 -14.20 3.04
N ASN B 377 -2.89 -14.53 3.43
CA ASN B 377 -3.29 -15.93 3.52
C ASN B 377 -3.25 -16.61 2.15
N ASN B 378 -3.80 -15.95 1.13
CA ASN B 378 -3.74 -16.51 -0.23
C ASN B 378 -2.29 -16.65 -0.70
N TYR B 379 -1.45 -15.66 -0.41
CA TYR B 379 -0.05 -15.70 -0.82
C TYR B 379 0.67 -16.86 -0.17
N ARG B 380 0.50 -17.04 1.14
CA ARG B 380 1.16 -18.15 1.81
C ARG B 380 0.76 -19.47 1.17
N ARG B 381 -0.54 -19.70 1.00
CA ARG B 381 -0.98 -20.98 0.47
C ARG B 381 -0.61 -21.20 -0.99
N MET B 382 -0.25 -20.16 -1.73
CA MET B 382 0.20 -20.37 -3.11
C MET B 382 1.71 -20.45 -3.26
N ILE B 383 2.47 -19.77 -2.42
CA ILE B 383 3.88 -19.55 -2.67
C ILE B 383 4.79 -20.38 -1.77
N GLU B 384 4.35 -20.79 -0.58
CA GLU B 384 5.26 -21.57 0.25
C GLU B 384 5.68 -22.91 -0.38
N PRO B 385 4.79 -23.68 -1.01
CA PRO B 385 5.24 -24.92 -1.68
C PRO B 385 6.52 -24.80 -2.49
N LEU B 386 6.73 -23.68 -3.18
CA LEU B 386 7.94 -23.52 -3.97
C LEU B 386 9.16 -23.28 -3.07
N ASP B 387 8.96 -22.60 -1.95
CA ASP B 387 10.03 -22.51 -0.95
C ASP B 387 10.41 -23.88 -0.40
N ILE B 388 9.42 -24.76 -0.25
CA ILE B 388 9.72 -26.14 0.14
C ILE B 388 10.52 -26.84 -0.96
N ALA B 389 10.15 -26.62 -2.22
CA ALA B 389 10.90 -27.23 -3.31
C ALA B 389 12.36 -26.83 -3.29
N GLU B 390 12.62 -25.52 -3.13
CA GLU B 390 13.99 -25.04 -2.99
C GLU B 390 14.70 -25.68 -1.81
N TYR B 391 14.02 -25.77 -0.67
CA TYR B 391 14.64 -26.28 0.55
C TYR B 391 15.07 -27.73 0.38
N TYR B 392 14.24 -28.55 -0.26
CA TYR B 392 14.51 -29.97 -0.31
C TYR B 392 15.35 -30.38 -1.51
N LEU B 393 15.37 -29.57 -2.57
CA LEU B 393 16.30 -29.86 -3.66
C LEU B 393 17.73 -29.50 -3.26
N GLU B 394 17.88 -28.51 -2.39
CA GLU B 394 19.19 -28.07 -1.92
C GLU B 394 19.81 -29.03 -0.92
N GLY B 395 19.04 -29.99 -0.40
CA GLY B 395 19.62 -31.05 0.42
C GLY B 395 19.42 -30.93 1.91
N ARG B 396 18.22 -30.61 2.36
CA ARG B 396 17.94 -30.39 3.78
C ARG B 396 16.84 -31.30 4.26
N LYS B 397 16.64 -31.31 5.58
CA LYS B 397 15.69 -32.20 6.23
C LYS B 397 14.88 -31.43 7.27
N GLU B 398 13.70 -31.94 7.58
CA GLU B 398 12.86 -31.46 8.67
C GLU B 398 12.54 -29.97 8.51
N TYR B 399 11.75 -29.69 7.46
CA TYR B 399 11.39 -28.31 7.14
C TYR B 399 10.55 -27.69 8.24
N ARG B 400 9.52 -28.40 8.69
CA ARG B 400 8.46 -27.77 9.49
C ARG B 400 8.99 -27.20 10.79
N THR B 401 9.83 -27.95 11.49
CA THR B 401 10.30 -27.51 12.80
C THR B 401 11.64 -26.78 12.76
N THR B 402 12.38 -26.88 11.66
CA THR B 402 13.68 -26.23 11.58
C THR B 402 13.90 -25.34 10.36
N GLY B 403 12.94 -25.23 9.44
CA GLY B 403 13.26 -24.61 8.18
C GLY B 403 12.44 -23.44 7.67
N ARG B 404 11.19 -23.32 8.07
CA ARG B 404 10.33 -22.31 7.48
C ARG B 404 10.54 -20.96 8.12
N SER B 405 10.36 -19.92 7.33
CA SER B 405 10.75 -18.59 7.78
C SER B 405 9.65 -17.96 8.62
N HIS B 406 10.04 -16.90 9.32
CA HIS B 406 9.18 -16.29 10.34
C HIS B 406 7.89 -15.76 9.75
N HIS B 407 7.95 -15.12 8.58
CA HIS B 407 6.79 -14.42 8.07
C HIS B 407 5.68 -15.39 7.71
N TYR B 408 6.01 -16.61 7.32
CA TYR B 408 5.00 -17.62 7.04
C TYR B 408 4.24 -18.01 8.31
N VAL B 409 4.96 -18.28 9.39
CA VAL B 409 4.27 -18.73 10.60
C VAL B 409 3.44 -17.60 11.18
N MET B 410 3.93 -16.36 11.09
CA MET B 410 3.14 -15.24 11.56
C MET B 410 1.86 -15.08 10.74
N LEU B 411 1.95 -15.21 9.42
CA LEU B 411 0.74 -15.09 8.60
C LEU B 411 -0.27 -16.16 8.96
N GLU B 412 0.19 -17.41 9.14
CA GLU B 412 -0.73 -18.47 9.50
C GLU B 412 -1.42 -18.20 10.82
N LYS B 413 -0.65 -17.78 11.84
CA LYS B 413 -1.21 -17.55 13.15
C LYS B 413 -2.23 -16.41 13.12
N TRP B 414 -1.88 -15.29 12.50
CA TRP B 414 -2.79 -14.15 12.50
C TRP B 414 -4.08 -14.45 11.77
N PHE B 415 -4.02 -15.19 10.66
CA PHE B 415 -5.28 -15.52 10.00
C PHE B 415 -6.09 -16.51 10.81
N GLY B 416 -5.45 -17.53 11.39
CA GLY B 416 -6.20 -18.49 12.17
C GLY B 416 -6.87 -17.89 13.38
N MET B 417 -6.29 -16.82 13.94
CA MET B 417 -6.91 -16.15 15.07
C MET B 417 -8.27 -15.58 14.71
N GLU B 418 -8.39 -14.96 13.53
CA GLU B 418 -9.66 -14.38 13.11
C GLU B 418 -10.58 -15.38 12.43
N SER B 419 -10.04 -16.43 11.83
CA SER B 419 -10.89 -17.36 11.10
C SER B 419 -11.93 -18.03 12.00
N ILE B 420 -11.75 -17.97 13.31
CA ILE B 420 -12.72 -18.55 14.24
C ILE B 420 -13.90 -17.61 14.51
N LEU B 421 -13.75 -16.32 14.23
CA LEU B 421 -14.78 -15.34 14.52
C LEU B 421 -15.69 -15.06 13.34
N ILE B 422 -15.45 -15.67 12.20
CA ILE B 422 -16.27 -15.44 11.02
C ILE B 422 -17.14 -16.65 10.78
N GLU B 423 -18.32 -16.41 10.26
CA GLU B 423 -19.25 -17.48 9.91
C GLU B 423 -19.11 -17.80 8.44
N LYS B 424 -19.09 -19.08 8.10
CA LYS B 424 -18.90 -19.53 6.74
C LYS B 424 -19.43 -20.94 6.64
N GLU B 425 -19.58 -21.42 5.41
CA GLU B 425 -20.11 -22.76 5.20
C GLU B 425 -19.49 -23.37 3.96
N ARG B 426 -19.06 -24.62 4.07
CA ARG B 426 -18.43 -25.34 2.97
C ARG B 426 -19.42 -26.33 2.38
N CYS B 427 -19.68 -26.21 1.09
CA CYS B 427 -20.58 -27.14 0.43
C CYS B 427 -19.85 -28.45 0.12
N LYS B 428 -20.58 -29.55 0.18
CA LYS B 428 -20.05 -30.87 -0.10
C LYS B 428 -20.27 -31.31 -1.54
N LYS B 429 -20.93 -30.49 -2.35
CA LYS B 429 -21.10 -30.75 -3.77
C LYS B 429 -20.57 -29.53 -4.51
N ARG B 430 -19.25 -29.47 -4.69
CA ARG B 430 -18.61 -28.36 -5.37
C ARG B 430 -17.62 -28.91 -6.39
N ASP B 431 -16.99 -27.99 -7.11
CA ASP B 431 -15.82 -28.32 -7.89
C ASP B 431 -14.61 -27.78 -7.16
N LEU B 432 -13.74 -28.67 -6.71
CA LEU B 432 -12.60 -28.30 -5.89
C LEU B 432 -11.39 -27.89 -6.70
N SER B 433 -11.54 -27.74 -8.02
CA SER B 433 -10.40 -27.63 -8.92
C SER B 433 -9.46 -26.49 -8.52
N ASP B 434 -10.01 -25.37 -8.11
CA ASP B 434 -9.23 -24.17 -7.84
C ASP B 434 -8.97 -23.95 -6.36
N LEU B 435 -9.15 -25.00 -5.55
CA LEU B 435 -8.85 -24.93 -4.12
C LEU B 435 -7.35 -24.92 -3.89
N LEU B 436 -6.92 -24.13 -2.92
CA LEU B 436 -5.55 -24.12 -2.44
C LEU B 436 -5.49 -24.90 -1.14
N THR B 437 -4.54 -25.81 -1.03
CA THR B 437 -4.45 -26.65 0.16
C THR B 437 -4.19 -25.82 1.41
N PHE B 438 -5.02 -26.05 2.43
CA PHE B 438 -4.97 -25.25 3.66
C PHE B 438 -3.68 -25.42 4.44
N ASP B 439 -3.14 -26.64 4.50
CA ASP B 439 -1.84 -26.88 5.13
C ASP B 439 -0.77 -26.60 4.09
N SER B 440 -0.06 -25.49 4.25
CA SER B 440 0.93 -25.12 3.24
C SER B 440 2.23 -25.90 3.39
N CYS B 441 2.33 -26.79 4.37
CA CYS B 441 3.48 -27.66 4.55
C CYS B 441 3.22 -29.09 4.13
N PHE B 442 2.30 -29.33 3.21
CA PHE B 442 1.97 -30.67 2.77
C PHE B 442 3.15 -31.33 2.04
N TRP B 443 3.78 -30.60 1.14
CA TRP B 443 4.90 -31.17 0.40
C TRP B 443 6.12 -31.42 1.28
N ALA B 444 6.27 -30.69 2.38
CA ALA B 444 7.35 -31.00 3.31
C ALA B 444 7.17 -32.39 3.90
N GLU B 445 5.94 -32.74 4.27
CA GLU B 445 5.65 -34.08 4.74
C GLU B 445 5.95 -35.11 3.66
N VAL B 446 5.56 -34.83 2.41
CA VAL B 446 5.81 -35.83 1.37
C VAL B 446 7.30 -36.05 1.16
N GLU B 447 8.09 -34.97 1.19
CA GLU B 447 9.54 -35.09 1.02
C GLU B 447 10.16 -35.90 2.16
N ASP B 448 9.73 -35.63 3.39
CA ASP B 448 10.22 -36.40 4.54
C ASP B 448 9.88 -37.87 4.41
N SER B 449 8.66 -38.18 3.97
CA SER B 449 8.28 -39.57 3.81
C SER B 449 9.13 -40.26 2.74
N LEU B 450 9.38 -39.59 1.63
CA LEU B 450 10.22 -40.17 0.59
C LEU B 450 11.63 -40.45 1.10
N ILE B 451 12.16 -39.50 1.88
CA ILE B 451 13.47 -39.69 2.50
C ILE B 451 13.49 -40.96 3.33
N VAL B 452 12.48 -41.13 4.19
CA VAL B 452 12.44 -42.29 5.07
C VAL B 452 12.34 -43.58 4.26
N ILE B 453 11.50 -43.59 3.23
CA ILE B 453 11.31 -44.82 2.45
C ILE B 453 12.60 -45.24 1.77
N ASN B 454 13.32 -44.27 1.18
CA ASN B 454 14.56 -44.63 0.50
C ASN B 454 15.62 -45.05 1.50
N GLN B 455 15.62 -44.45 2.69
CA GLN B 455 16.55 -44.86 3.74
C GLN B 455 16.26 -46.27 4.22
N LEU B 456 15.00 -46.69 4.15
CA LEU B 456 14.67 -48.09 4.41
C LEU B 456 15.20 -48.99 3.30
N ASN B 457 14.94 -48.62 2.05
CA ASN B 457 15.35 -49.51 0.95
C ASN B 457 16.87 -49.59 0.79
N THR B 458 17.62 -48.61 1.28
CA THR B 458 19.04 -48.56 0.98
C THR B 458 19.93 -48.99 2.14
N THR B 459 19.42 -48.94 3.37
CA THR B 459 20.27 -49.20 4.52
C THR B 459 20.59 -50.68 4.62
N VAL B 460 21.68 -50.97 5.33
CA VAL B 460 22.11 -52.35 5.58
C VAL B 460 22.73 -52.43 6.97
N GLY B 461 22.57 -53.58 7.60
CA GLY B 461 23.02 -53.75 8.96
C GLY B 461 22.30 -52.88 9.96
N MET B 462 21.09 -52.45 9.63
CA MET B 462 20.33 -51.57 10.51
C MET B 462 19.62 -52.38 11.59
N ARG B 463 19.56 -51.79 12.80
CA ARG B 463 18.91 -52.43 13.93
C ARG B 463 17.41 -52.57 13.69
N ASP B 464 16.69 -53.05 14.71
CA ASP B 464 15.26 -53.25 14.55
C ASP B 464 14.45 -52.21 15.31
N ASP B 465 15.01 -51.60 16.36
CA ASP B 465 14.30 -50.50 16.99
C ASP B 465 14.15 -49.32 16.04
N VAL B 466 15.19 -49.01 15.28
CA VAL B 466 15.10 -47.94 14.30
C VAL B 466 14.19 -48.31 13.15
N ARG B 467 14.23 -49.58 12.71
CA ARG B 467 13.28 -50.01 11.69
C ARG B 467 11.84 -49.85 12.17
N GLU B 468 11.60 -50.14 13.45
CA GLU B 468 10.26 -49.99 13.99
C GLU B 468 9.84 -48.52 14.08
N VAL B 469 10.75 -47.65 14.49
CA VAL B 469 10.38 -46.24 14.53
C VAL B 469 10.13 -45.72 13.11
N LEU B 470 10.87 -46.21 12.11
CA LEU B 470 10.59 -45.79 10.75
C LEU B 470 9.22 -46.26 10.27
N THR B 471 8.85 -47.49 10.60
CA THR B 471 7.50 -47.93 10.27
C THR B 471 6.45 -47.08 10.98
N ARG B 472 6.77 -46.61 12.19
CA ARG B 472 5.87 -45.68 12.87
C ARG B 472 5.71 -44.40 12.06
N LYS B 473 6.81 -43.91 11.50
CA LYS B 473 6.75 -42.70 10.68
C LYS B 473 5.85 -42.89 9.47
N LEU B 474 5.97 -44.04 8.80
CA LEU B 474 5.12 -44.28 7.64
C LEU B 474 3.64 -44.36 8.02
N VAL B 475 3.33 -45.03 9.13
CA VAL B 475 1.92 -45.14 9.50
C VAL B 475 1.36 -43.77 9.90
N GLU B 476 2.18 -42.94 10.53
CA GLU B 476 1.76 -41.59 10.86
C GLU B 476 1.43 -40.79 9.60
N PHE B 477 2.30 -40.88 8.58
CA PHE B 477 2.04 -40.16 7.34
C PHE B 477 0.77 -40.66 6.66
N GLU B 478 0.55 -41.98 6.67
CA GLU B 478 -0.67 -42.49 6.07
C GLU B 478 -1.92 -41.92 6.75
N GLY B 479 -1.90 -41.84 8.08
CA GLY B 479 -3.03 -41.26 8.77
C GLY B 479 -3.26 -39.81 8.38
N TYR B 480 -2.18 -39.03 8.31
CA TYR B 480 -2.28 -37.62 7.94
C TYR B 480 -2.89 -37.45 6.55
N VAL B 481 -2.44 -38.25 5.59
CA VAL B 481 -2.93 -38.14 4.22
C VAL B 481 -4.42 -38.48 4.16
N TRP B 482 -4.82 -39.58 4.80
CA TRP B 482 -6.23 -39.96 4.72
C TRP B 482 -7.11 -38.92 5.40
N GLU B 483 -6.63 -38.29 6.48
CA GLU B 483 -7.44 -37.29 7.14
C GLU B 483 -7.51 -35.96 6.41
N ILE B 484 -6.58 -35.66 5.51
CA ILE B 484 -6.82 -34.45 4.70
C ILE B 484 -7.66 -34.79 3.48
N ILE B 485 -7.55 -35.99 2.91
CA ILE B 485 -8.41 -36.33 1.78
C ILE B 485 -9.86 -36.40 2.20
N THR B 486 -10.16 -37.05 3.33
CA THR B 486 -11.55 -37.25 3.70
C THR B 486 -12.23 -35.96 4.13
N LYS B 487 -11.47 -34.99 4.60
CA LYS B 487 -11.99 -33.71 5.06
C LYS B 487 -12.14 -32.70 3.94
N ARG B 488 -11.79 -33.07 2.71
CA ARG B 488 -11.85 -32.17 1.55
C ARG B 488 -11.03 -30.90 1.78
N GLU B 489 -9.74 -31.09 2.05
CA GLU B 489 -8.84 -29.98 2.34
C GLU B 489 -7.57 -30.01 1.49
N VAL B 490 -7.54 -30.82 0.43
CA VAL B 490 -6.45 -30.80 -0.54
C VAL B 490 -7.05 -30.69 -1.92
N SER B 491 -6.25 -30.19 -2.84
CA SER B 491 -6.56 -29.94 -4.23
C SER B 491 -6.27 -31.17 -5.08
N PRO B 492 -7.12 -31.41 -6.09
CA PRO B 492 -6.95 -32.61 -6.92
C PRO B 492 -5.63 -32.68 -7.69
N GLU B 493 -4.85 -31.61 -7.73
CA GLU B 493 -3.63 -31.62 -8.54
C GLU B 493 -2.51 -32.44 -7.91
N ILE B 494 -2.70 -32.99 -6.71
CA ILE B 494 -1.77 -34.00 -6.21
C ILE B 494 -1.97 -35.36 -6.85
N PHE B 495 -3.01 -35.53 -7.66
CA PHE B 495 -3.22 -36.79 -8.37
C PHE B 495 -2.75 -36.75 -9.81
N LEU B 496 -2.08 -35.69 -10.23
CA LEU B 496 -1.60 -35.61 -11.59
C LEU B 496 -0.45 -36.58 -11.80
N GLU B 497 -0.38 -37.14 -13.02
CA GLU B 497 0.40 -38.35 -13.27
C GLU B 497 1.85 -38.20 -12.81
N GLU B 498 2.47 -37.06 -13.10
CA GLU B 498 3.88 -36.85 -12.81
C GLU B 498 4.10 -36.04 -11.54
N SER B 499 3.16 -36.10 -10.60
CA SER B 499 3.34 -35.54 -9.28
C SER B 499 4.36 -36.35 -8.47
N SER B 500 4.85 -35.75 -7.39
CA SER B 500 5.69 -36.45 -6.43
C SER B 500 4.87 -37.30 -5.47
N PHE B 501 3.63 -36.93 -5.20
CA PHE B 501 2.77 -37.75 -4.37
C PHE B 501 2.54 -39.11 -5.00
N MET B 502 2.45 -39.16 -6.33
CA MET B 502 2.26 -40.44 -6.99
C MET B 502 3.54 -41.27 -7.00
N LYS B 503 4.71 -40.63 -7.01
CA LYS B 503 5.95 -41.38 -6.82
C LYS B 503 6.02 -41.97 -5.42
N TRP B 504 5.63 -41.19 -4.42
CA TRP B 504 5.56 -41.75 -3.06
C TRP B 504 4.59 -42.91 -3.01
N TRP B 505 3.44 -42.76 -3.66
CA TRP B 505 2.46 -43.84 -3.62
C TRP B 505 3.01 -45.10 -4.27
N LYS B 506 3.71 -44.97 -5.39
CA LYS B 506 4.26 -46.16 -6.06
C LYS B 506 5.30 -46.86 -5.18
N GLU B 507 6.23 -46.08 -4.61
CA GLU B 507 7.29 -46.69 -3.83
C GLU B 507 6.76 -47.29 -2.53
N TYR B 508 5.77 -46.64 -1.91
CA TYR B 508 5.16 -47.19 -0.70
C TYR B 508 4.33 -48.42 -1.01
N LYS B 509 3.67 -48.44 -2.17
CA LYS B 509 2.98 -49.64 -2.58
C LYS B 509 3.95 -50.81 -2.76
N LYS B 510 5.16 -50.53 -3.23
CA LYS B 510 6.17 -51.59 -3.31
C LYS B 510 6.60 -52.06 -1.93
N ILE B 511 6.98 -51.13 -1.04
CA ILE B 511 7.51 -51.51 0.27
C ILE B 511 6.40 -51.88 1.25
N LYS B 512 5.14 -51.93 0.81
CA LYS B 512 4.05 -52.26 1.72
C LYS B 512 3.65 -53.73 1.59
N GLY B 513 3.38 -54.18 0.37
CA GLY B 513 2.99 -55.55 0.13
C GLY B 513 1.52 -55.70 -0.18
N PHE B 514 0.77 -56.33 0.72
CA PHE B 514 -0.66 -56.50 0.55
C PHE B 514 -1.43 -56.07 1.80
N ASN B 515 -0.91 -55.15 2.60
CA ASN B 515 -1.56 -54.73 3.83
C ASN B 515 -2.61 -53.69 3.48
N SER B 516 -3.86 -54.12 3.31
CA SER B 516 -4.89 -53.24 2.78
C SER B 516 -5.46 -52.36 3.89
N SER B 517 -5.88 -51.15 3.51
CA SER B 517 -6.38 -50.16 4.45
C SER B 517 -7.39 -49.27 3.73
N TYR B 518 -7.70 -48.13 4.33
CA TYR B 518 -8.59 -47.16 3.70
C TYR B 518 -7.90 -46.50 2.50
N LEU B 519 -6.67 -46.02 2.69
CA LEU B 519 -5.97 -45.32 1.63
C LEU B 519 -5.65 -46.26 0.47
N THR B 520 -5.24 -47.48 0.76
CA THR B 520 -4.95 -48.43 -0.32
C THR B 520 -6.19 -48.75 -1.13
N GLU B 521 -7.35 -48.85 -0.48
CA GLU B 521 -8.58 -49.11 -1.22
C GLU B 521 -8.99 -47.90 -2.04
N PHE B 522 -8.82 -46.70 -1.49
CA PHE B 522 -9.09 -45.48 -2.25
C PHE B 522 -8.24 -45.44 -3.52
N MET B 523 -6.94 -45.68 -3.39
CA MET B 523 -6.06 -45.56 -4.54
C MET B 523 -6.24 -46.71 -5.53
N ASN B 524 -6.35 -47.94 -5.04
CA ASN B 524 -6.34 -49.11 -5.92
C ASN B 524 -7.56 -49.14 -6.83
N THR B 525 -8.74 -48.89 -6.29
CA THR B 525 -9.97 -48.90 -7.09
C THR B 525 -10.04 -47.75 -8.09
N ARG B 526 -9.14 -46.77 -7.97
CA ARG B 526 -9.13 -45.58 -8.82
C ARG B 526 -10.35 -44.70 -8.54
N LYS B 527 -10.63 -44.48 -7.25
CA LYS B 527 -11.65 -43.52 -6.87
C LYS B 527 -11.08 -42.13 -6.66
N TYR B 528 -9.76 -41.98 -6.70
CA TYR B 528 -9.14 -40.67 -6.65
C TYR B 528 -9.36 -39.87 -7.92
N GLU B 529 -9.88 -40.48 -8.99
CA GLU B 529 -10.11 -39.78 -10.25
C GLU B 529 -11.44 -39.04 -10.28
N SER B 530 -12.21 -39.08 -9.20
CA SER B 530 -13.45 -38.32 -9.09
C SER B 530 -13.48 -37.44 -7.86
N TYR B 531 -12.36 -37.29 -7.17
CA TYR B 531 -12.28 -36.40 -6.02
C TYR B 531 -12.45 -34.96 -6.49
N GLY B 532 -13.26 -34.19 -5.78
CA GLY B 532 -13.49 -32.81 -6.11
C GLY B 532 -14.18 -32.54 -7.43
N LYS B 533 -15.18 -33.35 -7.81
CA LYS B 533 -15.91 -33.15 -9.05
C LYS B 533 -17.34 -32.72 -8.80
N SER C 1 0.53 -16.00 -54.56
CA SER C 1 1.01 -15.69 -53.22
C SER C 1 2.53 -15.56 -53.21
N PHE C 2 3.23 -16.69 -53.38
CA PHE C 2 4.68 -16.62 -53.47
C PHE C 2 5.12 -15.88 -54.73
N ASP C 3 4.47 -16.18 -55.86
CA ASP C 3 4.73 -15.43 -57.09
C ASP C 3 4.26 -13.99 -56.99
N ALA C 4 3.12 -13.76 -56.34
CA ALA C 4 2.60 -12.41 -56.18
C ALA C 4 3.53 -11.52 -55.35
N LEU C 5 4.43 -12.10 -54.57
CA LEU C 5 5.41 -11.30 -53.86
C LEU C 5 6.41 -10.68 -54.81
N ASP C 6 6.94 -9.53 -54.42
CA ASP C 6 8.00 -8.86 -55.15
C ASP C 6 9.23 -9.76 -55.18
N PRO C 7 10.23 -9.42 -55.99
CA PRO C 7 11.43 -10.28 -56.05
C PRO C 7 12.12 -10.53 -54.71
N ASN C 8 12.41 -9.48 -53.94
CA ASN C 8 13.23 -9.64 -52.74
C ASN C 8 12.54 -10.52 -51.70
N LEU C 9 11.26 -10.27 -51.48
CA LEU C 9 10.50 -11.09 -50.54
C LEU C 9 10.37 -12.53 -51.01
N LYS C 10 10.61 -12.82 -52.29
CA LYS C 10 10.64 -14.21 -52.73
C LYS C 10 11.73 -14.99 -52.01
N GLU C 11 12.97 -14.48 -52.04
CA GLU C 11 14.03 -15.22 -51.35
C GLU C 11 13.97 -15.03 -49.84
N CYS C 12 13.47 -13.88 -49.38
CA CYS C 12 13.28 -13.75 -47.93
C CYS C 12 12.32 -14.81 -47.42
N PHE C 13 11.22 -15.05 -48.12
CA PHE C 13 10.31 -16.12 -47.76
C PHE C 13 10.92 -17.50 -48.01
N LEU C 14 11.78 -17.63 -49.01
CA LEU C 14 12.38 -18.93 -49.29
C LEU C 14 13.35 -19.36 -48.20
N ASP C 15 14.04 -18.40 -47.57
CA ASP C 15 14.95 -18.74 -46.47
C ASP C 15 14.26 -19.43 -45.31
N MET C 16 12.94 -19.26 -45.15
CA MET C 16 12.22 -19.89 -44.05
C MET C 16 12.22 -21.42 -44.16
N GLY C 17 12.51 -21.96 -45.34
CA GLY C 17 12.43 -23.41 -45.51
C GLY C 17 13.46 -24.19 -44.73
N SER C 18 14.52 -23.54 -44.27
CA SER C 18 15.65 -24.22 -43.64
C SER C 18 15.46 -24.49 -42.16
N PHE C 19 14.39 -24.00 -41.55
CA PHE C 19 14.14 -24.19 -40.13
C PHE C 19 13.08 -25.25 -39.89
N LEU C 20 13.32 -26.06 -38.86
CA LEU C 20 12.49 -27.21 -38.56
C LEU C 20 11.05 -26.81 -38.31
N GLU C 21 10.15 -27.78 -38.43
CA GLU C 21 8.72 -27.53 -38.31
C GLU C 21 8.40 -26.92 -36.95
N ASP C 22 7.49 -25.94 -36.96
CA ASP C 22 6.92 -25.39 -35.74
C ASP C 22 8.00 -24.92 -34.76
N GLN C 23 9.13 -24.44 -35.28
CA GLN C 23 10.20 -23.95 -34.44
C GLN C 23 9.98 -22.48 -34.13
N LYS C 24 10.04 -22.13 -32.85
CA LYS C 24 9.87 -20.76 -32.42
C LYS C 24 11.21 -20.06 -32.56
N ILE C 25 11.37 -19.33 -33.63
CA ILE C 25 12.63 -18.68 -33.93
C ILE C 25 12.58 -17.22 -33.49
N ARG C 26 13.63 -16.79 -32.80
CA ARG C 26 13.76 -15.38 -32.50
C ARG C 26 14.14 -14.61 -33.76
N ALA C 27 13.69 -13.36 -33.84
CA ALA C 27 13.84 -12.60 -35.07
C ALA C 27 15.27 -12.17 -35.36
N SER C 28 16.19 -12.27 -34.40
CA SER C 28 17.58 -11.91 -34.64
C SER C 28 18.36 -12.96 -35.43
N VAL C 29 17.95 -14.22 -35.35
CA VAL C 29 18.63 -15.28 -36.09
C VAL C 29 18.62 -14.99 -37.59
N ILE C 30 17.42 -14.96 -38.17
CA ILE C 30 17.30 -14.79 -39.61
C ILE C 30 17.72 -13.40 -40.04
N ILE C 31 17.59 -12.41 -39.16
CA ILE C 31 18.07 -11.07 -39.50
C ILE C 31 19.58 -11.05 -39.67
N ASP C 32 20.32 -11.70 -38.76
CA ASP C 32 21.77 -11.75 -38.93
C ASP C 32 22.15 -12.53 -40.18
N MET C 33 21.47 -13.66 -40.41
CA MET C 33 21.75 -14.43 -41.63
C MET C 33 21.53 -13.58 -42.88
N TRP C 34 20.40 -12.87 -42.94
CA TRP C 34 20.08 -12.01 -44.06
C TRP C 34 21.06 -10.86 -44.21
N VAL C 35 21.50 -10.26 -43.11
CA VAL C 35 22.47 -9.19 -43.20
C VAL C 35 23.73 -9.69 -43.88
N GLU C 36 24.23 -10.86 -43.48
CA GLU C 36 25.44 -11.35 -44.15
C GLU C 36 25.20 -11.84 -45.57
N LEU C 37 24.07 -12.48 -45.84
CA LEU C 37 23.83 -12.98 -47.20
C LEU C 37 23.60 -11.87 -48.20
N TYR C 38 22.83 -10.85 -47.82
CA TYR C 38 22.31 -9.86 -48.75
C TYR C 38 22.88 -8.47 -48.53
N GLY C 39 23.74 -8.28 -47.53
CA GLY C 39 24.43 -7.02 -47.37
C GLY C 39 23.55 -5.83 -47.09
N LYS C 40 22.30 -6.06 -46.71
CA LYS C 40 21.36 -4.98 -46.46
C LYS C 40 21.43 -4.55 -45.01
N GLY C 41 20.61 -3.55 -44.66
CA GLY C 41 20.60 -3.07 -43.30
C GLY C 41 19.65 -3.86 -42.42
N SER C 42 19.97 -3.91 -41.13
CA SER C 42 19.12 -4.62 -40.18
C SER C 42 17.74 -4.00 -40.08
N SER C 43 17.66 -2.66 -40.10
CA SER C 43 16.38 -2.00 -39.98
C SER C 43 15.46 -2.33 -41.16
N ILE C 44 16.00 -2.27 -42.38
CA ILE C 44 15.17 -2.54 -43.54
C ILE C 44 14.83 -4.03 -43.60
N LEU C 45 15.69 -4.88 -43.07
CA LEU C 45 15.34 -6.30 -43.02
C LEU C 45 14.22 -6.54 -42.01
N TYR C 46 14.23 -5.83 -40.88
CA TYR C 46 13.08 -5.90 -39.99
C TYR C 46 11.82 -5.36 -40.65
N MET C 47 11.96 -4.35 -41.52
CA MET C 47 10.83 -3.87 -42.29
C MET C 47 10.29 -4.92 -43.25
N TYR C 48 11.20 -5.68 -43.88
CA TYR C 48 10.78 -6.78 -44.73
C TYR C 48 10.04 -7.85 -43.92
N LEU C 49 10.50 -8.10 -42.70
CA LEU C 49 9.85 -9.11 -41.86
C LEU C 49 8.47 -8.65 -41.40
N GLU C 50 8.35 -7.36 -41.05
CA GLU C 50 7.03 -6.80 -40.78
C GLU C 50 6.13 -6.90 -42.00
N ASP C 51 6.69 -6.65 -43.18
CA ASP C 51 5.94 -6.76 -44.42
C ASP C 51 5.43 -8.18 -44.63
N LEU C 52 6.30 -9.17 -44.40
CA LEU C 52 5.87 -10.56 -44.57
C LEU C 52 4.82 -10.95 -43.53
N ALA C 53 4.85 -10.33 -42.36
CA ALA C 53 3.78 -10.58 -41.40
C ALA C 53 2.50 -9.82 -41.76
N SER C 54 2.60 -8.78 -42.57
CA SER C 54 1.42 -8.02 -42.96
C SER C 54 0.62 -8.76 -44.03
N GLN C 55 1.30 -9.45 -44.92
CA GLN C 55 0.65 -10.30 -45.91
C GLN C 55 0.28 -11.66 -45.34
N ASN C 56 0.25 -11.79 -44.01
CA ASN C 56 -0.14 -13.02 -43.32
C ASN C 56 0.67 -14.22 -43.80
N LEU C 57 1.97 -14.01 -44.03
CA LEU C 57 2.87 -15.09 -44.39
C LEU C 57 3.79 -15.53 -43.28
N LEU C 58 3.78 -14.84 -42.14
CA LEU C 58 4.43 -15.30 -40.92
C LEU C 58 3.78 -14.58 -39.75
N LYS C 59 4.01 -15.11 -38.56
CA LYS C 59 3.49 -14.54 -37.33
C LYS C 59 4.64 -13.89 -36.57
N LEU C 60 4.42 -12.68 -36.09
CA LEU C 60 5.43 -11.93 -35.36
C LEU C 60 4.85 -11.54 -34.02
N VAL C 61 5.52 -11.93 -32.94
CA VAL C 61 5.03 -11.69 -31.58
C VAL C 61 6.12 -11.01 -30.77
N PRO C 62 5.85 -9.86 -30.16
CA PRO C 62 6.81 -9.32 -29.21
C PRO C 62 6.73 -10.04 -27.88
N LEU C 63 7.87 -10.19 -27.22
CA LEU C 63 7.89 -10.89 -25.95
C LEU C 63 7.80 -9.95 -24.75
N GLY C 64 8.07 -8.67 -24.94
CA GLY C 64 8.04 -7.71 -23.85
C GLY C 64 7.92 -6.31 -24.41
N THR C 65 8.31 -5.34 -23.57
CA THR C 65 8.17 -3.92 -23.88
C THR C 65 9.46 -3.27 -24.35
N ASN C 66 10.31 -4.02 -25.05
CA ASN C 66 11.50 -3.46 -25.66
C ASN C 66 11.14 -2.84 -27.01
N GLU C 67 11.81 -1.74 -27.35
CA GLU C 67 11.57 -1.08 -28.62
C GLU C 67 12.51 -1.63 -29.69
N HIS C 68 12.27 -1.22 -30.93
CA HIS C 68 13.11 -1.67 -32.05
C HIS C 68 14.33 -0.77 -32.15
N GLU C 69 15.22 -0.84 -31.18
CA GLU C 69 16.44 -0.05 -31.23
C GLU C 69 17.39 -0.67 -32.24
N ASP C 70 18.66 -0.28 -32.17
CA ASP C 70 19.58 -0.65 -33.24
C ASP C 70 19.92 -2.13 -33.21
N GLY C 71 19.12 -2.94 -33.90
CA GLY C 71 19.43 -4.33 -34.09
C GLY C 71 19.37 -5.18 -32.84
N PHE C 72 18.47 -4.87 -31.91
CA PHE C 72 18.26 -5.69 -30.72
C PHE C 72 16.90 -6.36 -30.89
N TYR C 73 16.91 -7.48 -31.62
CA TYR C 73 15.70 -8.22 -31.98
C TYR C 73 15.72 -9.62 -31.38
N ASN C 74 16.43 -9.79 -30.27
CA ASN C 74 16.46 -11.03 -29.54
C ASN C 74 15.16 -11.29 -28.79
N ASP C 75 14.15 -10.46 -29.00
CA ASP C 75 12.93 -10.40 -28.21
C ASP C 75 11.66 -10.48 -29.04
N PHE C 76 11.74 -11.04 -30.24
CA PHE C 76 10.57 -11.18 -31.08
C PHE C 76 10.55 -12.58 -31.64
N LEU C 77 9.42 -13.25 -31.52
CA LEU C 77 9.23 -14.56 -32.12
C LEU C 77 8.65 -14.47 -33.51
N VAL C 78 9.26 -15.20 -34.43
CA VAL C 78 8.67 -15.52 -35.73
C VAL C 78 8.14 -16.94 -35.63
N THR C 79 6.85 -17.11 -35.91
CA THR C 79 6.19 -18.41 -35.85
C THR C 79 5.34 -18.60 -37.09
N GLN C 80 5.57 -19.70 -37.80
CA GLN C 80 4.99 -19.95 -39.12
C GLN C 80 4.23 -21.28 -39.12
N HIS C 81 3.08 -21.29 -39.79
CA HIS C 81 2.30 -22.51 -39.94
C HIS C 81 3.11 -23.58 -40.67
N ASP C 82 2.61 -24.82 -40.61
CA ASP C 82 3.24 -25.93 -41.33
C ASP C 82 3.19 -25.71 -42.83
N ILE C 83 2.00 -25.43 -43.37
CA ILE C 83 1.82 -25.40 -44.81
C ILE C 83 2.55 -24.24 -45.46
N LEU C 84 2.78 -23.15 -44.71
CA LEU C 84 3.56 -22.06 -45.27
C LEU C 84 5.02 -22.46 -45.45
N ARG C 85 5.58 -23.21 -44.50
CA ARG C 85 6.93 -23.74 -44.68
C ARG C 85 6.94 -24.76 -45.81
N GLU C 86 5.89 -25.57 -45.90
CA GLU C 86 5.83 -26.58 -46.97
C GLU C 86 5.80 -25.91 -48.34
N LEU C 87 5.05 -24.81 -48.45
CA LEU C 87 5.03 -24.03 -49.68
C LEU C 87 6.42 -23.44 -49.97
N ALA C 88 7.09 -22.92 -48.94
CA ALA C 88 8.43 -22.38 -49.15
C ALA C 88 9.40 -23.47 -49.62
N ILE C 89 9.18 -24.70 -49.18
CA ILE C 89 9.97 -25.83 -49.68
C ILE C 89 9.59 -26.13 -51.14
N CYS C 90 8.31 -26.01 -51.48
CA CYS C 90 7.82 -26.45 -52.79
C CYS C 90 8.57 -25.80 -53.94
N GLN C 91 9.02 -24.56 -53.78
CA GLN C 91 9.60 -23.85 -54.90
C GLN C 91 11.06 -24.23 -55.16
N SER C 92 11.66 -25.06 -54.32
CA SER C 92 13.11 -25.25 -54.35
C SER C 92 13.55 -26.69 -54.56
N GLU C 93 12.66 -27.61 -54.89
CA GLU C 93 13.08 -28.95 -55.31
C GLU C 93 13.18 -29.09 -56.82
N PHE C 94 12.97 -28.01 -57.58
CA PHE C 94 12.92 -28.13 -59.03
C PHE C 94 14.26 -28.55 -59.61
N LYS C 95 15.36 -28.06 -59.05
CA LYS C 95 16.70 -28.42 -59.48
C LYS C 95 17.24 -29.56 -58.63
N GLU C 96 18.31 -30.18 -59.12
CA GLU C 96 18.78 -31.42 -58.55
C GLU C 96 19.63 -31.19 -57.29
N ASN C 97 19.67 -32.21 -56.45
CA ASN C 97 20.18 -32.06 -55.09
C ASN C 97 21.63 -31.61 -55.07
N LEU C 98 22.46 -32.21 -55.92
CA LEU C 98 23.87 -31.83 -55.96
C LEU C 98 24.07 -30.42 -56.51
N GLU C 99 23.12 -29.91 -57.30
CA GLU C 99 23.17 -28.56 -57.82
C GLU C 99 21.98 -27.72 -57.38
N ARG C 100 21.36 -28.04 -56.25
CA ARG C 100 20.41 -27.14 -55.62
C ARG C 100 21.12 -25.90 -55.10
N LYS C 101 20.34 -24.85 -54.86
CA LYS C 101 20.85 -23.70 -54.12
C LYS C 101 20.49 -23.79 -52.65
N ARG C 102 19.20 -23.93 -52.35
CA ARG C 102 18.71 -24.13 -50.99
C ARG C 102 18.40 -25.61 -50.83
N LEU C 103 19.20 -26.31 -50.03
CA LEU C 103 19.05 -27.73 -49.79
C LEU C 103 18.90 -28.00 -48.30
N ASN C 104 17.86 -28.74 -47.95
CA ASN C 104 17.65 -29.18 -46.58
C ASN C 104 17.92 -30.67 -46.52
N LEU C 105 18.82 -31.07 -45.63
CA LEU C 105 19.24 -32.46 -45.56
C LEU C 105 18.89 -33.03 -44.20
N GLU C 106 18.59 -34.34 -44.17
CA GLU C 106 18.23 -35.07 -42.97
C GLU C 106 19.15 -36.26 -42.80
N ILE C 107 19.51 -36.57 -41.56
CA ILE C 107 20.29 -37.76 -41.23
C ILE C 107 19.63 -38.45 -40.05
N LEU C 108 19.17 -39.68 -40.27
CA LEU C 108 18.50 -40.47 -39.24
C LEU C 108 19.39 -41.65 -38.87
N GLU C 109 19.78 -41.73 -37.59
CA GLU C 109 20.61 -42.80 -37.03
C GLU C 109 21.74 -43.23 -37.97
N ASN C 110 22.52 -42.25 -38.42
CA ASN C 110 23.74 -42.46 -39.20
C ASN C 110 23.48 -43.07 -40.57
N THR C 111 22.22 -43.06 -41.03
CA THR C 111 21.92 -43.49 -42.38
C THR C 111 22.21 -42.36 -43.35
N PHE C 112 23.47 -42.12 -43.64
CA PHE C 112 23.83 -40.99 -44.48
C PHE C 112 23.29 -41.20 -45.90
N PRO C 113 22.85 -40.12 -46.55
CA PRO C 113 22.40 -40.25 -47.94
C PRO C 113 23.56 -40.54 -48.88
N ASP C 114 23.27 -41.37 -49.89
CA ASP C 114 24.28 -41.94 -50.75
C ASP C 114 24.68 -41.04 -51.91
N TRP C 115 24.04 -39.90 -52.06
CA TRP C 115 24.45 -38.91 -53.05
C TRP C 115 25.38 -37.85 -52.48
N CYS C 116 25.63 -37.85 -51.16
CA CYS C 116 26.59 -36.92 -50.59
C CYS C 116 28.02 -37.23 -50.97
N LEU C 117 28.27 -38.40 -51.55
CA LEU C 117 29.57 -38.70 -52.13
C LEU C 117 29.93 -37.76 -53.26
N ASN C 118 28.94 -37.07 -53.83
CA ASN C 118 29.13 -36.16 -54.95
C ASN C 118 29.60 -34.79 -54.45
N THR C 119 29.53 -33.80 -55.34
CA THR C 119 29.95 -32.44 -55.02
C THR C 119 28.73 -31.53 -54.99
N ILE C 120 28.35 -31.07 -53.78
CA ILE C 120 27.12 -30.33 -53.57
C ILE C 120 27.35 -28.87 -53.91
N ASN C 121 26.34 -28.24 -54.53
CA ASN C 121 26.46 -26.87 -55.03
C ASN C 121 25.52 -25.91 -54.32
N ALA C 122 24.99 -26.31 -53.16
CA ALA C 122 24.10 -25.43 -52.40
C ALA C 122 24.88 -24.24 -51.85
N SER C 123 24.17 -23.14 -51.62
CA SER C 123 24.73 -22.00 -50.90
C SER C 123 24.04 -21.75 -49.57
N LEU C 124 23.19 -22.67 -49.12
CA LEU C 124 22.47 -22.54 -47.86
C LEU C 124 22.09 -23.96 -47.46
N LEU C 125 22.87 -24.55 -46.55
CA LEU C 125 22.75 -25.96 -46.22
C LEU C 125 22.34 -26.10 -44.76
N SER C 126 21.37 -26.98 -44.50
CA SER C 126 20.91 -27.28 -43.16
C SER C 126 21.02 -28.79 -42.92
N ILE C 127 21.33 -29.17 -41.69
CA ILE C 127 21.53 -30.57 -41.31
C ILE C 127 20.76 -30.84 -40.02
N SER C 128 19.94 -31.89 -40.02
CA SER C 128 19.17 -32.27 -38.85
C SER C 128 19.53 -33.69 -38.43
N THR C 129 19.65 -33.91 -37.12
CA THR C 129 20.00 -35.20 -36.57
C THR C 129 19.09 -35.51 -35.37
N ASP C 130 19.02 -36.78 -35.02
CA ASP C 130 18.11 -37.25 -34.00
C ASP C 130 18.87 -37.65 -32.73
N ASP C 131 18.14 -38.22 -31.77
CA ASP C 131 18.71 -38.51 -30.46
C ASP C 131 19.85 -39.51 -30.52
N LEU C 132 19.78 -40.49 -31.42
CA LEU C 132 20.71 -41.60 -31.46
C LEU C 132 22.00 -41.30 -32.21
N PHE C 133 22.13 -40.09 -32.77
CA PHE C 133 23.29 -39.75 -33.59
C PHE C 133 24.58 -39.94 -32.81
N SER C 134 25.59 -40.52 -33.48
CA SER C 134 26.81 -40.96 -32.83
C SER C 134 28.04 -40.24 -33.36
N SER C 135 27.85 -39.23 -34.20
CA SER C 135 28.94 -38.38 -34.69
C SER C 135 29.99 -39.19 -35.46
N LYS C 136 29.53 -40.17 -36.23
CA LYS C 136 30.37 -40.85 -37.23
C LYS C 136 30.17 -40.10 -38.54
N TRP C 137 31.06 -39.15 -38.82
CA TRP C 137 30.85 -38.18 -39.88
C TRP C 137 31.35 -38.72 -41.22
N LEU C 138 30.47 -38.72 -42.21
CA LEU C 138 30.87 -38.99 -43.58
C LEU C 138 31.62 -37.80 -44.14
N GLU C 139 32.45 -38.06 -45.15
CA GLU C 139 33.30 -37.02 -45.73
C GLU C 139 32.71 -36.55 -47.06
N MET C 140 32.30 -35.28 -47.10
CA MET C 140 31.64 -34.69 -48.25
C MET C 140 32.45 -33.49 -48.75
N ASP C 141 32.05 -32.98 -49.90
CA ASP C 141 32.55 -31.71 -50.43
C ASP C 141 31.36 -30.78 -50.61
N CYS C 142 31.48 -29.56 -50.08
CA CYS C 142 30.42 -28.55 -50.15
C CYS C 142 31.07 -27.20 -50.31
N PRO C 143 31.58 -26.88 -51.50
CA PRO C 143 32.33 -25.63 -51.67
C PRO C 143 31.49 -24.41 -52.01
N ASN C 144 30.19 -24.55 -52.25
CA ASN C 144 29.37 -23.43 -52.69
C ASN C 144 28.53 -22.80 -51.58
N VAL C 145 28.61 -23.32 -50.36
CA VAL C 145 27.74 -22.88 -49.28
C VAL C 145 28.28 -21.61 -48.65
N GLU C 146 27.36 -20.70 -48.29
CA GLU C 146 27.67 -19.51 -47.51
C GLU C 146 27.00 -19.46 -46.15
N ALA C 147 25.98 -20.26 -45.92
CA ALA C 147 25.30 -20.33 -44.63
C ALA C 147 25.29 -21.78 -44.14
N LEU C 148 24.94 -21.98 -42.87
CA LEU C 148 25.00 -23.30 -42.29
C LEU C 148 24.18 -23.34 -41.00
N VAL C 149 23.30 -24.33 -40.90
CA VAL C 149 22.43 -24.52 -39.73
C VAL C 149 22.51 -25.99 -39.31
N LEU C 150 22.67 -26.23 -38.02
CA LEU C 150 22.77 -27.58 -37.48
C LEU C 150 21.76 -27.76 -36.37
N ASN C 151 20.75 -28.58 -36.60
CA ASN C 151 19.76 -28.91 -35.58
C ASN C 151 20.18 -30.21 -34.90
N LEU C 152 20.14 -30.21 -33.57
CA LEU C 152 20.68 -31.27 -32.75
C LEU C 152 19.61 -31.82 -31.83
N SER C 153 19.82 -33.06 -31.40
CA SER C 153 19.03 -33.64 -30.33
C SER C 153 19.91 -34.51 -29.43
N SER C 154 21.22 -34.52 -29.68
CA SER C 154 22.13 -35.47 -29.07
C SER C 154 22.63 -34.98 -27.72
N SER C 155 23.02 -35.94 -26.88
CA SER C 155 23.69 -35.62 -25.63
C SER C 155 25.13 -35.20 -25.83
N ASP C 156 25.72 -35.51 -26.97
CA ASP C 156 27.11 -35.18 -27.25
C ASP C 156 27.27 -35.07 -28.76
N TYR C 157 28.13 -34.15 -29.20
CA TYR C 157 28.18 -33.76 -30.60
C TYR C 157 29.58 -33.32 -30.97
N ALA C 158 30.01 -33.67 -32.18
CA ALA C 158 31.28 -33.22 -32.73
C ALA C 158 31.01 -32.56 -34.07
N LEU C 159 31.58 -31.37 -34.28
CA LEU C 159 31.41 -30.68 -35.54
C LEU C 159 32.08 -31.48 -36.66
N PRO C 160 31.48 -31.51 -37.85
CA PRO C 160 32.10 -32.25 -38.95
C PRO C 160 33.44 -31.66 -39.34
N SER C 161 34.31 -32.52 -39.87
CA SER C 161 35.62 -32.04 -40.33
C SER C 161 35.52 -31.33 -41.67
N PHE C 162 34.60 -31.76 -42.53
CA PHE C 162 34.52 -31.12 -43.84
C PHE C 162 34.07 -29.71 -43.75
N ILE C 163 33.77 -29.19 -42.56
CA ILE C 163 33.56 -27.76 -42.41
C ILE C 163 34.77 -26.99 -42.92
N SER C 164 35.96 -27.53 -42.72
CA SER C 164 37.15 -26.84 -43.20
C SER C 164 37.19 -26.75 -44.72
N GLY C 165 36.35 -27.51 -45.43
CA GLY C 165 36.30 -27.42 -46.87
C GLY C 165 35.44 -26.29 -47.41
N MET C 166 34.51 -25.78 -46.62
CA MET C 166 33.67 -24.65 -47.06
C MET C 166 34.49 -23.37 -46.90
N LYS C 167 35.21 -23.02 -47.95
CA LYS C 167 36.02 -21.81 -47.97
C LYS C 167 35.19 -20.55 -48.16
N LYS C 168 33.87 -20.69 -48.32
CA LYS C 168 33.00 -19.55 -48.61
C LYS C 168 32.01 -19.26 -47.48
N LEU C 169 32.15 -19.92 -46.33
CA LEU C 169 31.17 -19.78 -45.25
C LEU C 169 31.16 -18.35 -44.71
N LYS C 170 29.98 -17.89 -44.32
CA LYS C 170 29.80 -16.57 -43.72
C LYS C 170 29.06 -16.60 -42.39
N VAL C 171 28.11 -17.52 -42.21
CA VAL C 171 27.23 -17.54 -41.05
C VAL C 171 27.24 -18.95 -40.48
N LEU C 172 26.93 -19.04 -39.18
CA LEU C 172 26.97 -20.32 -38.48
C LEU C 172 25.94 -20.28 -37.36
N THR C 173 25.11 -21.30 -37.26
CA THR C 173 24.11 -21.39 -36.20
C THR C 173 23.96 -22.84 -35.77
N ILE C 174 23.97 -23.08 -34.47
CA ILE C 174 23.74 -24.38 -33.89
C ILE C 174 22.63 -24.25 -32.86
N THR C 175 21.59 -25.06 -33.01
CA THR C 175 20.48 -25.06 -32.06
C THR C 175 20.29 -26.47 -31.54
N ASN C 176 20.24 -26.62 -30.21
CA ASN C 176 20.03 -27.90 -29.58
C ASN C 176 18.58 -28.03 -29.15
N HIS C 177 17.95 -29.12 -29.56
CA HIS C 177 16.55 -29.42 -29.25
C HIS C 177 16.42 -30.53 -28.23
N GLY C 178 17.50 -30.88 -27.55
CA GLY C 178 17.46 -31.90 -26.52
C GLY C 178 17.07 -31.33 -25.18
N PHE C 179 16.84 -32.25 -24.24
CA PHE C 179 16.38 -31.84 -22.91
C PHE C 179 17.51 -31.23 -22.11
N TYR C 180 18.68 -31.80 -22.19
CA TYR C 180 19.88 -31.41 -21.49
C TYR C 180 20.91 -30.86 -22.47
N PRO C 181 21.77 -29.93 -22.04
CA PRO C 181 22.66 -29.26 -22.99
C PRO C 181 23.57 -30.25 -23.70
N ALA C 182 23.91 -29.95 -24.95
CA ALA C 182 24.82 -30.76 -25.73
C ALA C 182 26.26 -30.35 -25.46
N ARG C 183 27.16 -31.32 -25.48
CA ARG C 183 28.59 -31.09 -25.28
C ARG C 183 29.26 -30.99 -26.63
N LEU C 184 29.52 -29.77 -27.10
CA LEU C 184 30.21 -29.57 -28.36
C LEU C 184 31.71 -29.81 -28.23
N SER C 185 32.29 -30.37 -29.30
CA SER C 185 33.70 -30.69 -29.38
C SER C 185 34.12 -30.60 -30.84
N ASN C 186 35.43 -30.73 -31.07
CA ASN C 186 36.00 -30.60 -32.40
C ASN C 186 35.59 -29.28 -33.04
N PHE C 187 36.07 -28.20 -32.44
CA PHE C 187 35.58 -26.89 -32.80
C PHE C 187 36.65 -26.02 -33.44
N SER C 188 37.93 -26.38 -33.24
CA SER C 188 39.06 -25.61 -33.76
C SER C 188 39.16 -25.64 -35.28
N CYS C 189 38.45 -26.54 -35.96
CA CYS C 189 38.50 -26.59 -37.41
C CYS C 189 38.14 -25.25 -38.04
N LEU C 190 37.31 -24.45 -37.36
CA LEU C 190 36.88 -23.17 -37.92
C LEU C 190 38.04 -22.24 -38.16
N SER C 191 39.19 -22.49 -37.53
CA SER C 191 40.32 -21.58 -37.63
C SER C 191 40.87 -21.48 -39.06
N SER C 192 40.48 -22.38 -39.95
CA SER C 192 40.93 -22.36 -41.33
C SER C 192 40.03 -21.53 -42.25
N LEU C 193 38.91 -21.03 -41.75
CA LEU C 193 37.95 -20.33 -42.59
C LEU C 193 38.31 -18.85 -42.65
N PRO C 194 38.50 -18.27 -43.84
CA PRO C 194 38.89 -16.86 -43.94
C PRO C 194 37.74 -15.88 -44.02
N ASN C 195 36.50 -16.34 -43.92
CA ASN C 195 35.35 -15.49 -44.19
C ASN C 195 34.25 -15.57 -43.15
N LEU C 196 34.48 -16.25 -42.03
CA LEU C 196 33.44 -16.40 -41.02
C LEU C 196 33.29 -15.08 -40.26
N LYS C 197 32.06 -14.57 -40.18
CA LYS C 197 31.85 -13.25 -39.61
C LYS C 197 30.79 -13.20 -38.52
N ARG C 198 29.90 -14.17 -38.48
CA ARG C 198 28.90 -14.23 -37.43
C ARG C 198 28.64 -15.67 -37.01
N ILE C 199 28.63 -15.90 -35.71
CA ILE C 199 28.45 -17.21 -35.11
C ILE C 199 27.40 -17.08 -34.03
N ARG C 200 26.50 -18.06 -33.95
CA ARG C 200 25.46 -18.06 -32.93
C ARG C 200 25.28 -19.47 -32.41
N LEU C 201 25.11 -19.60 -31.10
CA LEU C 201 24.94 -20.89 -30.45
C LEU C 201 23.70 -20.80 -29.57
N GLU C 202 23.16 -21.95 -29.18
CA GLU C 202 21.98 -21.95 -28.32
C GLU C 202 21.82 -23.29 -27.65
N LYS C 203 21.83 -23.28 -26.32
CA LYS C 203 21.54 -24.45 -25.49
C LYS C 203 22.63 -25.50 -25.62
N VAL C 204 23.88 -25.07 -25.62
CA VAL C 204 25.02 -25.95 -25.85
C VAL C 204 26.06 -25.69 -24.76
N SER C 205 26.73 -26.75 -24.35
CA SER C 205 27.66 -26.71 -23.22
C SER C 205 29.06 -26.43 -23.74
N ILE C 206 29.53 -25.21 -23.49
CA ILE C 206 30.78 -24.73 -24.06
C ILE C 206 31.67 -24.18 -22.96
N THR C 207 32.93 -24.59 -22.97
CA THR C 207 33.96 -23.94 -22.19
C THR C 207 34.35 -22.62 -22.88
N LEU C 208 33.81 -21.51 -22.39
CA LEU C 208 33.86 -20.26 -23.16
C LEU C 208 35.28 -19.81 -23.50
N LEU C 209 36.30 -20.25 -22.75
CA LEU C 209 37.66 -19.77 -22.95
C LEU C 209 38.26 -20.16 -24.29
N ASP C 210 37.56 -20.96 -25.10
CA ASP C 210 38.14 -21.45 -26.34
C ASP C 210 38.43 -20.35 -27.34
N ILE C 211 37.57 -19.35 -27.45
CA ILE C 211 37.57 -18.41 -28.57
C ILE C 211 38.93 -17.74 -28.78
N PRO C 212 39.62 -17.23 -27.74
CA PRO C 212 41.00 -16.75 -27.98
C PRO C 212 41.95 -17.83 -28.46
N GLN C 213 41.74 -19.08 -28.06
CA GLN C 213 42.60 -20.18 -28.51
C GLN C 213 42.43 -20.46 -30.00
N LEU C 214 41.34 -20.00 -30.61
CA LEU C 214 40.93 -20.51 -31.92
C LEU C 214 41.27 -19.62 -33.10
N GLN C 215 41.85 -18.44 -32.90
CA GLN C 215 42.26 -17.54 -33.97
C GLN C 215 41.12 -17.28 -34.97
N LEU C 216 40.09 -16.60 -34.48
CA LEU C 216 38.98 -16.16 -35.32
C LEU C 216 39.25 -14.74 -35.80
N SER C 217 40.14 -14.65 -36.79
CA SER C 217 40.71 -13.36 -37.18
C SER C 217 39.71 -12.46 -37.89
N SER C 218 38.57 -12.98 -38.31
CA SER C 218 37.61 -12.22 -39.10
C SER C 218 36.21 -12.23 -38.50
N LEU C 219 36.06 -12.67 -37.26
CA LEU C 219 34.74 -12.77 -36.66
C LEU C 219 34.25 -11.38 -36.26
N LYS C 220 33.03 -11.04 -36.68
CA LYS C 220 32.44 -9.73 -36.40
C LYS C 220 31.53 -9.72 -35.18
N LYS C 221 30.87 -10.84 -34.89
CA LYS C 221 29.89 -10.89 -33.82
C LYS C 221 29.83 -12.30 -33.27
N LEU C 222 29.45 -12.41 -32.01
CA LEU C 222 29.28 -13.71 -31.37
C LEU C 222 28.12 -13.59 -30.40
N SER C 223 27.16 -14.50 -30.49
CA SER C 223 25.98 -14.47 -29.63
C SER C 223 25.78 -15.82 -28.99
N LEU C 224 25.44 -15.83 -27.71
CA LEU C 224 25.16 -17.06 -26.98
C LEU C 224 23.83 -16.92 -26.27
N VAL C 225 22.98 -17.93 -26.38
CA VAL C 225 21.69 -17.97 -25.70
C VAL C 225 21.59 -19.26 -24.92
N MET C 226 21.25 -19.17 -23.64
CA MET C 226 20.98 -20.33 -22.80
C MET C 226 22.17 -21.27 -22.70
N CYS C 227 23.37 -20.77 -22.84
CA CYS C 227 24.53 -21.63 -22.85
C CYS C 227 24.97 -21.97 -21.43
N SER C 228 25.73 -23.05 -21.31
CA SER C 228 26.34 -23.45 -20.06
C SER C 228 27.85 -23.34 -20.22
N PHE C 229 28.50 -22.82 -19.19
CA PHE C 229 29.92 -22.50 -19.26
C PHE C 229 30.80 -23.48 -18.51
N GLY C 230 30.23 -24.34 -17.68
CA GLY C 230 31.04 -25.28 -16.95
C GLY C 230 31.98 -24.57 -15.98
N GLU C 231 33.09 -25.24 -15.68
CA GLU C 231 34.05 -24.74 -14.70
C GLU C 231 34.77 -23.53 -15.28
N VAL C 232 34.58 -22.36 -14.66
CA VAL C 232 35.08 -21.10 -15.21
C VAL C 232 36.57 -20.99 -14.90
N PHE C 233 37.40 -21.34 -15.88
CA PHE C 233 38.83 -21.13 -15.81
C PHE C 233 39.19 -19.75 -16.35
N TYR C 234 40.41 -19.30 -16.03
CA TYR C 234 40.92 -18.03 -16.54
C TYR C 234 42.37 -18.04 -17.00
N ASP C 235 43.16 -19.04 -16.58
CA ASP C 235 44.62 -18.93 -16.62
C ASP C 235 45.17 -19.43 -17.95
N THR C 236 44.81 -18.74 -19.02
CA THR C 236 45.45 -18.94 -20.33
C THR C 236 45.76 -17.55 -20.89
N GLU C 237 46.92 -17.01 -20.49
CA GLU C 237 47.42 -15.74 -20.97
C GLU C 237 48.37 -15.88 -22.14
N ASP C 238 48.49 -17.09 -22.70
CA ASP C 238 49.47 -17.39 -23.73
C ASP C 238 49.16 -16.72 -25.07
N ILE C 239 47.93 -16.28 -25.30
CA ILE C 239 47.47 -15.86 -26.61
C ILE C 239 46.98 -14.41 -26.52
N VAL C 240 47.45 -13.56 -27.42
CA VAL C 240 47.05 -12.16 -27.43
C VAL C 240 45.64 -12.06 -27.99
N VAL C 241 44.71 -11.58 -27.17
CA VAL C 241 43.31 -11.51 -27.58
C VAL C 241 43.14 -10.48 -28.68
N SER C 242 43.77 -9.30 -28.52
CA SER C 242 43.55 -8.21 -29.46
C SER C 242 44.14 -8.49 -30.85
N ASN C 243 44.97 -9.52 -30.98
CA ASN C 243 45.55 -9.89 -32.27
C ASN C 243 44.82 -11.06 -32.92
N ALA C 244 44.30 -12.00 -32.13
CA ALA C 244 43.48 -13.06 -32.69
C ALA C 244 42.09 -12.54 -33.06
N LEU C 245 41.60 -11.53 -32.35
CA LEU C 245 40.22 -11.07 -32.48
C LEU C 245 40.17 -9.63 -32.98
N SER C 246 40.92 -9.34 -34.05
CA SER C 246 41.06 -7.97 -34.51
C SER C 246 39.75 -7.37 -34.99
N LYS C 247 38.73 -8.18 -35.28
CA LYS C 247 37.54 -7.68 -35.94
C LYS C 247 36.25 -7.97 -35.15
N LEU C 248 36.35 -8.22 -33.85
CA LEU C 248 35.18 -8.49 -33.05
C LEU C 248 34.57 -7.19 -32.57
N GLN C 249 33.26 -7.06 -32.70
CA GLN C 249 32.63 -5.82 -32.31
C GLN C 249 31.44 -5.98 -31.37
N GLU C 250 30.65 -7.05 -31.53
CA GLU C 250 29.46 -7.25 -30.71
C GLU C 250 29.55 -8.59 -30.01
N ILE C 251 29.17 -8.62 -28.74
CA ILE C 251 28.98 -9.86 -28.00
C ILE C 251 27.64 -9.77 -27.30
N ASP C 252 26.75 -10.71 -27.58
CA ASP C 252 25.43 -10.76 -26.97
C ASP C 252 25.33 -12.03 -26.13
N ILE C 253 25.27 -11.89 -24.82
CA ILE C 253 25.10 -13.00 -23.91
C ILE C 253 23.70 -12.88 -23.32
N ASP C 254 22.88 -13.90 -23.50
CA ASP C 254 21.48 -13.85 -23.10
C ASP C 254 21.11 -15.12 -22.35
N TYR C 255 20.49 -14.98 -21.19
CA TYR C 255 19.91 -16.07 -20.41
C TYR C 255 20.93 -17.10 -19.95
N CYS C 256 22.17 -16.71 -19.76
CA CYS C 256 23.19 -17.64 -19.30
C CYS C 256 23.10 -17.75 -17.79
N TYR C 257 22.47 -18.82 -17.32
CA TYR C 257 22.06 -18.91 -15.92
C TYR C 257 23.22 -19.19 -14.99
N ASP C 258 24.21 -19.99 -15.42
CA ASP C 258 25.28 -20.41 -14.54
C ASP C 258 26.47 -19.47 -14.57
N LEU C 259 26.49 -18.48 -15.47
CA LEU C 259 27.60 -17.55 -15.54
C LEU C 259 27.62 -16.62 -14.34
N ASP C 260 28.38 -16.97 -13.31
CA ASP C 260 28.44 -16.11 -12.13
C ASP C 260 29.56 -15.08 -12.24
N GLU C 261 30.58 -15.36 -13.04
CA GLU C 261 31.67 -14.43 -13.21
C GLU C 261 32.00 -14.28 -14.69
N LEU C 262 32.06 -13.03 -15.13
CA LEU C 262 32.35 -12.72 -16.52
C LEU C 262 33.78 -13.12 -16.86
N PRO C 263 34.01 -13.68 -18.05
CA PRO C 263 35.36 -14.17 -18.38
C PRO C 263 36.38 -13.05 -18.51
N TYR C 264 37.66 -13.45 -18.39
CA TYR C 264 38.75 -12.49 -18.38
C TYR C 264 39.01 -11.89 -19.75
N TRP C 265 38.84 -12.67 -20.82
CA TRP C 265 39.37 -12.25 -22.10
C TRP C 265 38.57 -11.16 -22.77
N ILE C 266 37.27 -11.03 -22.46
CA ILE C 266 36.47 -10.06 -23.21
C ILE C 266 36.87 -8.63 -22.89
N SER C 267 37.57 -8.41 -21.79
CA SER C 267 38.11 -7.09 -21.47
C SER C 267 39.27 -6.70 -22.38
N GLU C 268 39.84 -7.64 -23.14
CA GLU C 268 40.96 -7.37 -24.02
C GLU C 268 40.57 -7.18 -25.48
N ILE C 269 39.28 -7.17 -25.80
CA ILE C 269 38.88 -6.84 -27.17
C ILE C 269 38.65 -5.33 -27.24
N VAL C 270 39.68 -4.59 -27.65
CA VAL C 270 39.58 -3.15 -27.74
C VAL C 270 38.75 -2.69 -28.92
N SER C 271 38.38 -3.60 -29.81
CA SER C 271 37.49 -3.28 -30.91
C SER C 271 36.03 -3.43 -30.53
N LEU C 272 35.72 -3.59 -29.25
CA LEU C 272 34.34 -3.74 -28.81
C LEU C 272 33.57 -2.46 -29.00
N LYS C 273 32.36 -2.57 -29.52
CA LYS C 273 31.43 -1.46 -29.60
C LYS C 273 30.17 -1.69 -28.80
N THR C 274 29.60 -2.88 -28.85
CA THR C 274 28.40 -3.23 -28.11
C THR C 274 28.77 -4.29 -27.10
N LEU C 275 28.02 -4.35 -26.01
CA LEU C 275 28.13 -5.43 -25.04
C LEU C 275 26.80 -5.56 -24.35
N SER C 276 26.26 -6.78 -24.33
CA SER C 276 24.89 -7.02 -23.93
C SER C 276 24.82 -8.26 -23.07
N ILE C 277 24.56 -8.09 -21.78
CA ILE C 277 24.42 -9.21 -20.86
C ILE C 277 23.04 -9.11 -20.22
N THR C 278 22.06 -9.76 -20.82
CA THR C 278 20.67 -9.60 -20.42
C THR C 278 20.13 -10.92 -19.88
N ASN C 279 19.28 -10.82 -18.86
CA ASN C 279 18.60 -11.97 -18.25
C ASN C 279 19.56 -12.95 -17.61
N CYS C 280 20.73 -12.50 -17.21
CA CYS C 280 21.73 -13.36 -16.58
C CYS C 280 21.65 -13.15 -15.08
N ASN C 281 21.04 -14.10 -14.39
CA ASN C 281 20.55 -13.91 -13.03
C ASN C 281 21.49 -14.44 -11.96
N LYS C 282 22.67 -14.93 -12.34
CA LYS C 282 23.71 -15.23 -11.35
C LYS C 282 24.85 -14.22 -11.39
N LEU C 283 24.82 -13.27 -12.30
CA LEU C 283 25.86 -12.26 -12.37
C LEU C 283 25.58 -11.20 -11.32
N SER C 284 26.52 -11.05 -10.38
CA SER C 284 26.38 -10.12 -9.28
C SER C 284 27.21 -8.86 -9.43
N GLN C 285 28.27 -8.91 -10.23
CA GLN C 285 29.21 -7.80 -10.33
C GLN C 285 29.99 -7.94 -11.63
N LEU C 286 30.63 -6.86 -12.04
CA LEU C 286 31.39 -6.85 -13.27
C LEU C 286 32.86 -6.56 -12.98
N PRO C 287 33.77 -7.06 -13.81
CA PRO C 287 35.20 -6.83 -13.55
C PRO C 287 35.56 -5.36 -13.67
N GLU C 288 36.54 -4.94 -12.86
CA GLU C 288 37.03 -3.58 -12.94
C GLU C 288 37.96 -3.37 -14.13
N ALA C 289 38.18 -4.41 -14.94
CA ALA C 289 38.93 -4.24 -16.18
C ALA C 289 38.04 -3.81 -17.33
N ILE C 290 36.73 -3.67 -17.11
CA ILE C 290 35.83 -3.23 -18.17
C ILE C 290 36.15 -1.80 -18.60
N GLY C 291 36.73 -1.00 -17.71
CA GLY C 291 37.20 0.31 -18.10
C GLY C 291 38.30 0.29 -19.15
N ASN C 292 38.76 -0.90 -19.54
CA ASN C 292 39.75 -1.01 -20.59
C ASN C 292 39.13 -1.06 -21.97
N LEU C 293 37.80 -1.02 -22.07
CA LEU C 293 37.13 -0.92 -23.37
C LEU C 293 36.93 0.56 -23.70
N SER C 294 37.98 1.17 -24.26
CA SER C 294 37.97 2.60 -24.48
C SER C 294 37.08 3.02 -25.63
N ARG C 295 36.55 2.10 -26.43
CA ARG C 295 35.71 2.46 -27.57
C ARG C 295 34.32 1.83 -27.47
N LEU C 296 33.87 1.49 -26.26
CA LEU C 296 32.55 0.89 -26.10
C LEU C 296 31.48 1.96 -26.29
N GLU C 297 30.48 1.65 -27.12
CA GLU C 297 29.37 2.55 -27.41
C GLU C 297 28.11 2.21 -26.62
N VAL C 298 27.62 0.99 -26.78
CA VAL C 298 26.38 0.58 -26.17
C VAL C 298 26.70 -0.35 -25.01
N LEU C 299 25.79 -0.43 -24.05
CA LEU C 299 25.96 -1.35 -22.93
C LEU C 299 24.60 -1.66 -22.37
N ARG C 300 24.12 -2.89 -22.57
CA ARG C 300 22.82 -3.31 -22.11
C ARG C 300 22.98 -4.33 -21.00
N LEU C 301 22.16 -4.23 -19.97
CA LEU C 301 22.17 -5.16 -18.85
C LEU C 301 20.74 -5.51 -18.45
N CYS C 302 19.83 -5.55 -19.42
CA CYS C 302 18.40 -5.60 -19.15
C CYS C 302 18.00 -6.88 -18.41
N SER C 303 17.21 -6.71 -17.36
CA SER C 303 16.54 -7.81 -16.66
C SER C 303 17.53 -8.76 -15.97
N SER C 304 18.64 -8.22 -15.48
CA SER C 304 19.58 -8.98 -14.67
C SER C 304 19.32 -8.60 -13.21
N MET C 305 18.59 -9.44 -12.50
CA MET C 305 17.94 -9.00 -11.27
C MET C 305 18.89 -8.97 -10.07
N ASN C 306 20.05 -9.62 -10.17
CA ASN C 306 20.94 -9.77 -9.03
C ASN C 306 22.12 -8.81 -9.03
N LEU C 307 22.27 -7.99 -10.07
CA LEU C 307 23.42 -7.10 -10.18
C LEU C 307 23.24 -5.93 -9.22
N SER C 308 24.12 -5.84 -8.23
CA SER C 308 23.94 -4.89 -7.14
C SER C 308 24.50 -3.52 -7.42
N GLU C 309 25.50 -3.42 -8.29
CA GLU C 309 26.15 -2.14 -8.56
C GLU C 309 26.92 -2.24 -9.88
N LEU C 310 27.26 -1.07 -10.44
CA LEU C 310 28.08 -0.95 -11.64
C LEU C 310 29.50 -0.60 -11.29
N PRO C 311 30.49 -1.18 -11.96
CA PRO C 311 31.88 -0.97 -11.54
C PRO C 311 32.31 0.48 -11.71
N GLU C 312 33.28 0.87 -10.89
CA GLU C 312 33.75 2.25 -10.90
C GLU C 312 34.36 2.64 -12.23
N ALA C 313 35.17 1.76 -12.82
CA ALA C 313 35.91 2.09 -14.03
C ALA C 313 34.99 2.42 -15.20
N THR C 314 33.68 2.47 -14.97
CA THR C 314 32.77 3.01 -15.96
C THR C 314 33.11 4.46 -16.28
N GLU C 315 33.85 5.13 -15.39
CA GLU C 315 34.41 6.45 -15.73
C GLU C 315 35.22 6.40 -17.02
N GLY C 316 35.99 5.32 -17.22
CA GLY C 316 36.91 5.25 -18.33
C GLY C 316 36.26 5.03 -19.68
N LEU C 317 35.00 4.59 -19.71
CA LEU C 317 34.29 4.42 -20.96
C LEU C 317 33.95 5.83 -21.47
N SER C 318 34.79 6.32 -22.36
CA SER C 318 34.67 7.67 -22.87
C SER C 318 33.75 7.77 -24.08
N ASN C 319 33.32 6.65 -24.63
CA ASN C 319 32.54 6.64 -25.86
C ASN C 319 31.10 6.25 -25.64
N LEU C 320 30.72 5.90 -24.42
CA LEU C 320 29.38 5.37 -24.16
C LEU C 320 28.31 6.34 -24.62
N ARG C 321 27.43 5.87 -25.50
CA ARG C 321 26.27 6.64 -25.92
C ARG C 321 25.00 6.19 -25.22
N PHE C 322 24.69 4.90 -25.33
CA PHE C 322 23.43 4.30 -24.91
C PHE C 322 23.70 3.43 -23.69
N LEU C 323 22.80 3.45 -22.73
CA LEU C 323 23.04 2.75 -21.47
C LEU C 323 21.72 2.25 -20.95
N ASP C 324 21.53 0.94 -20.91
CA ASP C 324 20.22 0.34 -20.72
C ASP C 324 20.25 -0.57 -19.49
N ILE C 325 19.45 -0.24 -18.49
CA ILE C 325 19.43 -1.04 -17.27
C ILE C 325 17.99 -1.37 -16.88
N SER C 326 17.11 -1.50 -17.87
CA SER C 326 15.70 -1.72 -17.60
C SER C 326 15.49 -2.99 -16.80
N HIS C 327 14.58 -2.92 -15.82
CA HIS C 327 14.19 -4.05 -14.98
C HIS C 327 15.33 -4.62 -14.15
N CYS C 328 16.36 -3.83 -13.86
CA CYS C 328 17.46 -4.28 -13.00
C CYS C 328 17.05 -4.05 -11.56
N LEU C 329 16.47 -5.08 -10.94
CA LEU C 329 15.82 -4.90 -9.65
C LEU C 329 16.82 -4.80 -8.52
N GLY C 330 17.96 -5.47 -8.62
CA GLY C 330 18.94 -5.40 -7.57
C GLY C 330 19.86 -4.21 -7.62
N LEU C 331 19.72 -3.36 -8.64
CA LEU C 331 20.59 -2.20 -8.76
C LEU C 331 20.20 -1.14 -7.75
N ARG C 332 21.19 -0.65 -7.00
CA ARG C 332 20.98 0.25 -5.88
C ARG C 332 21.41 1.69 -6.17
N LYS C 333 22.61 1.88 -6.72
CA LYS C 333 23.10 3.23 -6.94
C LYS C 333 24.08 3.24 -8.11
N LEU C 334 23.95 4.25 -8.96
CA LEU C 334 24.86 4.42 -10.07
C LEU C 334 26.24 4.86 -9.55
N PRO C 335 27.30 4.64 -10.33
CA PRO C 335 28.63 5.05 -9.89
C PRO C 335 28.74 6.57 -9.73
N GLN C 336 29.61 6.98 -8.81
CA GLN C 336 29.59 8.36 -8.33
C GLN C 336 30.32 9.31 -9.26
N GLU C 337 30.95 8.79 -10.32
CA GLU C 337 31.50 9.63 -11.37
C GLU C 337 30.76 9.48 -12.68
N ILE C 338 29.51 9.00 -12.65
CA ILE C 338 28.75 8.77 -13.86
C ILE C 338 28.62 10.04 -14.68
N GLY C 339 28.78 11.20 -14.04
CA GLY C 339 28.66 12.48 -14.72
C GLY C 339 29.86 12.91 -15.52
N LYS C 340 30.96 12.15 -15.48
CA LYS C 340 32.12 12.47 -16.30
C LYS C 340 31.99 12.00 -17.73
N LEU C 341 30.95 11.23 -18.08
CA LEU C 341 30.78 10.70 -19.43
C LEU C 341 30.15 11.77 -20.30
N GLN C 342 30.96 12.39 -21.14
CA GLN C 342 30.46 13.52 -21.90
C GLN C 342 29.86 13.14 -23.25
N ASN C 343 29.42 11.89 -23.44
CA ASN C 343 28.69 11.53 -24.63
C ASN C 343 27.40 10.76 -24.33
N LEU C 344 27.17 10.35 -23.09
CA LEU C 344 25.99 9.58 -22.73
C LEU C 344 24.72 10.38 -23.00
N LYS C 345 23.92 9.94 -23.95
CA LYS C 345 22.69 10.65 -24.28
C LYS C 345 21.42 9.97 -23.79
N LYS C 346 21.27 8.67 -23.95
CA LYS C 346 20.05 7.99 -23.56
C LYS C 346 20.25 7.16 -22.31
N ILE C 347 19.13 6.84 -21.65
CA ILE C 347 19.06 5.75 -20.68
C ILE C 347 17.63 5.25 -20.58
N SER C 348 17.48 3.93 -20.57
CA SER C 348 16.24 3.28 -20.21
C SER C 348 16.43 2.65 -18.85
N MET C 349 15.57 2.98 -17.90
CA MET C 349 15.68 2.45 -16.55
C MET C 349 14.30 2.13 -16.00
N ARG C 350 13.47 1.49 -16.80
CA ARG C 350 12.16 1.05 -16.33
C ARG C 350 12.29 0.12 -15.13
N LYS C 351 11.36 0.25 -14.20
CA LYS C 351 11.33 -0.51 -12.95
C LYS C 351 12.57 -0.28 -12.09
N CYS C 352 13.40 0.69 -12.43
CA CYS C 352 14.55 1.08 -11.61
C CYS C 352 14.21 2.24 -10.71
N SER C 353 12.98 2.29 -10.21
CA SER C 353 12.59 3.32 -9.27
C SER C 353 13.29 3.17 -7.92
N GLY C 354 13.96 2.05 -7.67
CA GLY C 354 14.72 1.84 -6.46
C GLY C 354 16.20 2.18 -6.54
N CYS C 355 16.62 2.97 -7.53
CA CYS C 355 18.03 3.21 -7.79
C CYS C 355 18.35 4.68 -7.55
N GLU C 356 19.34 4.95 -6.70
CA GLU C 356 19.63 6.29 -6.24
C GLU C 356 20.59 7.00 -7.18
N LEU C 357 20.11 8.07 -7.82
CA LEU C 357 20.91 8.84 -8.75
C LEU C 357 21.97 9.65 -8.00
N PRO C 358 23.24 9.53 -8.35
CA PRO C 358 24.26 10.36 -7.73
C PRO C 358 24.21 11.77 -8.28
N GLU C 359 24.95 12.67 -7.61
CA GLU C 359 24.85 14.09 -7.93
C GLU C 359 25.30 14.40 -9.35
N SER C 360 26.49 13.94 -9.75
CA SER C 360 27.09 14.42 -11.00
C SER C 360 26.24 14.13 -12.22
N VAL C 361 25.08 13.48 -12.08
CA VAL C 361 24.20 13.29 -13.22
C VAL C 361 23.68 14.64 -13.72
N THR C 362 23.79 15.69 -12.89
CA THR C 362 23.44 17.02 -13.35
C THR C 362 24.46 17.58 -14.35
N ASN C 363 25.66 17.01 -14.40
CA ASN C 363 26.70 17.44 -15.33
C ASN C 363 26.48 16.94 -16.76
N LEU C 364 25.30 16.44 -17.09
CA LEU C 364 25.00 15.92 -18.41
C LEU C 364 24.05 16.88 -19.13
N GLU C 365 24.05 16.83 -20.46
CA GLU C 365 23.20 17.69 -21.27
C GLU C 365 22.47 16.87 -22.32
N ASN C 366 21.27 17.34 -22.67
CA ASN C 366 20.50 16.79 -23.80
C ASN C 366 20.27 15.29 -23.66
N LEU C 367 19.96 14.83 -22.45
CA LEU C 367 19.73 13.41 -22.24
C LEU C 367 18.24 13.11 -22.26
N GLU C 368 17.90 11.93 -22.75
CA GLU C 368 16.52 11.44 -22.76
C GLU C 368 16.44 10.20 -21.88
N VAL C 369 15.68 10.30 -20.81
CA VAL C 369 15.46 9.19 -19.88
C VAL C 369 14.13 8.56 -20.21
N LYS C 370 14.11 7.23 -20.36
CA LYS C 370 12.88 6.47 -20.45
C LYS C 370 12.72 5.69 -19.16
N CYS C 371 11.53 5.75 -18.58
CA CYS C 371 11.31 5.20 -17.25
C CYS C 371 9.82 5.13 -17.00
N ASP C 372 9.44 4.44 -15.92
CA ASP C 372 8.08 4.47 -15.42
C ASP C 372 7.91 5.68 -14.50
N GLU C 373 6.68 5.90 -14.03
CA GLU C 373 6.39 7.11 -13.27
C GLU C 373 7.04 7.08 -11.90
N GLU C 374 7.07 5.91 -11.26
CA GLU C 374 7.73 5.83 -9.96
C GLU C 374 9.20 6.14 -10.08
N THR C 375 9.79 5.96 -11.26
CA THR C 375 11.17 6.34 -11.47
C THR C 375 11.31 7.86 -11.63
N GLY C 376 10.29 8.48 -12.23
CA GLY C 376 10.32 9.92 -12.46
C GLY C 376 10.42 10.74 -11.20
N LEU C 377 9.91 10.23 -10.08
CA LEU C 377 10.06 10.92 -8.81
C LEU C 377 11.53 11.18 -8.48
N LEU C 378 12.41 10.30 -8.94
CA LEU C 378 13.84 10.56 -8.83
C LEU C 378 14.31 11.55 -9.87
N TRP C 379 13.64 11.59 -11.02
CA TRP C 379 14.05 12.41 -12.14
C TRP C 379 13.32 13.73 -12.24
N GLU C 380 12.40 14.02 -11.33
CA GLU C 380 11.65 15.26 -11.41
C GLU C 380 12.25 16.36 -10.56
N ARG C 381 12.89 15.99 -9.44
CA ARG C 381 13.55 16.95 -8.57
C ARG C 381 14.68 17.66 -9.27
N LEU C 382 15.48 16.94 -10.05
CA LEU C 382 16.69 17.46 -10.64
C LEU C 382 16.45 18.14 -11.98
N LYS C 383 15.20 18.25 -12.43
CA LYS C 383 14.93 18.88 -13.72
C LYS C 383 15.50 20.28 -13.86
N PRO C 384 15.28 21.23 -12.95
CA PRO C 384 15.74 22.60 -13.20
C PRO C 384 17.26 22.76 -13.21
N LYS C 385 18.00 21.68 -13.02
CA LYS C 385 19.45 21.70 -13.09
C LYS C 385 19.99 21.18 -14.42
N MET C 386 19.15 20.98 -15.42
CA MET C 386 19.51 20.27 -16.63
C MET C 386 18.87 20.99 -17.81
N ARG C 387 19.69 21.63 -18.65
CA ARG C 387 19.11 22.61 -19.56
C ARG C 387 18.29 22.01 -20.70
N ASN C 388 18.48 20.74 -21.03
CA ASN C 388 17.77 20.16 -22.15
C ASN C 388 17.31 18.75 -21.82
N LEU C 389 16.70 18.55 -20.66
CA LEU C 389 16.25 17.23 -20.25
C LEU C 389 14.93 16.87 -20.92
N ARG C 390 14.81 15.60 -21.30
CA ARG C 390 13.53 14.99 -21.65
C ARG C 390 13.37 13.76 -20.77
N VAL C 391 12.17 13.56 -20.23
CA VAL C 391 11.85 12.35 -19.47
C VAL C 391 10.57 11.79 -20.05
N GLN C 392 10.69 10.86 -20.98
CA GLN C 392 9.56 10.25 -21.69
C GLN C 392 9.09 9.02 -20.93
N GLU C 393 7.79 8.94 -20.67
CA GLU C 393 7.22 7.85 -19.88
C GLU C 393 6.21 7.08 -20.73
N GLU C 394 6.43 5.78 -20.85
CA GLU C 394 5.44 4.85 -21.36
C GLU C 394 4.86 4.04 -20.21
N GLU C 395 3.99 3.11 -20.53
CA GLU C 395 3.37 2.26 -19.53
C GLU C 395 3.55 0.80 -19.91
N ILE C 396 3.62 -0.06 -18.89
CA ILE C 396 3.76 -1.49 -19.08
C ILE C 396 2.39 -2.04 -19.43
N GLU C 397 2.19 -2.43 -20.69
CA GLU C 397 1.01 -3.21 -21.01
C GLU C 397 1.26 -4.68 -20.71
N HIS C 398 0.19 -5.38 -20.33
CA HIS C 398 0.28 -6.74 -19.82
C HIS C 398 -0.26 -7.72 -20.85
N ASN C 399 0.47 -8.80 -21.06
CA ASN C 399 0.04 -9.84 -21.99
C ASN C 399 0.74 -11.14 -21.63
N LEU C 400 0.25 -12.22 -22.23
CA LEU C 400 0.73 -13.57 -21.95
C LEU C 400 1.63 -14.09 -23.07
N ASN C 401 2.41 -13.21 -23.68
CA ASN C 401 3.19 -13.59 -24.85
C ASN C 401 4.32 -14.55 -24.51
N LEU C 402 4.86 -14.48 -23.31
CA LEU C 402 5.94 -15.34 -22.87
C LEU C 402 5.48 -16.73 -22.48
N LEU C 403 4.17 -16.95 -22.40
CA LEU C 403 3.61 -18.28 -22.19
C LEU C 403 3.74 -19.14 -23.45
N GLN C 404 4.29 -18.59 -24.53
CA GLN C 404 4.68 -19.39 -25.69
C GLN C 404 5.98 -20.13 -25.43
N MET C 405 6.82 -19.59 -24.56
CA MET C 405 8.11 -20.20 -24.22
C MET C 405 7.99 -21.03 -22.95
N PHE C 406 7.00 -21.90 -22.93
CA PHE C 406 6.78 -22.82 -21.84
C PHE C 406 6.86 -24.22 -22.41
#